data_1QHL
# 
_entry.id   1QHL 
# 
_audit_conform.dict_name       mmcif_pdbx.dic 
_audit_conform.dict_version    5.383 
_audit_conform.dict_location   http://mmcif.pdb.org/dictionaries/ascii/mmcif_pdbx.dic 
# 
loop_
_database_2.database_id 
_database_2.database_code 
_database_2.pdbx_database_accession 
_database_2.pdbx_DOI 
PDB   1QHL         pdb_00001qhl 10.2210/pdb1qhl/pdb 
RCSB  RCSB001078   ?            ?                   
WWPDB D_1000001078 ?            ?                   
# 
loop_
_pdbx_audit_revision_history.ordinal 
_pdbx_audit_revision_history.data_content_type 
_pdbx_audit_revision_history.major_revision 
_pdbx_audit_revision_history.minor_revision 
_pdbx_audit_revision_history.revision_date 
1 'Structure model' 1 0 1999-11-10 
2 'Structure model' 1 1 2008-04-26 
3 'Structure model' 1 2 2011-07-13 
4 'Structure model' 1 3 2023-12-27 
# 
_pdbx_audit_revision_details.ordinal             1 
_pdbx_audit_revision_details.revision_ordinal    1 
_pdbx_audit_revision_details.data_content_type   'Structure model' 
_pdbx_audit_revision_details.provider            repository 
_pdbx_audit_revision_details.type                'Initial release' 
_pdbx_audit_revision_details.description         ? 
_pdbx_audit_revision_details.details             ? 
# 
loop_
_pdbx_audit_revision_group.ordinal 
_pdbx_audit_revision_group.revision_ordinal 
_pdbx_audit_revision_group.data_content_type 
_pdbx_audit_revision_group.group 
1 2 'Structure model' 'Version format compliance' 
2 3 'Structure model' 'Version format compliance' 
3 4 'Structure model' 'Data collection'           
4 4 'Structure model' 'Database references'       
# 
loop_
_pdbx_audit_revision_category.ordinal 
_pdbx_audit_revision_category.revision_ordinal 
_pdbx_audit_revision_category.data_content_type 
_pdbx_audit_revision_category.category 
1 4 'Structure model' chem_comp_atom 
2 4 'Structure model' chem_comp_bond 
3 4 'Structure model' database_2     
# 
loop_
_pdbx_audit_revision_item.ordinal 
_pdbx_audit_revision_item.revision_ordinal 
_pdbx_audit_revision_item.data_content_type 
_pdbx_audit_revision_item.item 
1 4 'Structure model' '_database_2.pdbx_DOI'                
2 4 'Structure model' '_database_2.pdbx_database_accession' 
# 
_pdbx_database_status.status_code                     REL 
_pdbx_database_status.entry_id                        1QHL 
_pdbx_database_status.recvd_initial_deposition_date   1999-05-17 
_pdbx_database_status.deposit_site                    PDBE 
_pdbx_database_status.process_site                    RCSB 
_pdbx_database_status.status_code_sf                  REL 
_pdbx_database_status.SG_entry                        . 
_pdbx_database_status.pdb_format_compatible           Y 
_pdbx_database_status.status_code_mr                  ? 
_pdbx_database_status.status_code_cs                  ? 
_pdbx_database_status.status_code_nmr_data            ? 
_pdbx_database_status.methods_development_category    ? 
# 
loop_
_audit_author.name 
_audit_author.pdbx_ordinal 
'van den Ent, F.' 1 
'Lowe, J.'        2 
# 
_citation.id                        primary 
_citation.title                     
'Crystal structure of the N-terminal domain of MukB: a protein involved in chromosome partitioning.' 
_citation.journal_abbrev            'Structure Fold.Des.' 
_citation.journal_volume            7 
_citation.page_first                1181 
_citation.page_last                 1187 
_citation.year                      1999 
_citation.journal_id_ASTM           FODEFH 
_citation.country                   UK 
_citation.journal_id_ISSN           0969-2126 
_citation.journal_id_CSD            1263 
_citation.book_publisher            ? 
_citation.pdbx_database_id_PubMed   10545328 
_citation.pdbx_database_id_DOI      '10.1016/S0969-2126(00)80052-0' 
# 
loop_
_citation_author.citation_id 
_citation_author.name 
_citation_author.ordinal 
_citation_author.identifier_ORCID 
primary 'van den Ent, F.'    1 ? 
primary 'Lockhart, A.'       2 ? 
primary 'Kendrick-Jones, J.' 3 ? 
primary 'Lowe, J.'           4 ? 
# 
loop_
_entity.id 
_entity.type 
_entity.src_method 
_entity.pdbx_description 
_entity.formula_weight 
_entity.pdbx_number_of_molecules 
_entity.pdbx_ec 
_entity.pdbx_mutation 
_entity.pdbx_fragment 
_entity.details 
1 polymer man 'PROTEIN (CELL DIVISION PROTEIN MUKB)' 25246.979 1  ? ? 'N-TERMINAL DOMAIN' 
'THIS PROTEIN IS LINKED TO A SYNTHETIC C-TERMINAL HIS TAG (GSHHHHHH). THE TAG WAS NOT SEEN IN THE ELECTRON DENSITY.' 
2 water   nat water                                  18.015    75 ? ? ?                   ? 
# 
_entity_poly.entity_id                      1 
_entity_poly.type                           'polypeptide(L)' 
_entity_poly.nstd_linkage                   no 
_entity_poly.nstd_monomer                   no 
_entity_poly.pdbx_seq_one_letter_code       
;MIERGKFRSLTLINWNGFFARTFDLDELVTTLSGGNGAGKSTTMAAFVTALIPDLTLLHFRNTTEAGATSGSRDKGLHGK
LKAGVCYSMLDTINSRHQRVVVGVRLQQVAGRDRKVDIKPFAIQGLPMSVQPTQLVTETLNERQARVLPLNELKDKLEAM
EGVQFKQFNSITDYHSLMFDLGIIARRLRSASDRSKFYRLIEASLYGGISSAITRSLRDYLLPENSG
;
_entity_poly.pdbx_seq_one_letter_code_can   
;MIERGKFRSLTLINWNGFFARTFDLDELVTTLSGGNGAGKSTTMAAFVTALIPDLTLLHFRNTTEAGATSGSRDKGLHGK
LKAGVCYSMLDTINSRHQRVVVGVRLQQVAGRDRKVDIKPFAIQGLPMSVQPTQLVTETLNERQARVLPLNELKDKLEAM
EGVQFKQFNSITDYHSLMFDLGIIARRLRSASDRSKFYRLIEASLYGGISSAITRSLRDYLLPENSG
;
_entity_poly.pdbx_strand_id                 A 
_entity_poly.pdbx_target_identifier         ? 
# 
_pdbx_entity_nonpoly.entity_id   2 
_pdbx_entity_nonpoly.name        water 
_pdbx_entity_nonpoly.comp_id     HOH 
# 
loop_
_entity_poly_seq.entity_id 
_entity_poly_seq.num 
_entity_poly_seq.mon_id 
_entity_poly_seq.hetero 
1 1   MET n 
1 2   ILE n 
1 3   GLU n 
1 4   ARG n 
1 5   GLY n 
1 6   LYS n 
1 7   PHE n 
1 8   ARG n 
1 9   SER n 
1 10  LEU n 
1 11  THR n 
1 12  LEU n 
1 13  ILE n 
1 14  ASN n 
1 15  TRP n 
1 16  ASN n 
1 17  GLY n 
1 18  PHE n 
1 19  PHE n 
1 20  ALA n 
1 21  ARG n 
1 22  THR n 
1 23  PHE n 
1 24  ASP n 
1 25  LEU n 
1 26  ASP n 
1 27  GLU n 
1 28  LEU n 
1 29  VAL n 
1 30  THR n 
1 31  THR n 
1 32  LEU n 
1 33  SER n 
1 34  GLY n 
1 35  GLY n 
1 36  ASN n 
1 37  GLY n 
1 38  ALA n 
1 39  GLY n 
1 40  LYS n 
1 41  SER n 
1 42  THR n 
1 43  THR n 
1 44  MET n 
1 45  ALA n 
1 46  ALA n 
1 47  PHE n 
1 48  VAL n 
1 49  THR n 
1 50  ALA n 
1 51  LEU n 
1 52  ILE n 
1 53  PRO n 
1 54  ASP n 
1 55  LEU n 
1 56  THR n 
1 57  LEU n 
1 58  LEU n 
1 59  HIS n 
1 60  PHE n 
1 61  ARG n 
1 62  ASN n 
1 63  THR n 
1 64  THR n 
1 65  GLU n 
1 66  ALA n 
1 67  GLY n 
1 68  ALA n 
1 69  THR n 
1 70  SER n 
1 71  GLY n 
1 72  SER n 
1 73  ARG n 
1 74  ASP n 
1 75  LYS n 
1 76  GLY n 
1 77  LEU n 
1 78  HIS n 
1 79  GLY n 
1 80  LYS n 
1 81  LEU n 
1 82  LYS n 
1 83  ALA n 
1 84  GLY n 
1 85  VAL n 
1 86  CYS n 
1 87  TYR n 
1 88  SER n 
1 89  MET n 
1 90  LEU n 
1 91  ASP n 
1 92  THR n 
1 93  ILE n 
1 94  ASN n 
1 95  SER n 
1 96  ARG n 
1 97  HIS n 
1 98  GLN n 
1 99  ARG n 
1 100 VAL n 
1 101 VAL n 
1 102 VAL n 
1 103 GLY n 
1 104 VAL n 
1 105 ARG n 
1 106 LEU n 
1 107 GLN n 
1 108 GLN n 
1 109 VAL n 
1 110 ALA n 
1 111 GLY n 
1 112 ARG n 
1 113 ASP n 
1 114 ARG n 
1 115 LYS n 
1 116 VAL n 
1 117 ASP n 
1 118 ILE n 
1 119 LYS n 
1 120 PRO n 
1 121 PHE n 
1 122 ALA n 
1 123 ILE n 
1 124 GLN n 
1 125 GLY n 
1 126 LEU n 
1 127 PRO n 
1 128 MET n 
1 129 SER n 
1 130 VAL n 
1 131 GLN n 
1 132 PRO n 
1 133 THR n 
1 134 GLN n 
1 135 LEU n 
1 136 VAL n 
1 137 THR n 
1 138 GLU n 
1 139 THR n 
1 140 LEU n 
1 141 ASN n 
1 142 GLU n 
1 143 ARG n 
1 144 GLN n 
1 145 ALA n 
1 146 ARG n 
1 147 VAL n 
1 148 LEU n 
1 149 PRO n 
1 150 LEU n 
1 151 ASN n 
1 152 GLU n 
1 153 LEU n 
1 154 LYS n 
1 155 ASP n 
1 156 LYS n 
1 157 LEU n 
1 158 GLU n 
1 159 ALA n 
1 160 MET n 
1 161 GLU n 
1 162 GLY n 
1 163 VAL n 
1 164 GLN n 
1 165 PHE n 
1 166 LYS n 
1 167 GLN n 
1 168 PHE n 
1 169 ASN n 
1 170 SER n 
1 171 ILE n 
1 172 THR n 
1 173 ASP n 
1 174 TYR n 
1 175 HIS n 
1 176 SER n 
1 177 LEU n 
1 178 MET n 
1 179 PHE n 
1 180 ASP n 
1 181 LEU n 
1 182 GLY n 
1 183 ILE n 
1 184 ILE n 
1 185 ALA n 
1 186 ARG n 
1 187 ARG n 
1 188 LEU n 
1 189 ARG n 
1 190 SER n 
1 191 ALA n 
1 192 SER n 
1 193 ASP n 
1 194 ARG n 
1 195 SER n 
1 196 LYS n 
1 197 PHE n 
1 198 TYR n 
1 199 ARG n 
1 200 LEU n 
1 201 ILE n 
1 202 GLU n 
1 203 ALA n 
1 204 SER n 
1 205 LEU n 
1 206 TYR n 
1 207 GLY n 
1 208 GLY n 
1 209 ILE n 
1 210 SER n 
1 211 SER n 
1 212 ALA n 
1 213 ILE n 
1 214 THR n 
1 215 ARG n 
1 216 SER n 
1 217 LEU n 
1 218 ARG n 
1 219 ASP n 
1 220 TYR n 
1 221 LEU n 
1 222 LEU n 
1 223 PRO n 
1 224 GLU n 
1 225 ASN n 
1 226 SER n 
1 227 GLY n 
# 
_entity_src_gen.entity_id                          1 
_entity_src_gen.pdbx_src_id                        1 
_entity_src_gen.pdbx_alt_source_flag               sample 
_entity_src_gen.pdbx_seq_type                      ? 
_entity_src_gen.pdbx_beg_seq_num                   ? 
_entity_src_gen.pdbx_end_seq_num                   ? 
_entity_src_gen.gene_src_common_name               ? 
_entity_src_gen.gene_src_genus                     Escherichia 
_entity_src_gen.pdbx_gene_src_gene                 ? 
_entity_src_gen.gene_src_species                   ? 
_entity_src_gen.gene_src_strain                    ? 
_entity_src_gen.gene_src_tissue                    ? 
_entity_src_gen.gene_src_tissue_fraction           ? 
_entity_src_gen.gene_src_details                   ? 
_entity_src_gen.pdbx_gene_src_fragment             ? 
_entity_src_gen.pdbx_gene_src_scientific_name      'Escherichia coli' 
_entity_src_gen.pdbx_gene_src_ncbi_taxonomy_id     562 
_entity_src_gen.pdbx_gene_src_variant              ? 
_entity_src_gen.pdbx_gene_src_cell_line            ? 
_entity_src_gen.pdbx_gene_src_atcc                 ? 
_entity_src_gen.pdbx_gene_src_organ                ? 
_entity_src_gen.pdbx_gene_src_organelle            ? 
_entity_src_gen.pdbx_gene_src_cell                 ? 
_entity_src_gen.pdbx_gene_src_cellular_location    CYTOSOL 
_entity_src_gen.host_org_common_name               ? 
_entity_src_gen.pdbx_host_org_scientific_name      'Escherichia coli' 
_entity_src_gen.pdbx_host_org_ncbi_taxonomy_id     562 
_entity_src_gen.host_org_genus                     Escherichia 
_entity_src_gen.pdbx_host_org_gene                 ? 
_entity_src_gen.pdbx_host_org_organ                ? 
_entity_src_gen.host_org_species                   ? 
_entity_src_gen.pdbx_host_org_tissue               ? 
_entity_src_gen.pdbx_host_org_tissue_fraction      ? 
_entity_src_gen.pdbx_host_org_strain               C41 
_entity_src_gen.pdbx_host_org_variant              ? 
_entity_src_gen.pdbx_host_org_cell_line            ? 
_entity_src_gen.pdbx_host_org_atcc                 ? 
_entity_src_gen.pdbx_host_org_culture_collection   ? 
_entity_src_gen.pdbx_host_org_cell                 ? 
_entity_src_gen.pdbx_host_org_organelle            ? 
_entity_src_gen.pdbx_host_org_cellular_location    ? 
_entity_src_gen.pdbx_host_org_vector_type          PLASMID 
_entity_src_gen.pdbx_host_org_vector               ? 
_entity_src_gen.host_org_details                   ? 
_entity_src_gen.expression_system_id               ? 
_entity_src_gen.plasmid_name                       PHIS17 
_entity_src_gen.plasmid_details                    ? 
_entity_src_gen.pdbx_description                   ? 
# 
loop_
_chem_comp.id 
_chem_comp.type 
_chem_comp.mon_nstd_flag 
_chem_comp.name 
_chem_comp.pdbx_synonyms 
_chem_comp.formula 
_chem_comp.formula_weight 
ALA 'L-peptide linking' y ALANINE         ? 'C3 H7 N O2'     89.093  
ARG 'L-peptide linking' y ARGININE        ? 'C6 H15 N4 O2 1' 175.209 
ASN 'L-peptide linking' y ASPARAGINE      ? 'C4 H8 N2 O3'    132.118 
ASP 'L-peptide linking' y 'ASPARTIC ACID' ? 'C4 H7 N O4'     133.103 
CYS 'L-peptide linking' y CYSTEINE        ? 'C3 H7 N O2 S'   121.158 
GLN 'L-peptide linking' y GLUTAMINE       ? 'C5 H10 N2 O3'   146.144 
GLU 'L-peptide linking' y 'GLUTAMIC ACID' ? 'C5 H9 N O4'     147.129 
GLY 'peptide linking'   y GLYCINE         ? 'C2 H5 N O2'     75.067  
HIS 'L-peptide linking' y HISTIDINE       ? 'C6 H10 N3 O2 1' 156.162 
HOH non-polymer         . WATER           ? 'H2 O'           18.015  
ILE 'L-peptide linking' y ISOLEUCINE      ? 'C6 H13 N O2'    131.173 
LEU 'L-peptide linking' y LEUCINE         ? 'C6 H13 N O2'    131.173 
LYS 'L-peptide linking' y LYSINE          ? 'C6 H15 N2 O2 1' 147.195 
MET 'L-peptide linking' y METHIONINE      ? 'C5 H11 N O2 S'  149.211 
PHE 'L-peptide linking' y PHENYLALANINE   ? 'C9 H11 N O2'    165.189 
PRO 'L-peptide linking' y PROLINE         ? 'C5 H9 N O2'     115.130 
SER 'L-peptide linking' y SERINE          ? 'C3 H7 N O3'     105.093 
THR 'L-peptide linking' y THREONINE       ? 'C4 H9 N O3'     119.119 
TRP 'L-peptide linking' y TRYPTOPHAN      ? 'C11 H12 N2 O2'  204.225 
TYR 'L-peptide linking' y TYROSINE        ? 'C9 H11 N O3'    181.189 
VAL 'L-peptide linking' y VALINE          ? 'C5 H11 N O2'    117.146 
# 
loop_
_pdbx_poly_seq_scheme.asym_id 
_pdbx_poly_seq_scheme.entity_id 
_pdbx_poly_seq_scheme.seq_id 
_pdbx_poly_seq_scheme.mon_id 
_pdbx_poly_seq_scheme.ndb_seq_num 
_pdbx_poly_seq_scheme.pdb_seq_num 
_pdbx_poly_seq_scheme.auth_seq_num 
_pdbx_poly_seq_scheme.pdb_mon_id 
_pdbx_poly_seq_scheme.auth_mon_id 
_pdbx_poly_seq_scheme.pdb_strand_id 
_pdbx_poly_seq_scheme.pdb_ins_code 
_pdbx_poly_seq_scheme.hetero 
A 1 1   MET 1   1   ?   ?   ?   A . n 
A 1 2   ILE 2   2   ?   ?   ?   A . n 
A 1 3   GLU 3   3   ?   ?   ?   A . n 
A 1 4   ARG 4   4   4   ARG ARG A . n 
A 1 5   GLY 5   5   5   GLY GLY A . n 
A 1 6   LYS 6   6   6   LYS LYS A . n 
A 1 7   PHE 7   7   7   PHE PHE A . n 
A 1 8   ARG 8   8   8   ARG ARG A . n 
A 1 9   SER 9   9   9   SER SER A . n 
A 1 10  LEU 10  10  10  LEU LEU A . n 
A 1 11  THR 11  11  11  THR THR A . n 
A 1 12  LEU 12  12  12  LEU LEU A . n 
A 1 13  ILE 13  13  13  ILE ILE A . n 
A 1 14  ASN 14  14  14  ASN ASN A . n 
A 1 15  TRP 15  15  15  TRP TRP A . n 
A 1 16  ASN 16  16  16  ASN ASN A . n 
A 1 17  GLY 17  17  17  GLY GLY A . n 
A 1 18  PHE 18  18  18  PHE PHE A . n 
A 1 19  PHE 19  19  19  PHE PHE A . n 
A 1 20  ALA 20  20  20  ALA ALA A . n 
A 1 21  ARG 21  21  21  ARG ARG A . n 
A 1 22  THR 22  22  22  THR THR A . n 
A 1 23  PHE 23  23  23  PHE PHE A . n 
A 1 24  ASP 24  24  24  ASP ASP A . n 
A 1 25  LEU 25  25  25  LEU LEU A . n 
A 1 26  ASP 26  26  26  ASP ASP A . n 
A 1 27  GLU 27  27  27  GLU GLU A . n 
A 1 28  LEU 28  28  28  LEU LEU A . n 
A 1 29  VAL 29  29  29  VAL VAL A . n 
A 1 30  THR 30  30  30  THR THR A . n 
A 1 31  THR 31  31  31  THR THR A . n 
A 1 32  LEU 32  32  32  LEU LEU A . n 
A 1 33  SER 33  33  33  SER SER A . n 
A 1 34  GLY 34  34  34  GLY GLY A . n 
A 1 35  GLY 35  35  35  GLY GLY A . n 
A 1 36  ASN 36  36  36  ASN ASN A . n 
A 1 37  GLY 37  37  37  GLY GLY A . n 
A 1 38  ALA 38  38  38  ALA ALA A . n 
A 1 39  GLY 39  39  39  GLY GLY A . n 
A 1 40  LYS 40  40  40  LYS LYS A . n 
A 1 41  SER 41  41  41  SER SER A . n 
A 1 42  THR 42  42  42  THR THR A . n 
A 1 43  THR 43  43  43  THR THR A . n 
A 1 44  MET 44  44  44  MET MET A . n 
A 1 45  ALA 45  45  45  ALA ALA A . n 
A 1 46  ALA 46  46  46  ALA ALA A . n 
A 1 47  PHE 47  47  47  PHE PHE A . n 
A 1 48  VAL 48  48  48  VAL VAL A . n 
A 1 49  THR 49  49  49  THR THR A . n 
A 1 50  ALA 50  50  50  ALA ALA A . n 
A 1 51  LEU 51  51  51  LEU LEU A . n 
A 1 52  ILE 52  52  52  ILE ILE A . n 
A 1 53  PRO 53  53  53  PRO PRO A . n 
A 1 54  ASP 54  54  54  ASP ASP A . n 
A 1 55  LEU 55  55  55  LEU LEU A . n 
A 1 56  THR 56  56  56  THR THR A . n 
A 1 57  LEU 57  57  57  LEU LEU A . n 
A 1 58  LEU 58  58  58  LEU LEU A . n 
A 1 59  HIS 59  59  ?   ?   ?   A . n 
A 1 60  PHE 60  60  ?   ?   ?   A . n 
A 1 61  ARG 61  61  ?   ?   ?   A . n 
A 1 62  ASN 62  62  ?   ?   ?   A . n 
A 1 63  THR 63  63  ?   ?   ?   A . n 
A 1 64  THR 64  64  ?   ?   ?   A . n 
A 1 65  GLU 65  65  ?   ?   ?   A . n 
A 1 66  ALA 66  66  ?   ?   ?   A . n 
A 1 67  GLY 67  67  ?   ?   ?   A . n 
A 1 68  ALA 68  68  ?   ?   ?   A . n 
A 1 69  THR 69  69  ?   ?   ?   A . n 
A 1 70  SER 70  70  ?   ?   ?   A . n 
A 1 71  GLY 71  71  ?   ?   ?   A . n 
A 1 72  SER 72  72  ?   ?   ?   A . n 
A 1 73  ARG 73  73  ?   ?   ?   A . n 
A 1 74  ASP 74  74  ?   ?   ?   A . n 
A 1 75  LYS 75  75  ?   ?   ?   A . n 
A 1 76  GLY 76  76  ?   ?   ?   A . n 
A 1 77  LEU 77  77  77  LEU LEU A . n 
A 1 78  HIS 78  78  78  HIS HIS A . n 
A 1 79  GLY 79  79  79  GLY GLY A . n 
A 1 80  LYS 80  80  80  LYS LYS A . n 
A 1 81  LEU 81  81  81  LEU LEU A . n 
A 1 82  LYS 82  82  82  LYS LYS A . n 
A 1 83  ALA 83  83  83  ALA ALA A . n 
A 1 84  GLY 84  84  84  GLY GLY A . n 
A 1 85  VAL 85  85  85  VAL VAL A . n 
A 1 86  CYS 86  86  86  CYS CYS A . n 
A 1 87  TYR 87  87  87  TYR TYR A . n 
A 1 88  SER 88  88  88  SER SER A . n 
A 1 89  MET 89  89  89  MET MET A . n 
A 1 90  LEU 90  90  90  LEU LEU A . n 
A 1 91  ASP 91  91  91  ASP ASP A . n 
A 1 92  THR 92  92  92  THR THR A . n 
A 1 93  ILE 93  93  93  ILE ILE A . n 
A 1 94  ASN 94  94  94  ASN ASN A . n 
A 1 95  SER 95  95  95  SER SER A . n 
A 1 96  ARG 96  96  96  ARG ARG A . n 
A 1 97  HIS 97  97  97  HIS HIS A . n 
A 1 98  GLN 98  98  98  GLN GLN A . n 
A 1 99  ARG 99  99  99  ARG ARG A . n 
A 1 100 VAL 100 100 100 VAL VAL A . n 
A 1 101 VAL 101 101 101 VAL VAL A . n 
A 1 102 VAL 102 102 102 VAL VAL A . n 
A 1 103 GLY 103 103 103 GLY GLY A . n 
A 1 104 VAL 104 104 104 VAL VAL A . n 
A 1 105 ARG 105 105 105 ARG ARG A . n 
A 1 106 LEU 106 106 106 LEU LEU A . n 
A 1 107 GLN 107 107 107 GLN GLN A . n 
A 1 108 GLN 108 108 108 GLN GLN A . n 
A 1 109 VAL 109 109 109 VAL VAL A . n 
A 1 110 ALA 110 110 110 ALA ALA A . n 
A 1 111 GLY 111 111 111 GLY GLY A . n 
A 1 112 ARG 112 112 112 ARG ARG A . n 
A 1 113 ASP 113 113 113 ASP ASP A . n 
A 1 114 ARG 114 114 114 ARG ARG A . n 
A 1 115 LYS 115 115 115 LYS LYS A . n 
A 1 116 VAL 116 116 116 VAL VAL A . n 
A 1 117 ASP 117 117 117 ASP ASP A . n 
A 1 118 ILE 118 118 118 ILE ILE A . n 
A 1 119 LYS 119 119 119 LYS LYS A . n 
A 1 120 PRO 120 120 120 PRO PRO A . n 
A 1 121 PHE 121 121 121 PHE PHE A . n 
A 1 122 ALA 122 122 122 ALA ALA A . n 
A 1 123 ILE 123 123 123 ILE ILE A . n 
A 1 124 GLN 124 124 124 GLN GLN A . n 
A 1 125 GLY 125 125 125 GLY GLY A . n 
A 1 126 LEU 126 126 126 LEU LEU A . n 
A 1 127 PRO 127 127 127 PRO PRO A . n 
A 1 128 MET 128 128 128 MET MET A . n 
A 1 129 SER 129 129 129 SER SER A . n 
A 1 130 VAL 130 130 130 VAL VAL A . n 
A 1 131 GLN 131 131 131 GLN GLN A . n 
A 1 132 PRO 132 132 132 PRO PRO A . n 
A 1 133 THR 133 133 133 THR THR A . n 
A 1 134 GLN 134 134 134 GLN GLN A . n 
A 1 135 LEU 135 135 135 LEU LEU A . n 
A 1 136 VAL 136 136 136 VAL VAL A . n 
A 1 137 THR 137 137 137 THR THR A . n 
A 1 138 GLU 138 138 138 GLU GLU A . n 
A 1 139 THR 139 139 139 THR THR A . n 
A 1 140 LEU 140 140 140 LEU LEU A . n 
A 1 141 ASN 141 141 141 ASN ASN A . n 
A 1 142 GLU 142 142 142 GLU GLU A . n 
A 1 143 ARG 143 143 143 ARG ARG A . n 
A 1 144 GLN 144 144 144 GLN GLN A . n 
A 1 145 ALA 145 145 145 ALA ALA A . n 
A 1 146 ARG 146 146 146 ARG ARG A . n 
A 1 147 VAL 147 147 147 VAL VAL A . n 
A 1 148 LEU 148 148 148 LEU LEU A . n 
A 1 149 PRO 149 149 149 PRO PRO A . n 
A 1 150 LEU 150 150 150 LEU LEU A . n 
A 1 151 ASN 151 151 151 ASN ASN A . n 
A 1 152 GLU 152 152 152 GLU GLU A . n 
A 1 153 LEU 153 153 153 LEU LEU A . n 
A 1 154 LYS 154 154 154 LYS LYS A . n 
A 1 155 ASP 155 155 155 ASP ASP A . n 
A 1 156 LYS 156 156 156 LYS LYS A . n 
A 1 157 LEU 157 157 157 LEU LEU A . n 
A 1 158 GLU 158 158 158 GLU GLU A . n 
A 1 159 ALA 159 159 159 ALA ALA A . n 
A 1 160 MET 160 160 160 MET MET A . n 
A 1 161 GLU 161 161 161 GLU GLU A . n 
A 1 162 GLY 162 162 162 GLY GLY A . n 
A 1 163 VAL 163 163 163 VAL VAL A . n 
A 1 164 GLN 164 164 164 GLN GLN A . n 
A 1 165 PHE 165 165 165 PHE PHE A . n 
A 1 166 LYS 166 166 166 LYS LYS A . n 
A 1 167 GLN 167 167 167 GLN GLN A . n 
A 1 168 PHE 168 168 168 PHE PHE A . n 
A 1 169 ASN 169 169 169 ASN ASN A . n 
A 1 170 SER 170 170 170 SER SER A . n 
A 1 171 ILE 171 171 171 ILE ILE A . n 
A 1 172 THR 172 172 172 THR THR A . n 
A 1 173 ASP 173 173 173 ASP ASP A . n 
A 1 174 TYR 174 174 174 TYR TYR A . n 
A 1 175 HIS 175 175 175 HIS HIS A . n 
A 1 176 SER 176 176 176 SER SER A . n 
A 1 177 LEU 177 177 177 LEU LEU A . n 
A 1 178 MET 178 178 178 MET MET A . n 
A 1 179 PHE 179 179 179 PHE PHE A . n 
A 1 180 ASP 180 180 180 ASP ASP A . n 
A 1 181 LEU 181 181 181 LEU LEU A . n 
A 1 182 GLY 182 182 182 GLY GLY A . n 
A 1 183 ILE 183 183 183 ILE ILE A . n 
A 1 184 ILE 184 184 184 ILE ILE A . n 
A 1 185 ALA 185 185 185 ALA ALA A . n 
A 1 186 ARG 186 186 186 ARG ARG A . n 
A 1 187 ARG 187 187 187 ARG ARG A . n 
A 1 188 LEU 188 188 188 LEU LEU A . n 
A 1 189 ARG 189 189 189 ARG ARG A . n 
A 1 190 SER 190 190 190 SER SER A . n 
A 1 191 ALA 191 191 191 ALA ALA A . n 
A 1 192 SER 192 192 192 SER SER A . n 
A 1 193 ASP 193 193 193 ASP ASP A . n 
A 1 194 ARG 194 194 194 ARG ARG A . n 
A 1 195 SER 195 195 195 SER SER A . n 
A 1 196 LYS 196 196 196 LYS LYS A . n 
A 1 197 PHE 197 197 197 PHE PHE A . n 
A 1 198 TYR 198 198 198 TYR TYR A . n 
A 1 199 ARG 199 199 199 ARG ARG A . n 
A 1 200 LEU 200 200 200 LEU LEU A . n 
A 1 201 ILE 201 201 201 ILE ILE A . n 
A 1 202 GLU 202 202 202 GLU GLU A . n 
A 1 203 ALA 203 203 203 ALA ALA A . n 
A 1 204 SER 204 204 204 SER SER A . n 
A 1 205 LEU 205 205 205 LEU LEU A . n 
A 1 206 TYR 206 206 206 TYR TYR A . n 
A 1 207 GLY 207 207 207 GLY GLY A . n 
A 1 208 GLY 208 208 208 GLY GLY A . n 
A 1 209 ILE 209 209 209 ILE ILE A . n 
A 1 210 SER 210 210 210 SER SER A . n 
A 1 211 SER 211 211 211 SER SER A . n 
A 1 212 ALA 212 212 212 ALA ALA A . n 
A 1 213 ILE 213 213 213 ILE ILE A . n 
A 1 214 THR 214 214 214 THR THR A . n 
A 1 215 ARG 215 215 215 ARG ARG A . n 
A 1 216 SER 216 216 216 SER SER A . n 
A 1 217 LEU 217 217 217 LEU LEU A . n 
A 1 218 ARG 218 218 218 ARG ARG A . n 
A 1 219 ASP 219 219 219 ASP ASP A . n 
A 1 220 TYR 220 220 220 TYR TYR A . n 
A 1 221 LEU 221 221 221 LEU LEU A . n 
A 1 222 LEU 222 222 222 LEU LEU A . n 
A 1 223 PRO 223 223 223 PRO PRO A . n 
A 1 224 GLU 224 224 224 GLU GLU A . n 
A 1 225 ASN 225 225 224 ASN GLU A . n 
A 1 226 SER 226 226 ?   ?   ?   A . n 
A 1 227 GLY 227 227 ?   ?   ?   A . n 
# 
loop_
_pdbx_nonpoly_scheme.asym_id 
_pdbx_nonpoly_scheme.entity_id 
_pdbx_nonpoly_scheme.mon_id 
_pdbx_nonpoly_scheme.ndb_seq_num 
_pdbx_nonpoly_scheme.pdb_seq_num 
_pdbx_nonpoly_scheme.auth_seq_num 
_pdbx_nonpoly_scheme.pdb_mon_id 
_pdbx_nonpoly_scheme.auth_mon_id 
_pdbx_nonpoly_scheme.pdb_strand_id 
_pdbx_nonpoly_scheme.pdb_ins_code 
B 2 HOH 1  500 500 HOH HOH A . 
B 2 HOH 2  501 501 HOH HOH A . 
B 2 HOH 3  502 502 HOH HOH A . 
B 2 HOH 4  503 503 HOH HOH A . 
B 2 HOH 5  504 504 HOH HOH A . 
B 2 HOH 6  505 505 HOH HOH A . 
B 2 HOH 7  506 506 HOH HOH A . 
B 2 HOH 8  507 507 HOH HOH A . 
B 2 HOH 9  508 508 HOH HOH A . 
B 2 HOH 10 509 509 HOH HOH A . 
B 2 HOH 11 510 510 HOH HOH A . 
B 2 HOH 12 511 511 HOH HOH A . 
B 2 HOH 13 512 512 HOH HOH A . 
B 2 HOH 14 513 513 HOH HOH A . 
B 2 HOH 15 514 514 HOH HOH A . 
B 2 HOH 16 515 515 HOH HOH A . 
B 2 HOH 17 516 516 HOH HOH A . 
B 2 HOH 18 517 517 HOH HOH A . 
B 2 HOH 19 518 518 HOH HOH A . 
B 2 HOH 20 519 519 HOH HOH A . 
B 2 HOH 21 520 520 HOH HOH A . 
B 2 HOH 22 521 521 HOH HOH A . 
B 2 HOH 23 522 522 HOH HOH A . 
B 2 HOH 24 523 523 HOH HOH A . 
B 2 HOH 25 524 524 HOH HOH A . 
B 2 HOH 26 525 525 HOH HOH A . 
B 2 HOH 27 526 526 HOH HOH A . 
B 2 HOH 28 527 527 HOH HOH A . 
B 2 HOH 29 528 528 HOH HOH A . 
B 2 HOH 30 529 529 HOH HOH A . 
B 2 HOH 31 530 530 HOH HOH A . 
B 2 HOH 32 531 531 HOH HOH A . 
B 2 HOH 33 532 532 HOH HOH A . 
B 2 HOH 34 533 533 HOH HOH A . 
B 2 HOH 35 534 534 HOH HOH A . 
B 2 HOH 36 535 535 HOH HOH A . 
B 2 HOH 37 536 536 HOH HOH A . 
B 2 HOH 38 537 537 HOH HOH A . 
B 2 HOH 39 538 538 HOH HOH A . 
B 2 HOH 40 539 539 HOH HOH A . 
B 2 HOH 41 540 540 HOH HOH A . 
B 2 HOH 42 541 541 HOH HOH A . 
B 2 HOH 43 542 542 HOH HOH A . 
B 2 HOH 44 543 543 HOH HOH A . 
B 2 HOH 45 544 544 HOH HOH A . 
B 2 HOH 46 545 545 HOH HOH A . 
B 2 HOH 47 546 546 HOH HOH A . 
B 2 HOH 48 547 547 HOH HOH A . 
B 2 HOH 49 548 548 HOH HOH A . 
B 2 HOH 50 549 549 HOH HOH A . 
B 2 HOH 51 550 550 HOH HOH A . 
B 2 HOH 52 551 551 HOH HOH A . 
B 2 HOH 53 552 552 HOH HOH A . 
B 2 HOH 54 553 553 HOH HOH A . 
B 2 HOH 55 554 554 HOH HOH A . 
B 2 HOH 56 555 555 HOH HOH A . 
B 2 HOH 57 556 556 HOH HOH A . 
B 2 HOH 58 557 557 HOH HOH A . 
B 2 HOH 59 558 558 HOH HOH A . 
B 2 HOH 60 559 559 HOH HOH A . 
B 2 HOH 61 560 560 HOH HOH A . 
B 2 HOH 62 561 561 HOH HOH A . 
B 2 HOH 63 562 562 HOH HOH A . 
B 2 HOH 64 563 563 HOH HOH A . 
B 2 HOH 65 564 564 HOH HOH A . 
B 2 HOH 66 565 565 HOH HOH A . 
B 2 HOH 67 566 566 HOH HOH A . 
B 2 HOH 68 567 567 HOH HOH A . 
B 2 HOH 69 568 568 HOH HOH A . 
B 2 HOH 70 569 569 HOH HOH A . 
B 2 HOH 71 570 570 HOH HOH A . 
B 2 HOH 72 571 571 HOH HOH A . 
B 2 HOH 73 572 572 HOH HOH A . 
B 2 HOH 74 573 573 HOH HOH A . 
B 2 HOH 75 574 574 HOH HOH A . 
# 
loop_
_pdbx_unobs_or_zero_occ_atoms.id 
_pdbx_unobs_or_zero_occ_atoms.PDB_model_num 
_pdbx_unobs_or_zero_occ_atoms.polymer_flag 
_pdbx_unobs_or_zero_occ_atoms.occupancy_flag 
_pdbx_unobs_or_zero_occ_atoms.auth_asym_id 
_pdbx_unobs_or_zero_occ_atoms.auth_comp_id 
_pdbx_unobs_or_zero_occ_atoms.auth_seq_id 
_pdbx_unobs_or_zero_occ_atoms.PDB_ins_code 
_pdbx_unobs_or_zero_occ_atoms.auth_atom_id 
_pdbx_unobs_or_zero_occ_atoms.label_alt_id 
_pdbx_unobs_or_zero_occ_atoms.label_asym_id 
_pdbx_unobs_or_zero_occ_atoms.label_comp_id 
_pdbx_unobs_or_zero_occ_atoms.label_seq_id 
_pdbx_unobs_or_zero_occ_atoms.label_atom_id 
1 1 Y 1 A ASN 225 ? CA  ? A ASN 225 CA  
2 1 Y 1 A ASN 225 ? C   ? A ASN 225 C   
3 1 Y 1 A ASN 225 ? O   ? A ASN 225 O   
4 1 Y 1 A ASN 225 ? CB  ? A ASN 225 CB  
5 1 Y 1 A ASN 225 ? CG  ? A ASN 225 CG  
6 1 Y 1 A ASN 225 ? OD1 ? A ASN 225 OD1 
7 1 Y 1 A ASN 225 ? ND2 ? A ASN 225 ND2 
# 
loop_
_software.name 
_software.classification 
_software.version 
_software.citation_id 
_software.pdbx_ordinal 
CCP4   'model building' .         ? 1 
X-PLOR refinement       3.8       ? 2 
MOSFLM 'data reduction' 'V. 6.0'  ? 3 
CCP4   'data scaling'   '(SCALA)' ? 4 
CCP4   phasing          .         ? 5 
# 
_cell.entry_id           1QHL 
_cell.length_a           111.400 
_cell.length_b           111.400 
_cell.length_c           65.000 
_cell.angle_alpha        90.00 
_cell.angle_beta         90.00 
_cell.angle_gamma        120.00 
_cell.Z_PDB              12 
_cell.pdbx_unique_axis   ? 
# 
_symmetry.entry_id                         1QHL 
_symmetry.space_group_name_H-M             'P 6 2 2' 
_symmetry.pdbx_full_space_group_name_H-M   ? 
_symmetry.cell_setting                     ? 
_symmetry.Int_Tables_number                177 
# 
_exptl.entry_id          1QHL 
_exptl.method            'X-RAY DIFFRACTION' 
_exptl.crystals_number   1 
# 
_exptl_crystal.id                    1 
_exptl_crystal.density_meas          ? 
_exptl_crystal.density_Matthews      2.22 
_exptl_crystal.density_percent_sol   45 
_exptl_crystal.description           ? 
# 
_exptl_crystal_grow.crystal_id      1 
_exptl_crystal_grow.method          ? 
_exptl_crystal_grow.temp            ? 
_exptl_crystal_grow.temp_details    ? 
_exptl_crystal_grow.pH              4.9 
_exptl_crystal_grow.pdbx_details    '0.1M NA-CITRATE PH 4.9, 18-22% PEG 600, 50MG/ML, DROPS 1+1' 
_exptl_crystal_grow.pdbx_pH_range   . 
# 
_diffrn.id                     1 
_diffrn.ambient_temp           100 
_diffrn.ambient_temp_details   ? 
_diffrn.crystal_id             1 
# 
_diffrn_detector.diffrn_id              1 
_diffrn_detector.detector               CCD 
_diffrn_detector.type                   MARRESEARCH 
_diffrn_detector.pdbx_collection_date   1999-04-01 
_diffrn_detector.details                ? 
# 
_diffrn_radiation.diffrn_id                        1 
_diffrn_radiation.wavelength_id                    1 
_diffrn_radiation.pdbx_monochromatic_or_laue_m_l   M 
_diffrn_radiation.monochromator                    ? 
_diffrn_radiation.pdbx_diffrn_protocol             MAD 
_diffrn_radiation.pdbx_scattering_type             x-ray 
# 
loop_
_diffrn_radiation_wavelength.id 
_diffrn_radiation_wavelength.wavelength 
_diffrn_radiation_wavelength.wt 
1 0.91   1.0 
2 0.9790 1.0 
3 0.9797 1.0 
4 1.2    1.0 
# 
_diffrn_source.diffrn_id                   1 
_diffrn_source.source                      SYNCHROTRON 
_diffrn_source.type                        'MPG/DESY, HAMBURG BEAMLINE BW6' 
_diffrn_source.pdbx_synchrotron_site       'MPG/DESY, HAMBURG' 
_diffrn_source.pdbx_synchrotron_beamline   BW6 
_diffrn_source.pdbx_wavelength             ? 
_diffrn_source.pdbx_wavelength_list        '0.91, 0.9790, 0.9797, 1.2' 
# 
_reflns.entry_id                     1QHL 
_reflns.observed_criterion_sigma_I   ? 
_reflns.observed_criterion_sigma_F   ? 
_reflns.d_resolution_low             40 
_reflns.d_resolution_high            2.2 
_reflns.number_obs                   382097 
_reflns.number_all                   ? 
_reflns.percent_possible_obs         99.6 
_reflns.pdbx_Rmerge_I_obs            0.0910000 
_reflns.pdbx_Rsym_value              ? 
_reflns.pdbx_netI_over_sigmaI        5.0 
_reflns.B_iso_Wilson_estimate        30.9 
_reflns.pdbx_redundancy              13.1 
_reflns.R_free_details               ? 
_reflns.pdbx_diffrn_id               1 
_reflns.pdbx_ordinal                 1 
# 
_reflns_shell.d_res_high             2.2 
_reflns_shell.d_res_low              2.34 
_reflns_shell.percent_possible_all   97.3 
_reflns_shell.Rmerge_I_obs           0.2630000 
_reflns_shell.pdbx_Rsym_value        ? 
_reflns_shell.meanI_over_sigI_obs    2.9 
_reflns_shell.pdbx_redundancy        11.3 
_reflns_shell.percent_possible_obs   ? 
_reflns_shell.number_unique_all      ? 
_reflns_shell.pdbx_diffrn_id         ? 
_reflns_shell.pdbx_ordinal           1 
# 
_refine.entry_id                                 1QHL 
_refine.ls_number_reflns_obs                     12023 
_refine.ls_number_reflns_all                     ? 
_refine.pdbx_ls_sigma_I                          ? 
_refine.pdbx_ls_sigma_F                          0.0 
_refine.pdbx_data_cutoff_high_absF               ? 
_refine.pdbx_data_cutoff_low_absF                ? 
_refine.pdbx_data_cutoff_high_rms_absF           ? 
_refine.ls_d_res_low                             10.0 
_refine.ls_d_res_high                            2.2 
_refine.ls_percent_reflns_obs                    99.6 
_refine.ls_R_factor_obs                          ? 
_refine.ls_R_factor_all                          ? 
_refine.ls_R_factor_R_work                       0.2170000 
_refine.ls_R_factor_R_free                       0.2920000 
_refine.ls_R_factor_R_free_error                 ? 
_refine.ls_R_factor_R_free_error_details         ? 
_refine.ls_percent_reflns_R_free                 5 
_refine.ls_number_reflns_R_free                  563 
_refine.ls_number_parameters                     ? 
_refine.ls_number_restraints                     ? 
_refine.occupancy_min                            ? 
_refine.occupancy_max                            ? 
_refine.B_iso_mean                               30.4 
_refine.aniso_B[1][1]                            ? 
_refine.aniso_B[2][2]                            ? 
_refine.aniso_B[3][3]                            ? 
_refine.aniso_B[1][2]                            ? 
_refine.aniso_B[1][3]                            ? 
_refine.aniso_B[2][3]                            ? 
_refine.solvent_model_details                    ? 
_refine.solvent_model_param_ksol                 ? 
_refine.solvent_model_param_bsol                 ? 
_refine.pdbx_ls_cross_valid_method               THROUGHOUT 
_refine.details                                  ? 
_refine.pdbx_starting_model                      ? 
_refine.pdbx_method_to_determine_struct          MAD 
_refine.pdbx_isotropic_thermal_model             RESTRAINED 
_refine.pdbx_stereochemistry_target_values       ? 
_refine.pdbx_stereochem_target_val_spec_case     ? 
_refine.pdbx_R_Free_selection_details            RANDOM 
_refine.pdbx_overall_ESU_R                       ? 
_refine.pdbx_overall_ESU_R_Free                  ? 
_refine.overall_SU_ML                            ? 
_refine.overall_SU_B                             ? 
_refine.ls_redundancy_reflns_obs                 ? 
_refine.pdbx_refine_id                           'X-RAY DIFFRACTION' 
_refine.pdbx_diffrn_id                           1 
_refine.pdbx_TLS_residual_ADP_flag               ? 
_refine.correlation_coeff_Fo_to_Fc               ? 
_refine.correlation_coeff_Fo_to_Fc_free          ? 
_refine.pdbx_solvent_vdw_probe_radii             ? 
_refine.pdbx_solvent_ion_probe_radii             ? 
_refine.pdbx_solvent_shrinkage_radii             ? 
_refine.pdbx_overall_phase_error                 ? 
_refine.overall_SU_R_Cruickshank_DPI             ? 
_refine.pdbx_overall_SU_R_free_Cruickshank_DPI   ? 
_refine.pdbx_overall_SU_R_Blow_DPI               ? 
_refine.pdbx_overall_SU_R_free_Blow_DPI          ? 
# 
_refine_hist.pdbx_refine_id                   'X-RAY DIFFRACTION' 
_refine_hist.cycle_id                         LAST 
_refine_hist.pdbx_number_atoms_protein        1598 
_refine_hist.pdbx_number_atoms_nucleic_acid   0 
_refine_hist.pdbx_number_atoms_ligand         0 
_refine_hist.number_atoms_solvent             75 
_refine_hist.number_atoms_total               1673 
_refine_hist.d_res_high                       2.2 
_refine_hist.d_res_low                        10.0 
# 
loop_
_refine_ls_restr.type 
_refine_ls_restr.dev_ideal 
_refine_ls_restr.dev_ideal_target 
_refine_ls_restr.weight 
_refine_ls_restr.number 
_refine_ls_restr.pdbx_refine_id 
_refine_ls_restr.pdbx_restraint_function 
x_bond_d                0.007 ?   ? ? 'X-RAY DIFFRACTION' ? 
x_bond_d_na             ?     ?   ? ? 'X-RAY DIFFRACTION' ? 
x_bond_d_prot           ?     ?   ? ? 'X-RAY DIFFRACTION' ? 
x_angle_d               ?     ?   ? ? 'X-RAY DIFFRACTION' ? 
x_angle_d_na            ?     ?   ? ? 'X-RAY DIFFRACTION' ? 
x_angle_d_prot          ?     ?   ? ? 'X-RAY DIFFRACTION' ? 
x_angle_deg             1.49  ?   ? ? 'X-RAY DIFFRACTION' ? 
x_angle_deg_na          ?     ?   ? ? 'X-RAY DIFFRACTION' ? 
x_angle_deg_prot        ?     ?   ? ? 'X-RAY DIFFRACTION' ? 
x_dihedral_angle_d      28.6  ?   ? ? 'X-RAY DIFFRACTION' ? 
x_dihedral_angle_d_na   ?     ?   ? ? 'X-RAY DIFFRACTION' ? 
x_dihedral_angle_d_prot ?     ?   ? ? 'X-RAY DIFFRACTION' ? 
x_improper_angle_d      0.61  ?   ? ? 'X-RAY DIFFRACTION' ? 
x_improper_angle_d_na   ?     ?   ? ? 'X-RAY DIFFRACTION' ? 
x_improper_angle_d_prot ?     ?   ? ? 'X-RAY DIFFRACTION' ? 
x_mcbond_it             2.6   2.5 ? ? 'X-RAY DIFFRACTION' ? 
x_mcangle_it            0.0   3.0 ? ? 'X-RAY DIFFRACTION' ? 
x_scbond_it             0.0   3.0 ? ? 'X-RAY DIFFRACTION' ? 
x_scangle_it            0.0   3.5 ? ? 'X-RAY DIFFRACTION' ? 
# 
_struct.entry_id                  1QHL 
_struct.title                     'CRYSTAL STRUCTURE OF THE N-TERMINAL DOMAIN OF MUKB AT 2.2A RESOLUTION' 
_struct.pdbx_model_details        ? 
_struct.pdbx_CASP_flag            ? 
_struct.pdbx_model_type_details   ? 
# 
_struct_keywords.entry_id        1QHL 
_struct_keywords.pdbx_keywords   'CELL DIVISION PROTEIN' 
_struct_keywords.text            'MUKB, SMC, CHROMOSOME PARTITIONING, CELL DIVISION PROTEIN' 
# 
loop_
_struct_asym.id 
_struct_asym.pdbx_blank_PDB_chainid_flag 
_struct_asym.pdbx_modified 
_struct_asym.entity_id 
_struct_asym.details 
A N N 1 ? 
B N N 2 ? 
# 
_struct_ref.id                         1 
_struct_ref.db_name                    UNP 
_struct_ref.db_code                    MUKB_ECOLI 
_struct_ref.entity_id                  1 
_struct_ref.pdbx_db_accession          P22523 
_struct_ref.pdbx_db_isoform            ? 
_struct_ref.pdbx_seq_one_letter_code   ? 
_struct_ref.pdbx_align_begin           ? 
# 
_struct_ref_seq.align_id                      1 
_struct_ref_seq.ref_id                        1 
_struct_ref_seq.pdbx_PDB_id_code              1QHL 
_struct_ref_seq.pdbx_strand_id                A 
_struct_ref_seq.seq_align_beg                 1 
_struct_ref_seq.pdbx_seq_align_beg_ins_code   ? 
_struct_ref_seq.seq_align_end                 227 
_struct_ref_seq.pdbx_seq_align_end_ins_code   ? 
_struct_ref_seq.pdbx_db_accession             P22523 
_struct_ref_seq.db_align_beg                  1 
_struct_ref_seq.pdbx_db_align_beg_ins_code    ? 
_struct_ref_seq.db_align_end                  227 
_struct_ref_seq.pdbx_db_align_end_ins_code    ? 
_struct_ref_seq.pdbx_auth_seq_align_beg       1 
_struct_ref_seq.pdbx_auth_seq_align_end       227 
# 
_pdbx_struct_assembly.id                   1 
_pdbx_struct_assembly.details              author_defined_assembly 
_pdbx_struct_assembly.method_details       ? 
_pdbx_struct_assembly.oligomeric_details   monomeric 
_pdbx_struct_assembly.oligomeric_count     1 
# 
_pdbx_struct_assembly_gen.assembly_id       1 
_pdbx_struct_assembly_gen.oper_expression   1 
_pdbx_struct_assembly_gen.asym_id_list      A,B 
# 
_pdbx_struct_oper_list.id                   1 
_pdbx_struct_oper_list.type                 'identity operation' 
_pdbx_struct_oper_list.name                 1_555 
_pdbx_struct_oper_list.symmetry_operation   x,y,z 
_pdbx_struct_oper_list.matrix[1][1]         1.0000000000 
_pdbx_struct_oper_list.matrix[1][2]         0.0000000000 
_pdbx_struct_oper_list.matrix[1][3]         0.0000000000 
_pdbx_struct_oper_list.vector[1]            0.0000000000 
_pdbx_struct_oper_list.matrix[2][1]         0.0000000000 
_pdbx_struct_oper_list.matrix[2][2]         1.0000000000 
_pdbx_struct_oper_list.matrix[2][3]         0.0000000000 
_pdbx_struct_oper_list.vector[2]            0.0000000000 
_pdbx_struct_oper_list.matrix[3][1]         0.0000000000 
_pdbx_struct_oper_list.matrix[3][2]         0.0000000000 
_pdbx_struct_oper_list.matrix[3][3]         1.0000000000 
_pdbx_struct_oper_list.vector[3]            0.0000000000 
# 
_struct_biol.id   1 
# 
loop_
_struct_conf.conf_type_id 
_struct_conf.id 
_struct_conf.pdbx_PDB_helix_id 
_struct_conf.beg_label_comp_id 
_struct_conf.beg_label_asym_id 
_struct_conf.beg_label_seq_id 
_struct_conf.pdbx_beg_PDB_ins_code 
_struct_conf.end_label_comp_id 
_struct_conf.end_label_asym_id 
_struct_conf.end_label_seq_id 
_struct_conf.pdbx_end_PDB_ins_code 
_struct_conf.beg_auth_comp_id 
_struct_conf.beg_auth_asym_id 
_struct_conf.beg_auth_seq_id 
_struct_conf.end_auth_comp_id 
_struct_conf.end_auth_asym_id 
_struct_conf.end_auth_seq_id 
_struct_conf.pdbx_PDB_helix_class 
_struct_conf.details 
_struct_conf.pdbx_PDB_helix_length 
HELX_P HELX_P1 1 LEU A 25  ? SER A 33  ? LEU A 25  SER A 33  1 ? 9  
HELX_P HELX_P2 2 ALA A 38  ? LEU A 51  ? ALA A 38  LEU A 51  1 ? 14 
HELX_P HELX_P3 3 HIS A 78  ? LYS A 80  ? HIS A 78  LYS A 80  5 ? 3  
HELX_P HELX_P4 4 PRO A 132 ? VAL A 136 ? PRO A 132 VAL A 136 1 ? 5  
HELX_P HELX_P5 5 LEU A 150 ? GLU A 158 ? LEU A 150 GLU A 158 1 ? 9  
HELX_P HELX_P6 6 ILE A 171 ? ASP A 180 ? ILE A 171 ASP A 180 1 ? 10 
HELX_P HELX_P7 7 ALA A 191 ? LEU A 205 ? ALA A 191 LEU A 205 1 ? 15 
HELX_P HELX_P8 8 SER A 210 ? TYR A 220 ? SER A 210 TYR A 220 1 ? 11 
# 
_struct_conf_type.id          HELX_P 
_struct_conf_type.criteria    ? 
_struct_conf_type.reference   ? 
# 
_struct_sheet.id               A 
_struct_sheet.type             ? 
_struct_sheet.number_strands   6 
_struct_sheet.details          ? 
# 
loop_
_struct_sheet_order.sheet_id 
_struct_sheet_order.range_id_1 
_struct_sheet_order.range_id_2 
_struct_sheet_order.offset 
_struct_sheet_order.sense 
A 1 2 ? anti-parallel 
A 2 3 ? anti-parallel 
A 3 4 ? anti-parallel 
A 4 5 ? anti-parallel 
A 5 6 ? anti-parallel 
# 
loop_
_struct_sheet_range.sheet_id 
_struct_sheet_range.id 
_struct_sheet_range.beg_label_comp_id 
_struct_sheet_range.beg_label_asym_id 
_struct_sheet_range.beg_label_seq_id 
_struct_sheet_range.pdbx_beg_PDB_ins_code 
_struct_sheet_range.end_label_comp_id 
_struct_sheet_range.end_label_asym_id 
_struct_sheet_range.end_label_seq_id 
_struct_sheet_range.pdbx_end_PDB_ins_code 
_struct_sheet_range.beg_auth_comp_id 
_struct_sheet_range.beg_auth_asym_id 
_struct_sheet_range.beg_auth_seq_id 
_struct_sheet_range.end_auth_comp_id 
_struct_sheet_range.end_auth_asym_id 
_struct_sheet_range.end_auth_seq_id 
A 1 ALA A 20  ? ASP A 24  ? ALA A 20  ASP A 24  
A 2 LYS A 6   ? ILE A 13  ? LYS A 6   ILE A 13  
A 3 VAL A 85  ? ILE A 93  ? VAL A 85  ILE A 93  
A 4 ARG A 99  ? GLN A 108 ? ARG A 99  GLN A 108 
A 5 VAL A 116 ? GLN A 124 ? VAL A 116 GLN A 124 
A 6 GLN A 164 ? GLN A 167 ? GLN A 164 GLN A 167 
# 
loop_
_pdbx_struct_sheet_hbond.sheet_id 
_pdbx_struct_sheet_hbond.range_id_1 
_pdbx_struct_sheet_hbond.range_id_2 
_pdbx_struct_sheet_hbond.range_1_label_atom_id 
_pdbx_struct_sheet_hbond.range_1_label_comp_id 
_pdbx_struct_sheet_hbond.range_1_label_asym_id 
_pdbx_struct_sheet_hbond.range_1_label_seq_id 
_pdbx_struct_sheet_hbond.range_1_PDB_ins_code 
_pdbx_struct_sheet_hbond.range_1_auth_atom_id 
_pdbx_struct_sheet_hbond.range_1_auth_comp_id 
_pdbx_struct_sheet_hbond.range_1_auth_asym_id 
_pdbx_struct_sheet_hbond.range_1_auth_seq_id 
_pdbx_struct_sheet_hbond.range_2_label_atom_id 
_pdbx_struct_sheet_hbond.range_2_label_comp_id 
_pdbx_struct_sheet_hbond.range_2_label_asym_id 
_pdbx_struct_sheet_hbond.range_2_label_seq_id 
_pdbx_struct_sheet_hbond.range_2_PDB_ins_code 
_pdbx_struct_sheet_hbond.range_2_auth_atom_id 
_pdbx_struct_sheet_hbond.range_2_auth_comp_id 
_pdbx_struct_sheet_hbond.range_2_auth_asym_id 
_pdbx_struct_sheet_hbond.range_2_auth_seq_id 
A 1 2 O ARG A 21  ? O ARG A 21  N LEU A 12  ? N LEU A 12  
A 2 3 O LYS A 6   ? O LYS A 6   N ILE A 93  ? N ILE A 93  
A 3 4 O CYS A 86  ? O CYS A 86  N LEU A 106 ? N LEU A 106 
A 4 5 O VAL A 101 ? O VAL A 101 N ILE A 123 ? N ILE A 123 
A 5 6 O ALA A 122 ? O ALA A 122 N LYS A 166 ? N LYS A 166 
# 
loop_
_pdbx_validate_rmsd_bond.id 
_pdbx_validate_rmsd_bond.PDB_model_num 
_pdbx_validate_rmsd_bond.auth_atom_id_1 
_pdbx_validate_rmsd_bond.auth_asym_id_1 
_pdbx_validate_rmsd_bond.auth_comp_id_1 
_pdbx_validate_rmsd_bond.auth_seq_id_1 
_pdbx_validate_rmsd_bond.PDB_ins_code_1 
_pdbx_validate_rmsd_bond.label_alt_id_1 
_pdbx_validate_rmsd_bond.auth_atom_id_2 
_pdbx_validate_rmsd_bond.auth_asym_id_2 
_pdbx_validate_rmsd_bond.auth_comp_id_2 
_pdbx_validate_rmsd_bond.auth_seq_id_2 
_pdbx_validate_rmsd_bond.PDB_ins_code_2 
_pdbx_validate_rmsd_bond.label_alt_id_2 
_pdbx_validate_rmsd_bond.bond_value 
_pdbx_validate_rmsd_bond.bond_target_value 
_pdbx_validate_rmsd_bond.bond_deviation 
_pdbx_validate_rmsd_bond.bond_standard_deviation 
_pdbx_validate_rmsd_bond.linker_flag 
1 1 CG A MET 44  ? ? SD A MET 44  ? ? 2.024 1.807 0.217 0.026 N 
2 1 CG A MET 89  ? ? SD A MET 89  ? ? 2.037 1.807 0.230 0.026 N 
3 1 CG A MET 128 ? ? SD A MET 128 ? ? 2.044 1.807 0.237 0.026 N 
4 1 CG A MET 160 ? ? SD A MET 160 ? ? 2.024 1.807 0.217 0.026 N 
5 1 CG A MET 178 ? ? SD A MET 178 ? ? 2.038 1.807 0.231 0.026 N 
# 
_pdbx_validate_rmsd_angle.id                         1 
_pdbx_validate_rmsd_angle.PDB_model_num              1 
_pdbx_validate_rmsd_angle.auth_atom_id_1             CA 
_pdbx_validate_rmsd_angle.auth_asym_id_1             A 
_pdbx_validate_rmsd_angle.auth_comp_id_1             LEU 
_pdbx_validate_rmsd_angle.auth_seq_id_1              106 
_pdbx_validate_rmsd_angle.PDB_ins_code_1             ? 
_pdbx_validate_rmsd_angle.label_alt_id_1             ? 
_pdbx_validate_rmsd_angle.auth_atom_id_2             CB 
_pdbx_validate_rmsd_angle.auth_asym_id_2             A 
_pdbx_validate_rmsd_angle.auth_comp_id_2             LEU 
_pdbx_validate_rmsd_angle.auth_seq_id_2              106 
_pdbx_validate_rmsd_angle.PDB_ins_code_2             ? 
_pdbx_validate_rmsd_angle.label_alt_id_2             ? 
_pdbx_validate_rmsd_angle.auth_atom_id_3             CG 
_pdbx_validate_rmsd_angle.auth_asym_id_3             A 
_pdbx_validate_rmsd_angle.auth_comp_id_3             LEU 
_pdbx_validate_rmsd_angle.auth_seq_id_3              106 
_pdbx_validate_rmsd_angle.PDB_ins_code_3             ? 
_pdbx_validate_rmsd_angle.label_alt_id_3             ? 
_pdbx_validate_rmsd_angle.angle_value                130.40 
_pdbx_validate_rmsd_angle.angle_target_value         115.30 
_pdbx_validate_rmsd_angle.angle_deviation            15.10 
_pdbx_validate_rmsd_angle.angle_standard_deviation   2.30 
_pdbx_validate_rmsd_angle.linker_flag                N 
# 
loop_
_pdbx_validate_torsion.id 
_pdbx_validate_torsion.PDB_model_num 
_pdbx_validate_torsion.auth_comp_id 
_pdbx_validate_torsion.auth_asym_id 
_pdbx_validate_torsion.auth_seq_id 
_pdbx_validate_torsion.PDB_ins_code 
_pdbx_validate_torsion.label_alt_id 
_pdbx_validate_torsion.phi 
_pdbx_validate_torsion.psi 
1 1 ARG A 112 ? ? -74.08 -161.95 
2 1 ARG A 114 ? ? 175.34 -63.06  
3 1 ASN A 141 ? ? -25.11 -65.57  
4 1 LEU A 222 ? ? 23.08  66.51   
5 1 GLU A 224 ? ? 52.10  -113.59 
# 
loop_
_pdbx_unobs_or_zero_occ_residues.id 
_pdbx_unobs_or_zero_occ_residues.PDB_model_num 
_pdbx_unobs_or_zero_occ_residues.polymer_flag 
_pdbx_unobs_or_zero_occ_residues.occupancy_flag 
_pdbx_unobs_or_zero_occ_residues.auth_asym_id 
_pdbx_unobs_or_zero_occ_residues.auth_comp_id 
_pdbx_unobs_or_zero_occ_residues.auth_seq_id 
_pdbx_unobs_or_zero_occ_residues.PDB_ins_code 
_pdbx_unobs_or_zero_occ_residues.label_asym_id 
_pdbx_unobs_or_zero_occ_residues.label_comp_id 
_pdbx_unobs_or_zero_occ_residues.label_seq_id 
1  1 Y 1 A MET 1   ? A MET 1   
2  1 Y 1 A ILE 2   ? A ILE 2   
3  1 Y 1 A GLU 3   ? A GLU 3   
4  1 Y 1 A HIS 59  ? A HIS 59  
5  1 Y 1 A PHE 60  ? A PHE 60  
6  1 Y 1 A ARG 61  ? A ARG 61  
7  1 Y 1 A ASN 62  ? A ASN 62  
8  1 Y 1 A THR 63  ? A THR 63  
9  1 Y 1 A THR 64  ? A THR 64  
10 1 Y 1 A GLU 65  ? A GLU 65  
11 1 Y 1 A ALA 66  ? A ALA 66  
12 1 Y 1 A GLY 67  ? A GLY 67  
13 1 Y 1 A ALA 68  ? A ALA 68  
14 1 Y 1 A THR 69  ? A THR 69  
15 1 Y 1 A SER 70  ? A SER 70  
16 1 Y 1 A GLY 71  ? A GLY 71  
17 1 Y 1 A SER 72  ? A SER 72  
18 1 Y 1 A ARG 73  ? A ARG 73  
19 1 Y 1 A ASP 74  ? A ASP 74  
20 1 Y 1 A LYS 75  ? A LYS 75  
21 1 Y 1 A GLY 76  ? A GLY 76  
22 1 Y 1 A SER 226 ? A SER 226 
23 1 Y 1 A GLY 227 ? A GLY 227 
# 
loop_
_chem_comp_atom.comp_id 
_chem_comp_atom.atom_id 
_chem_comp_atom.type_symbol 
_chem_comp_atom.pdbx_aromatic_flag 
_chem_comp_atom.pdbx_stereo_config 
_chem_comp_atom.pdbx_ordinal 
ALA N    N N N 1   
ALA CA   C N S 2   
ALA C    C N N 3   
ALA O    O N N 4   
ALA CB   C N N 5   
ALA OXT  O N N 6   
ALA H    H N N 7   
ALA H2   H N N 8   
ALA HA   H N N 9   
ALA HB1  H N N 10  
ALA HB2  H N N 11  
ALA HB3  H N N 12  
ALA HXT  H N N 13  
ARG N    N N N 14  
ARG CA   C N S 15  
ARG C    C N N 16  
ARG O    O N N 17  
ARG CB   C N N 18  
ARG CG   C N N 19  
ARG CD   C N N 20  
ARG NE   N N N 21  
ARG CZ   C N N 22  
ARG NH1  N N N 23  
ARG NH2  N N N 24  
ARG OXT  O N N 25  
ARG H    H N N 26  
ARG H2   H N N 27  
ARG HA   H N N 28  
ARG HB2  H N N 29  
ARG HB3  H N N 30  
ARG HG2  H N N 31  
ARG HG3  H N N 32  
ARG HD2  H N N 33  
ARG HD3  H N N 34  
ARG HE   H N N 35  
ARG HH11 H N N 36  
ARG HH12 H N N 37  
ARG HH21 H N N 38  
ARG HH22 H N N 39  
ARG HXT  H N N 40  
ASN N    N N N 41  
ASN CA   C N S 42  
ASN C    C N N 43  
ASN O    O N N 44  
ASN CB   C N N 45  
ASN CG   C N N 46  
ASN OD1  O N N 47  
ASN ND2  N N N 48  
ASN OXT  O N N 49  
ASN H    H N N 50  
ASN H2   H N N 51  
ASN HA   H N N 52  
ASN HB2  H N N 53  
ASN HB3  H N N 54  
ASN HD21 H N N 55  
ASN HD22 H N N 56  
ASN HXT  H N N 57  
ASP N    N N N 58  
ASP CA   C N S 59  
ASP C    C N N 60  
ASP O    O N N 61  
ASP CB   C N N 62  
ASP CG   C N N 63  
ASP OD1  O N N 64  
ASP OD2  O N N 65  
ASP OXT  O N N 66  
ASP H    H N N 67  
ASP H2   H N N 68  
ASP HA   H N N 69  
ASP HB2  H N N 70  
ASP HB3  H N N 71  
ASP HD2  H N N 72  
ASP HXT  H N N 73  
CYS N    N N N 74  
CYS CA   C N R 75  
CYS C    C N N 76  
CYS O    O N N 77  
CYS CB   C N N 78  
CYS SG   S N N 79  
CYS OXT  O N N 80  
CYS H    H N N 81  
CYS H2   H N N 82  
CYS HA   H N N 83  
CYS HB2  H N N 84  
CYS HB3  H N N 85  
CYS HG   H N N 86  
CYS HXT  H N N 87  
GLN N    N N N 88  
GLN CA   C N S 89  
GLN C    C N N 90  
GLN O    O N N 91  
GLN CB   C N N 92  
GLN CG   C N N 93  
GLN CD   C N N 94  
GLN OE1  O N N 95  
GLN NE2  N N N 96  
GLN OXT  O N N 97  
GLN H    H N N 98  
GLN H2   H N N 99  
GLN HA   H N N 100 
GLN HB2  H N N 101 
GLN HB3  H N N 102 
GLN HG2  H N N 103 
GLN HG3  H N N 104 
GLN HE21 H N N 105 
GLN HE22 H N N 106 
GLN HXT  H N N 107 
GLU N    N N N 108 
GLU CA   C N S 109 
GLU C    C N N 110 
GLU O    O N N 111 
GLU CB   C N N 112 
GLU CG   C N N 113 
GLU CD   C N N 114 
GLU OE1  O N N 115 
GLU OE2  O N N 116 
GLU OXT  O N N 117 
GLU H    H N N 118 
GLU H2   H N N 119 
GLU HA   H N N 120 
GLU HB2  H N N 121 
GLU HB3  H N N 122 
GLU HG2  H N N 123 
GLU HG3  H N N 124 
GLU HE2  H N N 125 
GLU HXT  H N N 126 
GLY N    N N N 127 
GLY CA   C N N 128 
GLY C    C N N 129 
GLY O    O N N 130 
GLY OXT  O N N 131 
GLY H    H N N 132 
GLY H2   H N N 133 
GLY HA2  H N N 134 
GLY HA3  H N N 135 
GLY HXT  H N N 136 
HIS N    N N N 137 
HIS CA   C N S 138 
HIS C    C N N 139 
HIS O    O N N 140 
HIS CB   C N N 141 
HIS CG   C Y N 142 
HIS ND1  N Y N 143 
HIS CD2  C Y N 144 
HIS CE1  C Y N 145 
HIS NE2  N Y N 146 
HIS OXT  O N N 147 
HIS H    H N N 148 
HIS H2   H N N 149 
HIS HA   H N N 150 
HIS HB2  H N N 151 
HIS HB3  H N N 152 
HIS HD1  H N N 153 
HIS HD2  H N N 154 
HIS HE1  H N N 155 
HIS HE2  H N N 156 
HIS HXT  H N N 157 
HOH O    O N N 158 
HOH H1   H N N 159 
HOH H2   H N N 160 
ILE N    N N N 161 
ILE CA   C N S 162 
ILE C    C N N 163 
ILE O    O N N 164 
ILE CB   C N S 165 
ILE CG1  C N N 166 
ILE CG2  C N N 167 
ILE CD1  C N N 168 
ILE OXT  O N N 169 
ILE H    H N N 170 
ILE H2   H N N 171 
ILE HA   H N N 172 
ILE HB   H N N 173 
ILE HG12 H N N 174 
ILE HG13 H N N 175 
ILE HG21 H N N 176 
ILE HG22 H N N 177 
ILE HG23 H N N 178 
ILE HD11 H N N 179 
ILE HD12 H N N 180 
ILE HD13 H N N 181 
ILE HXT  H N N 182 
LEU N    N N N 183 
LEU CA   C N S 184 
LEU C    C N N 185 
LEU O    O N N 186 
LEU CB   C N N 187 
LEU CG   C N N 188 
LEU CD1  C N N 189 
LEU CD2  C N N 190 
LEU OXT  O N N 191 
LEU H    H N N 192 
LEU H2   H N N 193 
LEU HA   H N N 194 
LEU HB2  H N N 195 
LEU HB3  H N N 196 
LEU HG   H N N 197 
LEU HD11 H N N 198 
LEU HD12 H N N 199 
LEU HD13 H N N 200 
LEU HD21 H N N 201 
LEU HD22 H N N 202 
LEU HD23 H N N 203 
LEU HXT  H N N 204 
LYS N    N N N 205 
LYS CA   C N S 206 
LYS C    C N N 207 
LYS O    O N N 208 
LYS CB   C N N 209 
LYS CG   C N N 210 
LYS CD   C N N 211 
LYS CE   C N N 212 
LYS NZ   N N N 213 
LYS OXT  O N N 214 
LYS H    H N N 215 
LYS H2   H N N 216 
LYS HA   H N N 217 
LYS HB2  H N N 218 
LYS HB3  H N N 219 
LYS HG2  H N N 220 
LYS HG3  H N N 221 
LYS HD2  H N N 222 
LYS HD3  H N N 223 
LYS HE2  H N N 224 
LYS HE3  H N N 225 
LYS HZ1  H N N 226 
LYS HZ2  H N N 227 
LYS HZ3  H N N 228 
LYS HXT  H N N 229 
MET N    N N N 230 
MET CA   C N S 231 
MET C    C N N 232 
MET O    O N N 233 
MET CB   C N N 234 
MET CG   C N N 235 
MET SD   S N N 236 
MET CE   C N N 237 
MET OXT  O N N 238 
MET H    H N N 239 
MET H2   H N N 240 
MET HA   H N N 241 
MET HB2  H N N 242 
MET HB3  H N N 243 
MET HG2  H N N 244 
MET HG3  H N N 245 
MET HE1  H N N 246 
MET HE2  H N N 247 
MET HE3  H N N 248 
MET HXT  H N N 249 
PHE N    N N N 250 
PHE CA   C N S 251 
PHE C    C N N 252 
PHE O    O N N 253 
PHE CB   C N N 254 
PHE CG   C Y N 255 
PHE CD1  C Y N 256 
PHE CD2  C Y N 257 
PHE CE1  C Y N 258 
PHE CE2  C Y N 259 
PHE CZ   C Y N 260 
PHE OXT  O N N 261 
PHE H    H N N 262 
PHE H2   H N N 263 
PHE HA   H N N 264 
PHE HB2  H N N 265 
PHE HB3  H N N 266 
PHE HD1  H N N 267 
PHE HD2  H N N 268 
PHE HE1  H N N 269 
PHE HE2  H N N 270 
PHE HZ   H N N 271 
PHE HXT  H N N 272 
PRO N    N N N 273 
PRO CA   C N S 274 
PRO C    C N N 275 
PRO O    O N N 276 
PRO CB   C N N 277 
PRO CG   C N N 278 
PRO CD   C N N 279 
PRO OXT  O N N 280 
PRO H    H N N 281 
PRO HA   H N N 282 
PRO HB2  H N N 283 
PRO HB3  H N N 284 
PRO HG2  H N N 285 
PRO HG3  H N N 286 
PRO HD2  H N N 287 
PRO HD3  H N N 288 
PRO HXT  H N N 289 
SER N    N N N 290 
SER CA   C N S 291 
SER C    C N N 292 
SER O    O N N 293 
SER CB   C N N 294 
SER OG   O N N 295 
SER OXT  O N N 296 
SER H    H N N 297 
SER H2   H N N 298 
SER HA   H N N 299 
SER HB2  H N N 300 
SER HB3  H N N 301 
SER HG   H N N 302 
SER HXT  H N N 303 
THR N    N N N 304 
THR CA   C N S 305 
THR C    C N N 306 
THR O    O N N 307 
THR CB   C N R 308 
THR OG1  O N N 309 
THR CG2  C N N 310 
THR OXT  O N N 311 
THR H    H N N 312 
THR H2   H N N 313 
THR HA   H N N 314 
THR HB   H N N 315 
THR HG1  H N N 316 
THR HG21 H N N 317 
THR HG22 H N N 318 
THR HG23 H N N 319 
THR HXT  H N N 320 
TRP N    N N N 321 
TRP CA   C N S 322 
TRP C    C N N 323 
TRP O    O N N 324 
TRP CB   C N N 325 
TRP CG   C Y N 326 
TRP CD1  C Y N 327 
TRP CD2  C Y N 328 
TRP NE1  N Y N 329 
TRP CE2  C Y N 330 
TRP CE3  C Y N 331 
TRP CZ2  C Y N 332 
TRP CZ3  C Y N 333 
TRP CH2  C Y N 334 
TRP OXT  O N N 335 
TRP H    H N N 336 
TRP H2   H N N 337 
TRP HA   H N N 338 
TRP HB2  H N N 339 
TRP HB3  H N N 340 
TRP HD1  H N N 341 
TRP HE1  H N N 342 
TRP HE3  H N N 343 
TRP HZ2  H N N 344 
TRP HZ3  H N N 345 
TRP HH2  H N N 346 
TRP HXT  H N N 347 
TYR N    N N N 348 
TYR CA   C N S 349 
TYR C    C N N 350 
TYR O    O N N 351 
TYR CB   C N N 352 
TYR CG   C Y N 353 
TYR CD1  C Y N 354 
TYR CD2  C Y N 355 
TYR CE1  C Y N 356 
TYR CE2  C Y N 357 
TYR CZ   C Y N 358 
TYR OH   O N N 359 
TYR OXT  O N N 360 
TYR H    H N N 361 
TYR H2   H N N 362 
TYR HA   H N N 363 
TYR HB2  H N N 364 
TYR HB3  H N N 365 
TYR HD1  H N N 366 
TYR HD2  H N N 367 
TYR HE1  H N N 368 
TYR HE2  H N N 369 
TYR HH   H N N 370 
TYR HXT  H N N 371 
VAL N    N N N 372 
VAL CA   C N S 373 
VAL C    C N N 374 
VAL O    O N N 375 
VAL CB   C N N 376 
VAL CG1  C N N 377 
VAL CG2  C N N 378 
VAL OXT  O N N 379 
VAL H    H N N 380 
VAL H2   H N N 381 
VAL HA   H N N 382 
VAL HB   H N N 383 
VAL HG11 H N N 384 
VAL HG12 H N N 385 
VAL HG13 H N N 386 
VAL HG21 H N N 387 
VAL HG22 H N N 388 
VAL HG23 H N N 389 
VAL HXT  H N N 390 
# 
loop_
_chem_comp_bond.comp_id 
_chem_comp_bond.atom_id_1 
_chem_comp_bond.atom_id_2 
_chem_comp_bond.value_order 
_chem_comp_bond.pdbx_aromatic_flag 
_chem_comp_bond.pdbx_stereo_config 
_chem_comp_bond.pdbx_ordinal 
ALA N   CA   sing N N 1   
ALA N   H    sing N N 2   
ALA N   H2   sing N N 3   
ALA CA  C    sing N N 4   
ALA CA  CB   sing N N 5   
ALA CA  HA   sing N N 6   
ALA C   O    doub N N 7   
ALA C   OXT  sing N N 8   
ALA CB  HB1  sing N N 9   
ALA CB  HB2  sing N N 10  
ALA CB  HB3  sing N N 11  
ALA OXT HXT  sing N N 12  
ARG N   CA   sing N N 13  
ARG N   H    sing N N 14  
ARG N   H2   sing N N 15  
ARG CA  C    sing N N 16  
ARG CA  CB   sing N N 17  
ARG CA  HA   sing N N 18  
ARG C   O    doub N N 19  
ARG C   OXT  sing N N 20  
ARG CB  CG   sing N N 21  
ARG CB  HB2  sing N N 22  
ARG CB  HB3  sing N N 23  
ARG CG  CD   sing N N 24  
ARG CG  HG2  sing N N 25  
ARG CG  HG3  sing N N 26  
ARG CD  NE   sing N N 27  
ARG CD  HD2  sing N N 28  
ARG CD  HD3  sing N N 29  
ARG NE  CZ   sing N N 30  
ARG NE  HE   sing N N 31  
ARG CZ  NH1  sing N N 32  
ARG CZ  NH2  doub N N 33  
ARG NH1 HH11 sing N N 34  
ARG NH1 HH12 sing N N 35  
ARG NH2 HH21 sing N N 36  
ARG NH2 HH22 sing N N 37  
ARG OXT HXT  sing N N 38  
ASN N   CA   sing N N 39  
ASN N   H    sing N N 40  
ASN N   H2   sing N N 41  
ASN CA  C    sing N N 42  
ASN CA  CB   sing N N 43  
ASN CA  HA   sing N N 44  
ASN C   O    doub N N 45  
ASN C   OXT  sing N N 46  
ASN CB  CG   sing N N 47  
ASN CB  HB2  sing N N 48  
ASN CB  HB3  sing N N 49  
ASN CG  OD1  doub N N 50  
ASN CG  ND2  sing N N 51  
ASN ND2 HD21 sing N N 52  
ASN ND2 HD22 sing N N 53  
ASN OXT HXT  sing N N 54  
ASP N   CA   sing N N 55  
ASP N   H    sing N N 56  
ASP N   H2   sing N N 57  
ASP CA  C    sing N N 58  
ASP CA  CB   sing N N 59  
ASP CA  HA   sing N N 60  
ASP C   O    doub N N 61  
ASP C   OXT  sing N N 62  
ASP CB  CG   sing N N 63  
ASP CB  HB2  sing N N 64  
ASP CB  HB3  sing N N 65  
ASP CG  OD1  doub N N 66  
ASP CG  OD2  sing N N 67  
ASP OD2 HD2  sing N N 68  
ASP OXT HXT  sing N N 69  
CYS N   CA   sing N N 70  
CYS N   H    sing N N 71  
CYS N   H2   sing N N 72  
CYS CA  C    sing N N 73  
CYS CA  CB   sing N N 74  
CYS CA  HA   sing N N 75  
CYS C   O    doub N N 76  
CYS C   OXT  sing N N 77  
CYS CB  SG   sing N N 78  
CYS CB  HB2  sing N N 79  
CYS CB  HB3  sing N N 80  
CYS SG  HG   sing N N 81  
CYS OXT HXT  sing N N 82  
GLN N   CA   sing N N 83  
GLN N   H    sing N N 84  
GLN N   H2   sing N N 85  
GLN CA  C    sing N N 86  
GLN CA  CB   sing N N 87  
GLN CA  HA   sing N N 88  
GLN C   O    doub N N 89  
GLN C   OXT  sing N N 90  
GLN CB  CG   sing N N 91  
GLN CB  HB2  sing N N 92  
GLN CB  HB3  sing N N 93  
GLN CG  CD   sing N N 94  
GLN CG  HG2  sing N N 95  
GLN CG  HG3  sing N N 96  
GLN CD  OE1  doub N N 97  
GLN CD  NE2  sing N N 98  
GLN NE2 HE21 sing N N 99  
GLN NE2 HE22 sing N N 100 
GLN OXT HXT  sing N N 101 
GLU N   CA   sing N N 102 
GLU N   H    sing N N 103 
GLU N   H2   sing N N 104 
GLU CA  C    sing N N 105 
GLU CA  CB   sing N N 106 
GLU CA  HA   sing N N 107 
GLU C   O    doub N N 108 
GLU C   OXT  sing N N 109 
GLU CB  CG   sing N N 110 
GLU CB  HB2  sing N N 111 
GLU CB  HB3  sing N N 112 
GLU CG  CD   sing N N 113 
GLU CG  HG2  sing N N 114 
GLU CG  HG3  sing N N 115 
GLU CD  OE1  doub N N 116 
GLU CD  OE2  sing N N 117 
GLU OE2 HE2  sing N N 118 
GLU OXT HXT  sing N N 119 
GLY N   CA   sing N N 120 
GLY N   H    sing N N 121 
GLY N   H2   sing N N 122 
GLY CA  C    sing N N 123 
GLY CA  HA2  sing N N 124 
GLY CA  HA3  sing N N 125 
GLY C   O    doub N N 126 
GLY C   OXT  sing N N 127 
GLY OXT HXT  sing N N 128 
HIS N   CA   sing N N 129 
HIS N   H    sing N N 130 
HIS N   H2   sing N N 131 
HIS CA  C    sing N N 132 
HIS CA  CB   sing N N 133 
HIS CA  HA   sing N N 134 
HIS C   O    doub N N 135 
HIS C   OXT  sing N N 136 
HIS CB  CG   sing N N 137 
HIS CB  HB2  sing N N 138 
HIS CB  HB3  sing N N 139 
HIS CG  ND1  sing Y N 140 
HIS CG  CD2  doub Y N 141 
HIS ND1 CE1  doub Y N 142 
HIS ND1 HD1  sing N N 143 
HIS CD2 NE2  sing Y N 144 
HIS CD2 HD2  sing N N 145 
HIS CE1 NE2  sing Y N 146 
HIS CE1 HE1  sing N N 147 
HIS NE2 HE2  sing N N 148 
HIS OXT HXT  sing N N 149 
HOH O   H1   sing N N 150 
HOH O   H2   sing N N 151 
ILE N   CA   sing N N 152 
ILE N   H    sing N N 153 
ILE N   H2   sing N N 154 
ILE CA  C    sing N N 155 
ILE CA  CB   sing N N 156 
ILE CA  HA   sing N N 157 
ILE C   O    doub N N 158 
ILE C   OXT  sing N N 159 
ILE CB  CG1  sing N N 160 
ILE CB  CG2  sing N N 161 
ILE CB  HB   sing N N 162 
ILE CG1 CD1  sing N N 163 
ILE CG1 HG12 sing N N 164 
ILE CG1 HG13 sing N N 165 
ILE CG2 HG21 sing N N 166 
ILE CG2 HG22 sing N N 167 
ILE CG2 HG23 sing N N 168 
ILE CD1 HD11 sing N N 169 
ILE CD1 HD12 sing N N 170 
ILE CD1 HD13 sing N N 171 
ILE OXT HXT  sing N N 172 
LEU N   CA   sing N N 173 
LEU N   H    sing N N 174 
LEU N   H2   sing N N 175 
LEU CA  C    sing N N 176 
LEU CA  CB   sing N N 177 
LEU CA  HA   sing N N 178 
LEU C   O    doub N N 179 
LEU C   OXT  sing N N 180 
LEU CB  CG   sing N N 181 
LEU CB  HB2  sing N N 182 
LEU CB  HB3  sing N N 183 
LEU CG  CD1  sing N N 184 
LEU CG  CD2  sing N N 185 
LEU CG  HG   sing N N 186 
LEU CD1 HD11 sing N N 187 
LEU CD1 HD12 sing N N 188 
LEU CD1 HD13 sing N N 189 
LEU CD2 HD21 sing N N 190 
LEU CD2 HD22 sing N N 191 
LEU CD2 HD23 sing N N 192 
LEU OXT HXT  sing N N 193 
LYS N   CA   sing N N 194 
LYS N   H    sing N N 195 
LYS N   H2   sing N N 196 
LYS CA  C    sing N N 197 
LYS CA  CB   sing N N 198 
LYS CA  HA   sing N N 199 
LYS C   O    doub N N 200 
LYS C   OXT  sing N N 201 
LYS CB  CG   sing N N 202 
LYS CB  HB2  sing N N 203 
LYS CB  HB3  sing N N 204 
LYS CG  CD   sing N N 205 
LYS CG  HG2  sing N N 206 
LYS CG  HG3  sing N N 207 
LYS CD  CE   sing N N 208 
LYS CD  HD2  sing N N 209 
LYS CD  HD3  sing N N 210 
LYS CE  NZ   sing N N 211 
LYS CE  HE2  sing N N 212 
LYS CE  HE3  sing N N 213 
LYS NZ  HZ1  sing N N 214 
LYS NZ  HZ2  sing N N 215 
LYS NZ  HZ3  sing N N 216 
LYS OXT HXT  sing N N 217 
MET N   CA   sing N N 218 
MET N   H    sing N N 219 
MET N   H2   sing N N 220 
MET CA  C    sing N N 221 
MET CA  CB   sing N N 222 
MET CA  HA   sing N N 223 
MET C   O    doub N N 224 
MET C   OXT  sing N N 225 
MET CB  CG   sing N N 226 
MET CB  HB2  sing N N 227 
MET CB  HB3  sing N N 228 
MET CG  SD   sing N N 229 
MET CG  HG2  sing N N 230 
MET CG  HG3  sing N N 231 
MET SD  CE   sing N N 232 
MET CE  HE1  sing N N 233 
MET CE  HE2  sing N N 234 
MET CE  HE3  sing N N 235 
MET OXT HXT  sing N N 236 
PHE N   CA   sing N N 237 
PHE N   H    sing N N 238 
PHE N   H2   sing N N 239 
PHE CA  C    sing N N 240 
PHE CA  CB   sing N N 241 
PHE CA  HA   sing N N 242 
PHE C   O    doub N N 243 
PHE C   OXT  sing N N 244 
PHE CB  CG   sing N N 245 
PHE CB  HB2  sing N N 246 
PHE CB  HB3  sing N N 247 
PHE CG  CD1  doub Y N 248 
PHE CG  CD2  sing Y N 249 
PHE CD1 CE1  sing Y N 250 
PHE CD1 HD1  sing N N 251 
PHE CD2 CE2  doub Y N 252 
PHE CD2 HD2  sing N N 253 
PHE CE1 CZ   doub Y N 254 
PHE CE1 HE1  sing N N 255 
PHE CE2 CZ   sing Y N 256 
PHE CE2 HE2  sing N N 257 
PHE CZ  HZ   sing N N 258 
PHE OXT HXT  sing N N 259 
PRO N   CA   sing N N 260 
PRO N   CD   sing N N 261 
PRO N   H    sing N N 262 
PRO CA  C    sing N N 263 
PRO CA  CB   sing N N 264 
PRO CA  HA   sing N N 265 
PRO C   O    doub N N 266 
PRO C   OXT  sing N N 267 
PRO CB  CG   sing N N 268 
PRO CB  HB2  sing N N 269 
PRO CB  HB3  sing N N 270 
PRO CG  CD   sing N N 271 
PRO CG  HG2  sing N N 272 
PRO CG  HG3  sing N N 273 
PRO CD  HD2  sing N N 274 
PRO CD  HD3  sing N N 275 
PRO OXT HXT  sing N N 276 
SER N   CA   sing N N 277 
SER N   H    sing N N 278 
SER N   H2   sing N N 279 
SER CA  C    sing N N 280 
SER CA  CB   sing N N 281 
SER CA  HA   sing N N 282 
SER C   O    doub N N 283 
SER C   OXT  sing N N 284 
SER CB  OG   sing N N 285 
SER CB  HB2  sing N N 286 
SER CB  HB3  sing N N 287 
SER OG  HG   sing N N 288 
SER OXT HXT  sing N N 289 
THR N   CA   sing N N 290 
THR N   H    sing N N 291 
THR N   H2   sing N N 292 
THR CA  C    sing N N 293 
THR CA  CB   sing N N 294 
THR CA  HA   sing N N 295 
THR C   O    doub N N 296 
THR C   OXT  sing N N 297 
THR CB  OG1  sing N N 298 
THR CB  CG2  sing N N 299 
THR CB  HB   sing N N 300 
THR OG1 HG1  sing N N 301 
THR CG2 HG21 sing N N 302 
THR CG2 HG22 sing N N 303 
THR CG2 HG23 sing N N 304 
THR OXT HXT  sing N N 305 
TRP N   CA   sing N N 306 
TRP N   H    sing N N 307 
TRP N   H2   sing N N 308 
TRP CA  C    sing N N 309 
TRP CA  CB   sing N N 310 
TRP CA  HA   sing N N 311 
TRP C   O    doub N N 312 
TRP C   OXT  sing N N 313 
TRP CB  CG   sing N N 314 
TRP CB  HB2  sing N N 315 
TRP CB  HB3  sing N N 316 
TRP CG  CD1  doub Y N 317 
TRP CG  CD2  sing Y N 318 
TRP CD1 NE1  sing Y N 319 
TRP CD1 HD1  sing N N 320 
TRP CD2 CE2  doub Y N 321 
TRP CD2 CE3  sing Y N 322 
TRP NE1 CE2  sing Y N 323 
TRP NE1 HE1  sing N N 324 
TRP CE2 CZ2  sing Y N 325 
TRP CE3 CZ3  doub Y N 326 
TRP CE3 HE3  sing N N 327 
TRP CZ2 CH2  doub Y N 328 
TRP CZ2 HZ2  sing N N 329 
TRP CZ3 CH2  sing Y N 330 
TRP CZ3 HZ3  sing N N 331 
TRP CH2 HH2  sing N N 332 
TRP OXT HXT  sing N N 333 
TYR N   CA   sing N N 334 
TYR N   H    sing N N 335 
TYR N   H2   sing N N 336 
TYR CA  C    sing N N 337 
TYR CA  CB   sing N N 338 
TYR CA  HA   sing N N 339 
TYR C   O    doub N N 340 
TYR C   OXT  sing N N 341 
TYR CB  CG   sing N N 342 
TYR CB  HB2  sing N N 343 
TYR CB  HB3  sing N N 344 
TYR CG  CD1  doub Y N 345 
TYR CG  CD2  sing Y N 346 
TYR CD1 CE1  sing Y N 347 
TYR CD1 HD1  sing N N 348 
TYR CD2 CE2  doub Y N 349 
TYR CD2 HD2  sing N N 350 
TYR CE1 CZ   doub Y N 351 
TYR CE1 HE1  sing N N 352 
TYR CE2 CZ   sing Y N 353 
TYR CE2 HE2  sing N N 354 
TYR CZ  OH   sing N N 355 
TYR OH  HH   sing N N 356 
TYR OXT HXT  sing N N 357 
VAL N   CA   sing N N 358 
VAL N   H    sing N N 359 
VAL N   H2   sing N N 360 
VAL CA  C    sing N N 361 
VAL CA  CB   sing N N 362 
VAL CA  HA   sing N N 363 
VAL C   O    doub N N 364 
VAL C   OXT  sing N N 365 
VAL CB  CG1  sing N N 366 
VAL CB  CG2  sing N N 367 
VAL CB  HB   sing N N 368 
VAL CG1 HG11 sing N N 369 
VAL CG1 HG12 sing N N 370 
VAL CG1 HG13 sing N N 371 
VAL CG2 HG21 sing N N 372 
VAL CG2 HG22 sing N N 373 
VAL CG2 HG23 sing N N 374 
VAL OXT HXT  sing N N 375 
# 
_atom_sites.entry_id                    1QHL 
_atom_sites.fract_transf_matrix[1][1]   -0.00867620 
_atom_sites.fract_transf_matrix[1][2]   0.00566057 
_atom_sites.fract_transf_matrix[1][3]   -0.00036266 
_atom_sites.fract_transf_matrix[2][1]   -0.00458638 
_atom_sites.fract_transf_matrix[2][2]   0.00187754 
_atom_sites.fract_transf_matrix[2][3]   -0.00910347 
_atom_sites.fract_transf_matrix[3][1]   -0.00840789 
_atom_sites.fract_transf_matrix[3][2]   -0.01278469 
_atom_sites.fract_transf_matrix[3][3]   0.00159918 
_atom_sites.fract_transf_vector[1]      0.410187 
_atom_sites.fract_transf_vector[2]      0.233095 
_atom_sites.fract_transf_vector[3]      0.274282 
# 
loop_
_atom_type.symbol 
C 
N 
O 
S 
# 
loop_
_atom_site.group_PDB 
_atom_site.id 
_atom_site.type_symbol 
_atom_site.label_atom_id 
_atom_site.label_alt_id 
_atom_site.label_comp_id 
_atom_site.label_asym_id 
_atom_site.label_entity_id 
_atom_site.label_seq_id 
_atom_site.pdbx_PDB_ins_code 
_atom_site.Cartn_x 
_atom_site.Cartn_y 
_atom_site.Cartn_z 
_atom_site.occupancy 
_atom_site.B_iso_or_equiv 
_atom_site.pdbx_formal_charge 
_atom_site.auth_seq_id 
_atom_site.auth_comp_id 
_atom_site.auth_asym_id 
_atom_site.auth_atom_id 
_atom_site.pdbx_PDB_model_num 
ATOM   1    N N   . ARG A 1 4   ? 12.493  -15.304 7.605   1.00 39.86 ? 4   ARG A N   1 
ATOM   2    C CA  . ARG A 1 4   ? 11.950  -14.401 6.536   1.00 40.77 ? 4   ARG A CA  1 
ATOM   3    C C   . ARG A 1 4   ? 10.611  -13.739 6.918   1.00 37.84 ? 4   ARG A C   1 
ATOM   4    O O   . ARG A 1 4   ? 9.893   -14.222 7.796   1.00 38.66 ? 4   ARG A O   1 
ATOM   5    C CB  . ARG A 1 4   ? 11.776  -15.187 5.237   1.00 41.23 ? 4   ARG A CB  1 
ATOM   6    C CG  . ARG A 1 4   ? 12.267  -14.446 4.019   1.00 45.29 ? 4   ARG A CG  1 
ATOM   7    C CD  . ARG A 1 4   ? 12.626  -15.409 2.904   1.00 49.01 ? 4   ARG A CD  1 
ATOM   8    N NE  . ARG A 1 4   ? 13.136  -14.709 1.724   1.00 54.27 ? 4   ARG A NE  1 
ATOM   9    C CZ  . ARG A 1 4   ? 13.487  -15.314 0.594   1.00 55.44 ? 4   ARG A CZ  1 
ATOM   10   N NH1 . ARG A 1 4   ? 13.390  -16.640 0.483   1.00 58.89 ? 4   ARG A NH1 1 
ATOM   11   N NH2 . ARG A 1 4   ? 13.930  -14.596 -0.432  1.00 58.53 ? 4   ARG A NH2 1 
ATOM   12   N N   . GLY A 1 5   ? 10.273  -12.640 6.251   1.00 34.55 ? 5   GLY A N   1 
ATOM   13   C CA  . GLY A 1 5   ? 9.029   -11.959 6.563   1.00 28.43 ? 5   GLY A CA  1 
ATOM   14   C C   . GLY A 1 5   ? 7.807   -12.612 5.939   1.00 29.05 ? 5   GLY A C   1 
ATOM   15   O O   . GLY A 1 5   ? 7.933   -13.524 5.130   1.00 26.70 ? 5   GLY A O   1 
ATOM   16   N N   . LYS A 1 6   ? 6.626   -12.123 6.306   1.00 26.62 ? 6   LYS A N   1 
ATOM   17   C CA  . LYS A 1 6   ? 5.356   -12.637 5.807   1.00 27.17 ? 6   LYS A CA  1 
ATOM   18   C C   . LYS A 1 6   ? 4.489   -11.528 5.206   1.00 26.57 ? 6   LYS A C   1 
ATOM   19   O O   . LYS A 1 6   ? 4.136   -10.570 5.897   1.00 24.39 ? 6   LYS A O   1 
ATOM   20   C CB  . LYS A 1 6   ? 4.581   -13.296 6.953   1.00 30.83 ? 6   LYS A CB  1 
ATOM   21   C CG  . LYS A 1 6   ? 4.285   -14.753 6.750   1.00 33.05 ? 6   LYS A CG  1 
ATOM   22   C CD  . LYS A 1 6   ? 3.280   -14.940 5.619   1.00 41.43 ? 6   LYS A CD  1 
ATOM   23   C CE  . LYS A 1 6   ? 2.510   -16.264 5.742   1.00 40.12 ? 6   LYS A CE  1 
ATOM   24   N NZ  . LYS A 1 6   ? 1.048   -16.061 5.451   1.00 46.43 ? 6   LYS A NZ  1 
ATOM   25   N N   . PHE A 1 7   ? 4.156   -11.656 3.923   1.00 24.26 ? 7   PHE A N   1 
ATOM   26   C CA  . PHE A 1 7   ? 3.307   -10.673 3.254   1.00 23.96 ? 7   PHE A CA  1 
ATOM   27   C C   . PHE A 1 7   ? 1.881   -11.042 3.631   1.00 23.25 ? 7   PHE A C   1 
ATOM   28   O O   . PHE A 1 7   ? 1.434   -12.156 3.354   1.00 26.30 ? 7   PHE A O   1 
ATOM   29   C CB  . PHE A 1 7   ? 3.478   -10.743 1.729   1.00 23.63 ? 7   PHE A CB  1 
ATOM   30   C CG  . PHE A 1 7   ? 2.646   -9.741  0.992   1.00 23.04 ? 7   PHE A CG  1 
ATOM   31   C CD1 . PHE A 1 7   ? 1.339   -10.039 0.620   1.00 23.02 ? 7   PHE A CD1 1 
ATOM   32   C CD2 . PHE A 1 7   ? 3.143   -8.471  0.723   1.00 25.47 ? 7   PHE A CD2 1 
ATOM   33   C CE1 . PHE A 1 7   ? 0.538   -9.098  -0.001  1.00 19.98 ? 7   PHE A CE1 1 
ATOM   34   C CE2 . PHE A 1 7   ? 2.341   -7.512  0.098   1.00 25.12 ? 7   PHE A CE2 1 
ATOM   35   C CZ  . PHE A 1 7   ? 1.036   -7.833  -0.262  1.00 24.97 ? 7   PHE A CZ  1 
ATOM   36   N N   . ARG A 1 8   ? 1.160   -10.120 4.266   1.00 22.04 ? 8   ARG A N   1 
ATOM   37   C CA  . ARG A 1 8   ? -0.202  -10.410 4.701   1.00 19.37 ? 8   ARG A CA  1 
ATOM   38   C C   . ARG A 1 8   ? -1.284  -10.040 3.696   1.00 18.65 ? 8   ARG A C   1 
ATOM   39   O O   . ARG A 1 8   ? -2.140  -10.866 3.361   1.00 19.46 ? 8   ARG A O   1 
ATOM   40   C CB  . ARG A 1 8   ? -0.507  -9.705  6.032   1.00 21.89 ? 8   ARG A CB  1 
ATOM   41   C CG  . ARG A 1 8   ? 0.368   -10.103 7.222   1.00 21.42 ? 8   ARG A CG  1 
ATOM   42   C CD  . ARG A 1 8   ? -0.245  -9.561  8.510   1.00 22.53 ? 8   ARG A CD  1 
ATOM   43   N NE  . ARG A 1 8   ? -1.317  -10.433 8.981   1.00 26.10 ? 8   ARG A NE  1 
ATOM   44   C CZ  . ARG A 1 8   ? -2.543  -10.032 9.296   1.00 23.96 ? 8   ARG A CZ  1 
ATOM   45   N NH1 . ARG A 1 8   ? -2.888  -8.756  9.209   1.00 27.16 ? 8   ARG A NH1 1 
ATOM   46   N NH2 . ARG A 1 8   ? -3.438  -10.921 9.702   1.00 29.54 ? 8   ARG A NH2 1 
ATOM   47   N N   . SER A 1 9   ? -1.264  -8.801  3.220   1.00 15.94 ? 9   SER A N   1 
ATOM   48   C CA  . SER A 1 9   ? -2.283  -8.377  2.278   1.00 14.08 ? 9   SER A CA  1 
ATOM   49   C C   . SER A 1 9   ? -2.101  -7.011  1.642   1.00 16.28 ? 9   SER A C   1 
ATOM   50   O O   . SER A 1 9   ? -1.348  -6.158  2.136   1.00 15.28 ? 9   SER A O   1 
ATOM   51   C CB  . SER A 1 9   ? -3.646  -8.395  2.962   1.00 15.74 ? 9   SER A CB  1 
ATOM   52   O OG  . SER A 1 9   ? -3.808  -7.267  3.803   1.00 13.04 ? 9   SER A OG  1 
ATOM   53   N N   . LEU A 1 10  ? -2.814  -6.822  0.536   1.00 13.93 ? 10  LEU A N   1 
ATOM   54   C CA  . LEU A 1 10  ? -2.840  -5.558  -0.184  1.00 15.66 ? 10  LEU A CA  1 
ATOM   55   C C   . LEU A 1 10  ? -4.280  -5.105  0.026   1.00 14.77 ? 10  LEU A C   1 
ATOM   56   O O   . LEU A 1 10  ? -5.207  -5.875  -0.229  1.00 12.37 ? 10  LEU A O   1 
ATOM   57   C CB  . LEU A 1 10  ? -2.593  -5.773  -1.680  1.00 13.67 ? 10  LEU A CB  1 
ATOM   58   C CG  . LEU A 1 10  ? -2.196  -4.593  -2.583  1.00 19.81 ? 10  LEU A CG  1 
ATOM   59   C CD1 . LEU A 1 10  ? -3.063  -4.596  -3.818  1.00 12.56 ? 10  LEU A CD1 1 
ATOM   60   C CD2 . LEU A 1 10  ? -2.283  -3.257  -1.837  1.00 12.87 ? 10  LEU A CD2 1 
ATOM   61   N N   . THR A 1 11  ? -4.475  -3.882  0.508   1.00 13.43 ? 11  THR A N   1 
ATOM   62   C CA  . THR A 1 11  ? -5.819  -3.385  0.723   1.00 14.46 ? 11  THR A CA  1 
ATOM   63   C C   . THR A 1 11  ? -6.073  -2.108  -0.071  1.00 16.05 ? 11  THR A C   1 
ATOM   64   O O   . THR A 1 11  ? -5.296  -1.162  0.012   1.00 13.77 ? 11  THR A O   1 
ATOM   65   C CB  . THR A 1 11  ? -6.065  -3.106  2.228   1.00 16.92 ? 11  THR A CB  1 
ATOM   66   O OG1 . THR A 1 11  ? -6.011  -4.335  2.960   1.00 15.85 ? 11  THR A OG1 1 
ATOM   67   C CG2 . THR A 1 11  ? -7.424  -2.461  2.440   1.00 13.20 ? 11  THR A CG2 1 
ATOM   68   N N   . LEU A 1 12  ? -7.150  -2.098  -0.854  1.00 16.20 ? 12  LEU A N   1 
ATOM   69   C CA  . LEU A 1 12  ? -7.533  -0.920  -1.633  1.00 16.76 ? 12  LEU A CA  1 
ATOM   70   C C   . LEU A 1 12  ? -8.790  -0.364  -1.018  1.00 16.43 ? 12  LEU A C   1 
ATOM   71   O O   . LEU A 1 12  ? -9.765  -1.097  -0.817  1.00 16.52 ? 12  LEU A O   1 
ATOM   72   C CB  . LEU A 1 12  ? -7.872  -1.251  -3.084  1.00 14.38 ? 12  LEU A CB  1 
ATOM   73   C CG  . LEU A 1 12  ? -7.007  -2.113  -3.989  1.00 18.25 ? 12  LEU A CG  1 
ATOM   74   C CD1 . LEU A 1 12  ? -7.193  -1.607  -5.417  1.00 14.06 ? 12  LEU A CD1 1 
ATOM   75   C CD2 . LEU A 1 12  ? -5.561  -2.106  -3.547  1.00 14.63 ? 12  LEU A CD2 1 
ATOM   76   N N   . ILE A 1 13  ? -8.758  0.927   -0.712  1.00 16.34 ? 13  ILE A N   1 
ATOM   77   C CA  . ILE A 1 13  ? -9.906  1.603   -0.143  1.00 17.58 ? 13  ILE A CA  1 
ATOM   78   C C   . ILE A 1 13  ? -10.299 2.723   -1.099  1.00 19.10 ? 13  ILE A C   1 
ATOM   79   O O   . ILE A 1 13  ? -9.485  3.590   -1.434  1.00 18.13 ? 13  ILE A O   1 
ATOM   80   C CB  . ILE A 1 13  ? -9.599  2.226   1.244   1.00 16.43 ? 13  ILE A CB  1 
ATOM   81   C CG1 . ILE A 1 13  ? -9.230  1.131   2.257   1.00 14.89 ? 13  ILE A CG1 1 
ATOM   82   C CG2 . ILE A 1 13  ? -10.804 3.058   1.714   1.00 14.31 ? 13  ILE A CG2 1 
ATOM   83   C CD1 . ILE A 1 13  ? -10.263 0.036   2.411   1.00 12.24 ? 13  ILE A CD1 1 
ATOM   84   N N   . ASN A 1 14  ? -11.542 2.662   -1.561  1.00 21.21 ? 14  ASN A N   1 
ATOM   85   C CA  . ASN A 1 14  ? -12.096 3.665   -2.450  1.00 21.78 ? 14  ASN A CA  1 
ATOM   86   C C   . ASN A 1 14  ? -11.478 3.800   -3.835  1.00 22.70 ? 14  ASN A C   1 
ATOM   87   O O   . ASN A 1 14  ? -11.546 4.861   -4.444  1.00 20.68 ? 14  ASN A O   1 
ATOM   88   C CB  . ASN A 1 14  ? -12.087 5.024   -1.759  1.00 24.56 ? 14  ASN A CB  1 
ATOM   89   C CG  . ASN A 1 14  ? -13.157 5.937   -2.293  1.00 28.93 ? 14  ASN A CG  1 
ATOM   90   O OD1 . ASN A 1 14  ? -14.095 5.484   -2.970  1.00 29.94 ? 14  ASN A OD1 1 
ATOM   91   N ND2 . ASN A 1 14  ? -13.029 7.231   -2.010  1.00 25.80 ? 14  ASN A ND2 1 
ATOM   92   N N   . TRP A 1 15  ? -10.887 2.729   -4.343  1.00 22.72 ? 15  TRP A N   1 
ATOM   93   C CA  . TRP A 1 15  ? -10.318 2.770   -5.683  1.00 22.48 ? 15  TRP A CA  1 
ATOM   94   C C   . TRP A 1 15  ? -11.472 2.499   -6.652  1.00 24.08 ? 15  TRP A C   1 
ATOM   95   O O   . TRP A 1 15  ? -12.483 1.893   -6.285  1.00 25.64 ? 15  TRP A O   1 
ATOM   96   C CB  . TRP A 1 15  ? -9.231  1.706   -5.852  1.00 18.59 ? 15  TRP A CB  1 
ATOM   97   C CG  . TRP A 1 15  ? -7.925  2.086   -5.227  1.00 17.46 ? 15  TRP A CG  1 
ATOM   98   C CD1 . TRP A 1 15  ? -7.668  2.215   -3.897  1.00 15.50 ? 15  TRP A CD1 1 
ATOM   99   C CD2 . TRP A 1 15  ? -6.701  2.395   -5.910  1.00 16.07 ? 15  TRP A CD2 1 
ATOM   100  N NE1 . TRP A 1 15  ? -6.367  2.584   -3.706  1.00 15.01 ? 15  TRP A NE1 1 
ATOM   101  C CE2 . TRP A 1 15  ? -5.745  2.704   -4.924  1.00 14.56 ? 15  TRP A CE2 1 
ATOM   102  C CE3 . TRP A 1 15  ? -6.318  2.440   -7.261  1.00 16.55 ? 15  TRP A CE3 1 
ATOM   103  C CZ2 . TRP A 1 15  ? -4.419  3.059   -5.239  1.00 16.83 ? 15  TRP A CZ2 1 
ATOM   104  C CZ3 . TRP A 1 15  ? -5.000  2.794   -7.583  1.00 15.14 ? 15  TRP A CZ3 1 
ATOM   105  C CH2 . TRP A 1 15  ? -4.069  3.101   -6.569  1.00 15.14 ? 15  TRP A CH2 1 
ATOM   106  N N   . ASN A 1 16  ? -11.330 2.950   -7.884  1.00 24.31 ? 16  ASN A N   1 
ATOM   107  C CA  . ASN A 1 16  ? -12.380 2.746   -8.858  1.00 26.39 ? 16  ASN A CA  1 
ATOM   108  C C   . ASN A 1 16  ? -12.552 1.251   -9.120  1.00 28.32 ? 16  ASN A C   1 
ATOM   109  O O   . ASN A 1 16  ? -11.712 0.631   -9.774  1.00 30.29 ? 16  ASN A O   1 
ATOM   110  C CB  . ASN A 1 16  ? -12.028 3.477   -10.145 1.00 27.74 ? 16  ASN A CB  1 
ATOM   111  C CG  . ASN A 1 16  ? -13.052 3.274   -11.219 1.00 26.00 ? 16  ASN A CG  1 
ATOM   112  O OD1 . ASN A 1 16  ? -14.215 2.969   -10.941 1.00 30.10 ? 16  ASN A OD1 1 
ATOM   113  N ND2 . ASN A 1 16  ? -12.634 3.449   -12.467 1.00 31.10 ? 16  ASN A ND2 1 
ATOM   114  N N   . GLY A 1 17  ? -13.640 0.680   -8.604  1.00 28.40 ? 17  GLY A N   1 
ATOM   115  C CA  . GLY A 1 17  ? -13.895 -0.738  -8.783  1.00 27.29 ? 17  GLY A CA  1 
ATOM   116  C C   . GLY A 1 17  ? -13.739 -1.504  -7.480  1.00 28.29 ? 17  GLY A C   1 
ATOM   117  O O   . GLY A 1 17  ? -14.227 -2.628  -7.341  1.00 28.74 ? 17  GLY A O   1 
ATOM   118  N N   . PHE A 1 18  ? -13.061 -0.896  -6.508  1.00 28.82 ? 18  PHE A N   1 
ATOM   119  C CA  . PHE A 1 18  ? -12.848 -1.540  -5.206  1.00 27.87 ? 18  PHE A CA  1 
ATOM   120  C C   . PHE A 1 18  ? -13.006 -0.546  -4.064  1.00 25.70 ? 18  PHE A C   1 
ATOM   121  O O   . PHE A 1 18  ? -12.050 0.161   -3.731  1.00 25.12 ? 18  PHE A O   1 
ATOM   122  C CB  . PHE A 1 18  ? -11.444 -2.158  -5.151  1.00 28.59 ? 18  PHE A CB  1 
ATOM   123  C CG  . PHE A 1 18  ? -11.135 -3.054  -6.318  1.00 30.37 ? 18  PHE A CG  1 
ATOM   124  C CD1 . PHE A 1 18  ? -10.584 -2.531  -7.487  1.00 30.70 ? 18  PHE A CD1 1 
ATOM   125  C CD2 . PHE A 1 18  ? -11.432 -4.416  -6.266  1.00 29.83 ? 18  PHE A CD2 1 
ATOM   126  C CE1 . PHE A 1 18  ? -10.336 -3.350  -8.587  1.00 30.01 ? 18  PHE A CE1 1 
ATOM   127  C CE2 . PHE A 1 18  ? -11.187 -5.245  -7.359  1.00 29.53 ? 18  PHE A CE2 1 
ATOM   128  C CZ  . PHE A 1 18  ? -10.640 -4.711  -8.517  1.00 30.84 ? 18  PHE A CZ  1 
ATOM   129  N N   . PHE A 1 19  ? -14.197 -0.486  -3.464  1.00 24.00 ? 19  PHE A N   1 
ATOM   130  C CA  . PHE A 1 19  ? -14.408 0.444   -2.361  1.00 22.31 ? 19  PHE A CA  1 
ATOM   131  C C   . PHE A 1 19  ? -13.627 0.000   -1.147  1.00 20.34 ? 19  PHE A C   1 
ATOM   132  O O   . PHE A 1 19  ? -13.078 0.806   -0.399  1.00 20.98 ? 19  PHE A O   1 
ATOM   133  C CB  . PHE A 1 19  ? -15.872 0.545   -1.956  1.00 21.85 ? 19  PHE A CB  1 
ATOM   134  C CG  . PHE A 1 19  ? -16.089 1.515   -0.826  1.00 23.62 ? 19  PHE A CG  1 
ATOM   135  C CD1 . PHE A 1 19  ? -15.832 2.874   -1.009  1.00 23.89 ? 19  PHE A CD1 1 
ATOM   136  C CD2 . PHE A 1 19  ? -16.435 1.069   0.441   1.00 23.16 ? 19  PHE A CD2 1 
ATOM   137  C CE1 . PHE A 1 19  ? -15.906 3.757   0.045   1.00 19.50 ? 19  PHE A CE1 1 
ATOM   138  C CE2 . PHE A 1 19  ? -16.511 1.952   1.501   1.00 22.31 ? 19  PHE A CE2 1 
ATOM   139  C CZ  . PHE A 1 19  ? -16.242 3.296   1.298   1.00 23.20 ? 19  PHE A CZ  1 
ATOM   140  N N   . ALA A 1 20  ? -13.606 -1.307  -0.955  1.00 20.48 ? 20  ALA A N   1 
ATOM   141  C CA  . ALA A 1 20  ? -12.907 -1.920  0.148   1.00 21.08 ? 20  ALA A CA  1 
ATOM   142  C C   . ALA A 1 20  ? -12.612 -3.331  -0.310  1.00 22.97 ? 20  ALA A C   1 
ATOM   143  O O   . ALA A 1 20  ? -13.516 -4.158  -0.378  1.00 28.04 ? 20  ALA A O   1 
ATOM   144  C CB  . ALA A 1 20  ? -13.796 -1.941  1.389   1.00 21.36 ? 20  ALA A CB  1 
ATOM   145  N N   . ARG A 1 21  ? -11.360 -3.603  -0.648  1.00 21.36 ? 21  ARG A N   1 
ATOM   146  C CA  . ARG A 1 21  ? -10.989 -4.931  -1.096  1.00 18.46 ? 21  ARG A CA  1 
ATOM   147  C C   . ARG A 1 21  ? -9.609  -5.275  -0.567  1.00 20.29 ? 21  ARG A C   1 
ATOM   148  O O   . ARG A 1 21  ? -8.680  -4.489  -0.720  1.00 18.02 ? 21  ARG A O   1 
ATOM   149  C CB  . ARG A 1 21  ? -10.970 -4.969  -2.612  1.00 20.40 ? 21  ARG A CB  1 
ATOM   150  C CG  . ARG A 1 21  ? -10.609 -6.304  -3.166  1.00 23.10 ? 21  ARG A CG  1 
ATOM   151  C CD  . ARG A 1 21  ? -11.764 -7.248  -2.979  1.00 27.89 ? 21  ARG A CD  1 
ATOM   152  N NE  . ARG A 1 21  ? -11.829 -8.218  -4.065  1.00 30.37 ? 21  ARG A NE  1 
ATOM   153  C CZ  . ARG A 1 21  ? -11.118 -9.339  -4.104  1.00 30.69 ? 21  ARG A CZ  1 
ATOM   154  N NH1 . ARG A 1 21  ? -10.278 -9.638  -3.119  1.00 30.80 ? 21  ARG A NH1 1 
ATOM   155  N NH2 . ARG A 1 21  ? -11.246 -10.163 -5.137  1.00 32.75 ? 21  ARG A NH2 1 
ATOM   156  N N   . THR A 1 22  ? -9.482  -6.438  0.065   1.00 18.09 ? 22  THR A N   1 
ATOM   157  C CA  . THR A 1 22  ? -8.202  -6.877  0.592   1.00 19.76 ? 22  THR A CA  1 
ATOM   158  C C   . THR A 1 22  ? -7.811  -8.132  -0.157  1.00 20.20 ? 22  THR A C   1 
ATOM   159  O O   . THR A 1 22  ? -8.646  -8.991  -0.395  1.00 22.43 ? 22  THR A O   1 
ATOM   160  C CB  . THR A 1 22  ? -8.288  -7.202  2.077   1.00 21.92 ? 22  THR A CB  1 
ATOM   161  O OG1 . THR A 1 22  ? -8.473  -5.988  2.815   1.00 27.15 ? 22  THR A OG1 1 
ATOM   162  C CG2 . THR A 1 22  ? -7.001  -7.860  2.548   1.00 23.38 ? 22  THR A CG2 1 
ATOM   163  N N   . PHE A 1 23  ? -6.546  -8.226  -0.547  1.00 19.36 ? 23  PHE A N   1 
ATOM   164  C CA  . PHE A 1 23  ? -6.046  -9.388  -1.277  1.00 20.22 ? 23  PHE A CA  1 
ATOM   165  C C   . PHE A 1 23  ? -4.894  -9.998  -0.488  1.00 21.00 ? 23  PHE A C   1 
ATOM   166  O O   . PHE A 1 23  ? -3.907  -9.308  -0.217  1.00 21.75 ? 23  PHE A O   1 
ATOM   167  C CB  . PHE A 1 23  ? -5.472  -9.001  -2.662  1.00 19.22 ? 23  PHE A CB  1 
ATOM   168  C CG  . PHE A 1 23  ? -6.406  -8.219  -3.544  1.00 20.20 ? 23  PHE A CG  1 
ATOM   169  C CD1 . PHE A 1 23  ? -6.580  -6.843  -3.361  1.00 20.51 ? 23  PHE A CD1 1 
ATOM   170  C CD2 . PHE A 1 23  ? -7.051  -8.836  -4.609  1.00 20.37 ? 23  PHE A CD2 1 
ATOM   171  C CE1 . PHE A 1 23  ? -7.384  -6.083  -4.235  1.00 19.49 ? 23  PHE A CE1 1 
ATOM   172  C CE2 . PHE A 1 23  ? -7.857  -8.092  -5.491  1.00 21.75 ? 23  PHE A CE2 1 
ATOM   173  C CZ  . PHE A 1 23  ? -8.021  -6.709  -5.302  1.00 21.39 ? 23  PHE A CZ  1 
ATOM   174  N N   . ASP A 1 24  ? -4.987  -11.268 -0.105  1.00 20.24 ? 24  ASP A N   1 
ATOM   175  C CA  . ASP A 1 24  ? -3.848  -11.843 0.584   1.00 21.55 ? 24  ASP A CA  1 
ATOM   176  C C   . ASP A 1 24  ? -2.880  -12.301 -0.502  1.00 20.27 ? 24  ASP A C   1 
ATOM   177  O O   . ASP A 1 24  ? -3.168  -12.165 -1.685  1.00 20.33 ? 24  ASP A O   1 
ATOM   178  C CB  . ASP A 1 24  ? -4.254  -12.993 1.525   1.00 24.67 ? 24  ASP A CB  1 
ATOM   179  C CG  . ASP A 1 24  ? -4.836  -14.200 0.803   1.00 28.18 ? 24  ASP A CG  1 
ATOM   180  O OD1 . ASP A 1 24  ? -4.391  -14.560 -0.311  1.00 31.23 ? 24  ASP A OD1 1 
ATOM   181  O OD2 . ASP A 1 24  ? -5.758  -14.810 1.384   1.00 34.35 ? 24  ASP A OD2 1 
ATOM   182  N N   . LEU A 1 25  ? -1.721  -12.808 -0.111  1.00 20.31 ? 25  LEU A N   1 
ATOM   183  C CA  . LEU A 1 25  ? -0.729  -13.272 -1.070  1.00 22.11 ? 25  LEU A CA  1 
ATOM   184  C C   . LEU A 1 25  ? -1.293  -14.094 -2.246  1.00 23.11 ? 25  LEU A C   1 
ATOM   185  O O   . LEU A 1 25  ? -1.105  -13.738 -3.417  1.00 22.57 ? 25  LEU A O   1 
ATOM   186  C CB  . LEU A 1 25  ? 0.314   -14.110 -0.341  1.00 23.89 ? 25  LEU A CB  1 
ATOM   187  C CG  . LEU A 1 25  ? 1.780   -13.768 -0.541  1.00 25.70 ? 25  LEU A CG  1 
ATOM   188  C CD1 . LEU A 1 25  ? 2.593   -14.899 0.043   1.00 28.71 ? 25  LEU A CD1 1 
ATOM   189  C CD2 . LEU A 1 25  ? 2.099   -13.568 -2.019  1.00 26.54 ? 25  LEU A CD2 1 
ATOM   190  N N   . ASP A 1 26  ? -1.982  -15.189 -1.932  1.00 20.50 ? 26  ASP A N   1 
ATOM   191  C CA  . ASP A 1 26  ? -2.514  -16.051 -2.970  1.00 22.29 ? 26  ASP A CA  1 
ATOM   192  C C   . ASP A 1 26  ? -3.425  -15.320 -3.924  1.00 20.64 ? 26  ASP A C   1 
ATOM   193  O O   . ASP A 1 26  ? -3.343  -15.513 -5.130  1.00 20.46 ? 26  ASP A O   1 
ATOM   194  C CB  . ASP A 1 26  ? -3.241  -17.234 -2.350  1.00 25.69 ? 26  ASP A CB  1 
ATOM   195  C CG  . ASP A 1 26  ? -2.317  -18.097 -1.507  1.00 30.82 ? 26  ASP A CG  1 
ATOM   196  O OD1 . ASP A 1 26  ? -1.255  -18.545 -2.007  1.00 30.90 ? 26  ASP A OD1 1 
ATOM   197  O OD2 . ASP A 1 26  ? -2.655  -18.323 -0.325  1.00 37.34 ? 26  ASP A OD2 1 
ATOM   198  N N   . GLU A 1 27  ? -4.286  -14.466 -3.391  1.00 19.37 ? 27  GLU A N   1 
ATOM   199  C CA  . GLU A 1 27  ? -5.199  -13.710 -4.237  1.00 21.04 ? 27  GLU A CA  1 
ATOM   200  C C   . GLU A 1 27  ? -4.463  -12.630 -5.043  1.00 17.45 ? 27  GLU A C   1 
ATOM   201  O O   . GLU A 1 27  ? -4.775  -12.399 -6.201  1.00 20.86 ? 27  GLU A O   1 
ATOM   202  C CB  . GLU A 1 27  ? -6.317  -13.084 -3.392  1.00 20.59 ? 27  GLU A CB  1 
ATOM   203  C CG  . GLU A 1 27  ? -7.117  -14.085 -2.564  1.00 29.46 ? 27  GLU A CG  1 
ATOM   204  C CD  . GLU A 1 27  ? -7.916  -13.421 -1.434  1.00 30.81 ? 27  GLU A CD  1 
ATOM   205  O OE1 . GLU A 1 27  ? -8.905  -12.709 -1.725  1.00 38.89 ? 27  GLU A OE1 1 
ATOM   206  O OE2 . GLU A 1 27  ? -7.563  -13.609 -0.248  1.00 36.66 ? 27  GLU A OE2 1 
ATOM   207  N N   . LEU A 1 28  ? -3.487  -11.973 -4.434  1.00 16.52 ? 28  LEU A N   1 
ATOM   208  C CA  . LEU A 1 28  ? -2.718  -10.943 -5.120  1.00 14.97 ? 28  LEU A CA  1 
ATOM   209  C C   . LEU A 1 28  ? -2.030  -11.568 -6.312  1.00 12.77 ? 28  LEU A C   1 
ATOM   210  O O   . LEU A 1 28  ? -2.171  -11.089 -7.419  1.00 16.89 ? 28  LEU A O   1 
ATOM   211  C CB  . LEU A 1 28  ? -1.647  -10.350 -4.192  1.00 16.64 ? 28  LEU A CB  1 
ATOM   212  C CG  . LEU A 1 28  ? -1.340  -8.843  -4.188  1.00 18.89 ? 28  LEU A CG  1 
ATOM   213  C CD1 . LEU A 1 28  ? 0.160   -8.624  -4.010  1.00 15.52 ? 28  LEU A CD1 1 
ATOM   214  C CD2 . LEU A 1 28  ? -1.821  -8.203  -5.475  1.00 18.22 ? 28  LEU A CD2 1 
ATOM   215  N N   . VAL A 1 29  ? -1.282  -12.643 -6.077  1.00 16.06 ? 29  VAL A N   1 
ATOM   216  C CA  . VAL A 1 29  ? -0.550  -13.337 -7.146  1.00 16.50 ? 29  VAL A CA  1 
ATOM   217  C C   . VAL A 1 29  ? -1.494  -13.815 -8.242  1.00 18.97 ? 29  VAL A C   1 
ATOM   218  O O   . VAL A 1 29  ? -1.236  -13.638 -9.422  1.00 21.18 ? 29  VAL A O   1 
ATOM   219  C CB  . VAL A 1 29  ? 0.198   -14.575 -6.605  1.00 18.49 ? 29  VAL A CB  1 
ATOM   220  C CG1 . VAL A 1 29  ? 0.981   -15.230 -7.721  1.00 19.93 ? 29  VAL A CG1 1 
ATOM   221  C CG2 . VAL A 1 29  ? 1.121   -14.186 -5.458  1.00 18.69 ? 29  VAL A CG2 1 
ATOM   222  N N   . THR A 1 30  ? -2.587  -14.437 -7.838  1.00 18.01 ? 30  THR A N   1 
ATOM   223  C CA  . THR A 1 30  ? -3.584  -14.933 -8.765  1.00 20.87 ? 30  THR A CA  1 
ATOM   224  C C   . THR A 1 30  ? -4.161  -13.779 -9.623  1.00 19.32 ? 30  THR A C   1 
ATOM   225  O O   . THR A 1 30  ? -4.248  -13.873 -10.852 1.00 18.38 ? 30  THR A O   1 
ATOM   226  C CB  . THR A 1 30  ? -4.677  -15.694 -7.932  1.00 23.03 ? 30  THR A CB  1 
ATOM   227  O OG1 . THR A 1 30  ? -4.450  -17.105 -8.051  1.00 25.94 ? 30  THR A OG1 1 
ATOM   228  C CG2 . THR A 1 30  ? -6.079  -15.346 -8.366  1.00 21.74 ? 30  THR A CG2 1 
ATOM   229  N N   . THR A 1 31  ? -4.535  -12.679 -8.984  1.00 18.18 ? 31  THR A N   1 
ATOM   230  C CA  . THR A 1 31  ? -5.077  -11.531 -9.712  1.00 19.27 ? 31  THR A CA  1 
ATOM   231  C C   . THR A 1 31  ? -4.086  -10.874 -10.670 1.00 18.45 ? 31  THR A C   1 
ATOM   232  O O   . THR A 1 31  ? -4.452  -10.476 -11.772 1.00 19.50 ? 31  THR A O   1 
ATOM   233  C CB  . THR A 1 31  ? -5.564  -10.456 -8.749  1.00 18.54 ? 31  THR A CB  1 
ATOM   234  O OG1 . THR A 1 31  ? -6.647  -10.983 -7.982  1.00 23.92 ? 31  THR A OG1 1 
ATOM   235  C CG2 . THR A 1 31  ? -6.030  -9.224  -9.511  1.00 18.45 ? 31  THR A CG2 1 
ATOM   236  N N   . LEU A 1 32  ? -2.840  -10.734 -10.237 1.00 19.75 ? 32  LEU A N   1 
ATOM   237  C CA  . LEU A 1 32  ? -1.812  -10.117 -11.063 1.00 21.68 ? 32  LEU A CA  1 
ATOM   238  C C   . LEU A 1 32  ? -1.365  -11.006 -12.219 1.00 24.69 ? 32  LEU A C   1 
ATOM   239  O O   . LEU A 1 32  ? -0.838  -10.514 -13.207 1.00 27.14 ? 32  LEU A O   1 
ATOM   240  C CB  . LEU A 1 32  ? -0.602  -9.754  -10.201 1.00 20.06 ? 32  LEU A CB  1 
ATOM   241  C CG  . LEU A 1 32  ? -0.560  -8.368  -9.551  1.00 22.03 ? 32  LEU A CG  1 
ATOM   242  C CD1 . LEU A 1 32  ? -1.930  -7.721  -9.559  1.00 22.60 ? 32  LEU A CD1 1 
ATOM   243  C CD2 . LEU A 1 32  ? -0.054  -8.505  -8.136  1.00 21.66 ? 32  LEU A CD2 1 
ATOM   244  N N   . SER A 1 33  ? -1.588  -12.311 -12.096 1.00 28.75 ? 33  SER A N   1 
ATOM   245  C CA  . SER A 1 33  ? -1.191  -13.276 -13.112 1.00 32.92 ? 33  SER A CA  1 
ATOM   246  C C   . SER A 1 33  ? -2.254  -13.605 -14.135 1.00 34.25 ? 33  SER A C   1 
ATOM   247  O O   . SER A 1 33  ? -1.928  -13.997 -15.251 1.00 36.90 ? 33  SER A O   1 
ATOM   248  C CB  . SER A 1 33  ? -0.762  -14.573 -12.444 1.00 30.80 ? 33  SER A CB  1 
ATOM   249  O OG  . SER A 1 33  ? 0.615   -14.528 -12.144 1.00 39.14 ? 33  SER A OG  1 
ATOM   250  N N   . GLY A 1 34  ? -3.518  -13.460 -13.747 1.00 37.34 ? 34  GLY A N   1 
ATOM   251  C CA  . GLY A 1 34  ? -4.620  -13.768 -14.642 1.00 41.80 ? 34  GLY A CA  1 
ATOM   252  C C   . GLY A 1 34  ? -4.979  -12.742 -15.700 1.00 45.52 ? 34  GLY A C   1 
ATOM   253  O O   . GLY A 1 34  ? -4.128  -11.973 -16.162 1.00 43.49 ? 34  GLY A O   1 
ATOM   254  N N   . GLY A 1 35  ? -6.255  -12.750 -16.090 1.00 49.07 ? 35  GLY A N   1 
ATOM   255  C CA  . GLY A 1 35  ? -6.763  -11.832 -17.099 1.00 52.94 ? 35  GLY A CA  1 
ATOM   256  C C   . GLY A 1 35  ? -6.184  -10.429 -17.059 1.00 54.98 ? 35  GLY A C   1 
ATOM   257  O O   . GLY A 1 35  ? -5.853  -9.921  -15.986 1.00 55.54 ? 35  GLY A O   1 
ATOM   258  N N   . ASN A 1 36  ? -6.089  -9.800  -18.234 1.00 57.68 ? 36  ASN A N   1 
ATOM   259  C CA  . ASN A 1 36  ? -5.529  -8.452  -18.371 1.00 59.93 ? 36  ASN A CA  1 
ATOM   260  C C   . ASN A 1 36  ? -6.437  -7.231  -18.130 1.00 58.93 ? 36  ASN A C   1 
ATOM   261  O O   . ASN A 1 36  ? -5.951  -6.091  -18.128 1.00 61.20 ? 36  ASN A O   1 
ATOM   262  C CB  . ASN A 1 36  ? -4.874  -8.312  -19.748 1.00 62.59 ? 36  ASN A CB  1 
ATOM   263  C CG  . ASN A 1 36  ? -3.379  -8.036  -19.655 1.00 65.28 ? 36  ASN A CG  1 
ATOM   264  O OD1 . ASN A 1 36  ? -2.596  -8.535  -20.466 1.00 67.78 ? 36  ASN A OD1 1 
ATOM   265  N ND2 . ASN A 1 36  ? -2.972  -7.236  -18.661 1.00 66.91 ? 36  ASN A ND2 1 
ATOM   266  N N   . GLY A 1 37  ? -7.730  -7.455  -17.910 1.00 55.71 ? 37  GLY A N   1 
ATOM   267  C CA  . GLY A 1 37  ? -8.662  -6.353  -17.682 1.00 51.90 ? 37  GLY A CA  1 
ATOM   268  C C   . GLY A 1 37  ? -8.374  -5.228  -16.687 1.00 48.77 ? 37  GLY A C   1 
ATOM   269  O O   . GLY A 1 37  ? -7.254  -5.028  -16.212 1.00 48.54 ? 37  GLY A O   1 
ATOM   270  N N   . ALA A 1 38  ? -9.426  -4.481  -16.374 1.00 46.64 ? 38  ALA A N   1 
ATOM   271  C CA  . ALA A 1 38  ? -9.340  -3.352  -15.455 1.00 44.38 ? 38  ALA A CA  1 
ATOM   272  C C   . ALA A 1 38  ? -9.023  -3.725  -14.007 1.00 42.66 ? 38  ALA A C   1 
ATOM   273  O O   . ALA A 1 38  ? -8.312  -2.989  -13.321 1.00 41.63 ? 38  ALA A O   1 
ATOM   274  C CB  . ALA A 1 38  ? -10.639 -2.548  -15.505 1.00 45.46 ? 38  ALA A CB  1 
ATOM   275  N N   . GLY A 1 39  ? -9.557  -4.851  -13.537 1.00 40.59 ? 39  GLY A N   1 
ATOM   276  C CA  . GLY A 1 39  ? -9.306  -5.273  -12.164 1.00 34.43 ? 39  GLY A CA  1 
ATOM   277  C C   . GLY A 1 39  ? -7.825  -5.465  -11.895 1.00 32.45 ? 39  GLY A C   1 
ATOM   278  O O   . GLY A 1 39  ? -7.277  -4.908  -10.952 1.00 32.15 ? 39  GLY A O   1 
ATOM   279  N N   . LYS A 1 40  ? -7.177  -6.259  -12.742 1.00 30.65 ? 40  LYS A N   1 
ATOM   280  C CA  . LYS A 1 40  ? -5.751  -6.525  -12.627 1.00 27.93 ? 40  LYS A CA  1 
ATOM   281  C C   . LYS A 1 40  ? -4.976  -5.206  -12.666 1.00 27.36 ? 40  LYS A C   1 
ATOM   282  O O   . LYS A 1 40  ? -4.148  -4.925  -11.809 1.00 27.36 ? 40  LYS A O   1 
ATOM   283  C CB  . LYS A 1 40  ? -5.293  -7.423  -13.786 1.00 25.72 ? 40  LYS A CB  1 
ATOM   284  C CG  . LYS A 1 40  ? -3.793  -7.686  -13.804 1.00 25.86 ? 40  LYS A CG  1 
ATOM   285  C CD  . LYS A 1 40  ? -3.350  -8.442  -15.034 1.00 26.72 ? 40  LYS A CD  1 
ATOM   286  C CE  . LYS A 1 40  ? -1.966  -7.999  -15.467 1.00 28.99 ? 40  LYS A CE  1 
ATOM   287  N NZ  . LYS A 1 40  ? -1.133  -9.097  -16.078 1.00 34.85 ? 40  LYS A NZ  1 
ATOM   288  N N   . SER A 1 41  ? -5.268  -4.395  -13.669 1.00 26.40 ? 41  SER A N   1 
ATOM   289  C CA  . SER A 1 41  ? -4.597  -3.127  -13.849 1.00 27.02 ? 41  SER A CA  1 
ATOM   290  C C   . SER A 1 41  ? -4.773  -2.157  -12.675 1.00 25.31 ? 41  SER A C   1 
ATOM   291  O O   . SER A 1 41  ? -3.846  -1.426  -12.309 1.00 23.56 ? 41  SER A O   1 
ATOM   292  C CB  . SER A 1 41  ? -5.087  -2.501  -15.153 1.00 26.54 ? 41  SER A CB  1 
ATOM   293  O OG  . SER A 1 41  ? -4.761  -1.129  -15.194 1.00 37.66 ? 41  SER A OG  1 
ATOM   294  N N   . THR A 1 42  ? -5.959  -2.152  -12.073 1.00 22.88 ? 42  THR A N   1 
ATOM   295  C CA  . THR A 1 42  ? -6.204  -1.259  -10.943 1.00 22.87 ? 42  THR A CA  1 
ATOM   296  C C   . THR A 1 42  ? -5.475  -1.750  -9.701  1.00 20.21 ? 42  THR A C   1 
ATOM   297  O O   . THR A 1 42  ? -4.992  -0.956  -8.910  1.00 18.21 ? 42  THR A O   1 
ATOM   298  C CB  . THR A 1 42  ? -7.734  -1.114  -10.650 1.00 23.00 ? 42  THR A CB  1 
ATOM   299  O OG1 . THR A 1 42  ? -8.344  -0.312  -11.672 1.00 24.11 ? 42  THR A OG1 1 
ATOM   300  C CG2 . THR A 1 42  ? -7.972  -0.444  -9.300  1.00 21.53 ? 42  THR A CG2 1 
ATOM   301  N N   . THR A 1 43  ? -5.400  -3.069  -9.549  1.00 21.82 ? 43  THR A N   1 
ATOM   302  C CA  . THR A 1 43  ? -4.737  -3.711  -8.411  1.00 19.83 ? 43  THR A CA  1 
ATOM   303  C C   . THR A 1 43  ? -3.220  -3.512  -8.451  1.00 19.01 ? 43  THR A C   1 
ATOM   304  O O   . THR A 1 43  ? -2.579  -3.315  -7.424  1.00 16.25 ? 43  THR A O   1 
ATOM   305  C CB  . THR A 1 43  ? -5.071  -5.225  -8.391  1.00 21.70 ? 43  THR A CB  1 
ATOM   306  O OG1 . THR A 1 43  ? -6.458  -5.398  -8.087  1.00 22.60 ? 43  THR A OG1 1 
ATOM   307  C CG2 . THR A 1 43  ? -4.255  -5.954  -7.352  1.00 21.29 ? 43  THR A CG2 1 
ATOM   308  N N   . MET A 1 44  ? -2.640  -3.575  -9.640  1.00 20.81 ? 44  MET A N   1 
ATOM   309  C CA  . MET A 1 44  ? -1.206  -3.378  -9.748  1.00 22.74 ? 44  MET A CA  1 
ATOM   310  C C   . MET A 1 44  ? -0.857  -1.948  -9.439  1.00 19.83 ? 44  MET A C   1 
ATOM   311  O O   . MET A 1 44  ? 0.139   -1.678  -8.796  1.00 22.89 ? 44  MET A O   1 
ATOM   312  C CB  . MET A 1 44  ? -0.720  -3.724  -11.136 1.00 27.64 ? 44  MET A CB  1 
ATOM   313  C CG  . MET A 1 44  ? 0.726   -4.185  -11.137 1.00 33.70 ? 44  MET A CG  1 
ATOM   314  S SD  . MET A 1 44  ? 1.345   -4.249  -13.063 1.00 52.44 ? 44  MET A SD  1 
ATOM   315  C CE  . MET A 1 44  ? 1.413   -2.468  -13.382 1.00 42.67 ? 44  MET A CE  1 
ATOM   316  N N   . ALA A 1 45  ? -1.677  -1.022  -9.906  1.00 18.88 ? 45  ALA A N   1 
ATOM   317  C CA  . ALA A 1 45  ? -1.437  0.385   -9.641  1.00 17.53 ? 45  ALA A CA  1 
ATOM   318  C C   . ALA A 1 45  ? -1.414  0.585   -8.127  1.00 16.09 ? 45  ALA A C   1 
ATOM   319  O O   . ALA A 1 45  ? -0.507  1.210   -7.593  1.00 16.49 ? 45  ALA A O   1 
ATOM   320  C CB  . ALA A 1 45  ? -2.546  1.249   -10.297 1.00 14.97 ? 45  ALA A CB  1 
ATOM   321  N N   . ALA A 1 46  ? -2.403  0.034   -7.432  1.00 14.61 ? 46  ALA A N   1 
ATOM   322  C CA  . ALA A 1 46  ? -2.459  0.170   -5.984  1.00 14.62 ? 46  ALA A CA  1 
ATOM   323  C C   . ALA A 1 46  ? -1.247  -0.445  -5.320  1.00 15.02 ? 46  ALA A C   1 
ATOM   324  O O   . ALA A 1 46  ? -0.685  0.124   -4.389  1.00 13.94 ? 46  ALA A O   1 
ATOM   325  C CB  . ALA A 1 46  ? -3.725  -0.474  -5.440  1.00 16.12 ? 46  ALA A CB  1 
ATOM   326  N N   . PHE A 1 47  ? -0.844  -1.618  -5.791  1.00 16.01 ? 47  PHE A N   1 
ATOM   327  C CA  . PHE A 1 47  ? 0.319   -2.276  -5.212  1.00 16.34 ? 47  PHE A CA  1 
ATOM   328  C C   . PHE A 1 47  ? 1.607   -1.477  -5.438  1.00 17.33 ? 47  PHE A C   1 
ATOM   329  O O   . PHE A 1 47  ? 2.375   -1.233  -4.518  1.00 16.59 ? 47  PHE A O   1 
ATOM   330  C CB  . PHE A 1 47  ? 0.496   -3.684  -5.801  1.00 16.87 ? 47  PHE A CB  1 
ATOM   331  C CG  . PHE A 1 47  ? 1.719   -4.398  -5.284  1.00 18.15 ? 47  PHE A CG  1 
ATOM   332  C CD1 . PHE A 1 47  ? 1.728   -4.949  -3.994  1.00 15.47 ? 47  PHE A CD1 1 
ATOM   333  C CD2 . PHE A 1 47  ? 2.883   -4.452  -6.045  1.00 17.58 ? 47  PHE A CD2 1 
ATOM   334  C CE1 . PHE A 1 47  ? 2.866   -5.529  -3.475  1.00 15.23 ? 47  PHE A CE1 1 
ATOM   335  C CE2 . PHE A 1 47  ? 4.040   -5.037  -5.519  1.00 15.16 ? 47  PHE A CE2 1 
ATOM   336  C CZ  . PHE A 1 47  ? 4.024   -5.574  -4.233  1.00 16.42 ? 47  PHE A CZ  1 
ATOM   337  N N   . VAL A 1 48  ? 1.844   -1.090  -6.680  1.00 17.54 ? 48  VAL A N   1 
ATOM   338  C CA  . VAL A 1 48  ? 3.036   -0.344  -7.030  1.00 18.07 ? 48  VAL A CA  1 
ATOM   339  C C   . VAL A 1 48  ? 3.080   1.059   -6.395  1.00 20.94 ? 48  VAL A C   1 
ATOM   340  O O   . VAL A 1 48  ? 4.154   1.571   -6.062  1.00 19.82 ? 48  VAL A O   1 
ATOM   341  C CB  . VAL A 1 48  ? 3.134   -0.236  -8.564  1.00 19.79 ? 48  VAL A CB  1 
ATOM   342  C CG1 . VAL A 1 48  ? 4.268   0.675   -8.934  1.00 20.37 ? 48  VAL A CG1 1 
ATOM   343  C CG2 . VAL A 1 48  ? 3.330   -1.629  -9.171  1.00 15.53 ? 48  VAL A CG2 1 
ATOM   344  N N   . THR A 1 49  ? 1.913   1.677   -6.227  1.00 21.21 ? 49  THR A N   1 
ATOM   345  C CA  . THR A 1 49  ? 1.830   3.001   -5.632  1.00 18.96 ? 49  THR A CA  1 
ATOM   346  C C   . THR A 1 49  ? 2.134   2.980   -4.141  1.00 17.24 ? 49  THR A C   1 
ATOM   347  O O   . THR A 1 49  ? 2.682   3.928   -3.606  1.00 19.68 ? 49  THR A O   1 
ATOM   348  C CB  . THR A 1 49  ? 0.440   3.611   -5.857  1.00 21.42 ? 49  THR A CB  1 
ATOM   349  O OG1 . THR A 1 49  ? 0.161   3.639   -7.262  1.00 19.45 ? 49  THR A OG1 1 
ATOM   350  C CG2 . THR A 1 49  ? 0.380   5.034   -5.303  1.00 19.10 ? 49  THR A CG2 1 
ATOM   351  N N   . ALA A 1 50  ? 1.775   1.907   -3.458  1.00 17.03 ? 50  ALA A N   1 
ATOM   352  C CA  . ALA A 1 50  ? 2.060   1.815   -2.033  1.00 19.26 ? 50  ALA A CA  1 
ATOM   353  C C   . ALA A 1 50  ? 3.549   1.555   -1.799  1.00 17.73 ? 50  ALA A C   1 
ATOM   354  O O   . ALA A 1 50  ? 4.131   2.016   -0.825  1.00 18.35 ? 50  ALA A O   1 
ATOM   355  C CB  . ALA A 1 50  ? 1.208   0.697   -1.401  1.00 16.80 ? 50  ALA A CB  1 
ATOM   356  N N   . LEU A 1 51  ? 4.155   0.809   -2.709  1.00 20.09 ? 51  LEU A N   1 
ATOM   357  C CA  . LEU A 1 51  ? 5.568   0.448   -2.637  1.00 20.76 ? 51  LEU A CA  1 
ATOM   358  C C   . LEU A 1 51  ? 6.498   1.579   -3.034  1.00 20.98 ? 51  LEU A C   1 
ATOM   359  O O   . LEU A 1 51  ? 7.516   1.795   -2.394  1.00 20.50 ? 51  LEU A O   1 
ATOM   360  C CB  . LEU A 1 51  ? 5.837   -0.723  -3.569  1.00 21.43 ? 51  LEU A CB  1 
ATOM   361  C CG  . LEU A 1 51  ? 6.259   -2.073  -3.014  1.00 25.88 ? 51  LEU A CG  1 
ATOM   362  C CD1 . LEU A 1 51  ? 7.097   -2.733  -4.109  1.00 24.89 ? 51  LEU A CD1 1 
ATOM   363  C CD2 . LEU A 1 51  ? 7.026   -1.948  -1.699  1.00 19.74 ? 51  LEU A CD2 1 
ATOM   364  N N   . ILE A 1 52  ? 6.151   2.270   -4.121  1.00 22.24 ? 52  ILE A N   1 
ATOM   365  C CA  . ILE A 1 52  ? 6.934   3.387   -4.656  1.00 23.15 ? 52  ILE A CA  1 
ATOM   366  C C   . ILE A 1 52  ? 5.987   4.549   -4.908  1.00 23.81 ? 52  ILE A C   1 
ATOM   367  O O   . ILE A 1 52  ? 5.588   4.798   -6.048  1.00 25.00 ? 52  ILE A O   1 
ATOM   368  C CB  . ILE A 1 52  ? 7.610   2.990   -5.995  1.00 23.39 ? 52  ILE A CB  1 
ATOM   369  C CG1 . ILE A 1 52  ? 8.233   1.595   -5.873  1.00 23.23 ? 52  ILE A CG1 1 
ATOM   370  C CG2 . ILE A 1 52  ? 8.672   4.010   -6.368  1.00 25.26 ? 52  ILE A CG2 1 
ATOM   371  C CD1 . ILE A 1 52  ? 8.480   0.911   -7.200  1.00 21.73 ? 52  ILE A CD1 1 
ATOM   372  N N   . PRO A 1 53  ? 5.628   5.294   -3.844  1.00 25.46 ? 53  PRO A N   1 
ATOM   373  C CA  . PRO A 1 53  ? 4.710   6.436   -3.952  1.00 27.50 ? 53  PRO A CA  1 
ATOM   374  C C   . PRO A 1 53  ? 5.410   7.639   -4.588  1.00 31.91 ? 53  PRO A C   1 
ATOM   375  O O   . PRO A 1 53  ? 5.689   8.640   -3.920  1.00 35.98 ? 53  PRO A O   1 
ATOM   376  C CB  . PRO A 1 53  ? 4.305   6.691   -2.504  1.00 23.57 ? 53  PRO A CB  1 
ATOM   377  C CG  . PRO A 1 53  ? 5.495   6.256   -1.717  1.00 24.72 ? 53  PRO A CG  1 
ATOM   378  C CD  . PRO A 1 53  ? 6.128   5.121   -2.466  1.00 23.97 ? 53  PRO A CD  1 
ATOM   379  N N   . ASP A 1 54  ? 5.679   7.531   -5.883  1.00 32.43 ? 54  ASP A N   1 
ATOM   380  C CA  . ASP A 1 54  ? 6.395   8.566   -6.588  1.00 32.70 ? 54  ASP A CA  1 
ATOM   381  C C   . ASP A 1 54  ? 5.738   8.875   -7.921  1.00 33.70 ? 54  ASP A C   1 
ATOM   382  O O   . ASP A 1 54  ? 5.955   8.198   -8.912  1.00 31.30 ? 54  ASP A O   1 
ATOM   383  C CB  . ASP A 1 54  ? 7.833   8.094   -6.776  1.00 36.15 ? 54  ASP A CB  1 
ATOM   384  C CG  . ASP A 1 54  ? 8.736   9.172   -7.321  1.00 37.97 ? 54  ASP A CG  1 
ATOM   385  O OD1 . ASP A 1 54  ? 8.217   10.115  -7.960  1.00 40.95 ? 54  ASP A OD1 1 
ATOM   386  O OD2 . ASP A 1 54  ? 9.967   9.064   -7.116  1.00 40.38 ? 54  ASP A OD2 1 
ATOM   387  N N   . LEU A 1 55  ? 4.919   9.914   -7.918  1.00 37.98 ? 55  LEU A N   1 
ATOM   388  C CA  . LEU A 1 55  ? 4.181   10.366  -9.091  1.00 40.70 ? 55  LEU A CA  1 
ATOM   389  C C   . LEU A 1 55  ? 5.031   10.570  -10.342 1.00 42.69 ? 55  LEU A C   1 
ATOM   390  O O   . LEU A 1 55  ? 4.497   10.696  -11.446 1.00 43.83 ? 55  LEU A O   1 
ATOM   391  C CB  . LEU A 1 55  ? 3.451   11.669  -8.754  1.00 40.85 ? 55  LEU A CB  1 
ATOM   392  C CG  . LEU A 1 55  ? 2.438   11.560  -7.610  1.00 42.07 ? 55  LEU A CG  1 
ATOM   393  C CD1 . LEU A 1 55  ? 1.872   12.930  -7.246  1.00 40.89 ? 55  LEU A CD1 1 
ATOM   394  C CD2 . LEU A 1 55  ? 1.332   10.614  -8.050  1.00 40.45 ? 55  LEU A CD2 1 
ATOM   395  N N   . THR A 1 56  ? 6.346   10.602  -10.176 1.00 45.41 ? 56  THR A N   1 
ATOM   396  C CA  . THR A 1 56  ? 7.237   10.802  -11.307 1.00 48.06 ? 56  THR A CA  1 
ATOM   397  C C   . THR A 1 56  ? 7.578   9.485   -11.974 1.00 49.72 ? 56  THR A C   1 
ATOM   398  O O   . THR A 1 56  ? 8.041   9.466   -13.107 1.00 50.13 ? 56  THR A O   1 
ATOM   399  C CB  . THR A 1 56  ? 8.544   11.449  -10.861 1.00 47.81 ? 56  THR A CB  1 
ATOM   400  O OG1 . THR A 1 56  ? 8.270   12.717  -10.252 1.00 48.20 ? 56  THR A OG1 1 
ATOM   401  C CG2 . THR A 1 56  ? 9.464   11.644  -12.041 1.00 49.62 ? 56  THR A CG2 1 
ATOM   402  N N   . LEU A 1 57  ? 7.330   8.392   -11.259 1.00 52.66 ? 57  LEU A N   1 
ATOM   403  C CA  . LEU A 1 57  ? 7.634   7.050   -11.744 1.00 55.10 ? 57  LEU A CA  1 
ATOM   404  C C   . LEU A 1 57  ? 6.477   6.245   -12.311 1.00 57.84 ? 57  LEU A C   1 
ATOM   405  O O   . LEU A 1 57  ? 6.693   5.275   -13.029 1.00 57.10 ? 57  LEU A O   1 
ATOM   406  C CB  . LEU A 1 57  ? 8.289   6.235   -10.630 1.00 52.75 ? 57  LEU A CB  1 
ATOM   407  C CG  . LEU A 1 57  ? 9.665   6.711   -10.182 1.00 51.02 ? 57  LEU A CG  1 
ATOM   408  C CD1 . LEU A 1 57  ? 10.143  5.885   -9.010  1.00 50.36 ? 57  LEU A CD1 1 
ATOM   409  C CD2 . LEU A 1 57  ? 10.623  6.612   -11.347 1.00 51.21 ? 57  LEU A CD2 1 
ATOM   410  N N   . LEU A 1 58  ? 5.252   6.637   -12.001 1.00 62.27 ? 58  LEU A N   1 
ATOM   411  C CA  . LEU A 1 58  ? 4.121   5.879   -12.516 1.00 68.49 ? 58  LEU A CA  1 
ATOM   412  C C   . LEU A 1 58  ? 3.686   6.369   -13.894 1.00 69.76 ? 58  LEU A C   1 
ATOM   413  O O   . LEU A 1 58  ? 4.583   6.714   -14.692 1.00 73.21 ? 58  LEU A O   1 
ATOM   414  C CB  . LEU A 1 58  ? 2.943   5.952   -11.558 1.00 68.93 ? 58  LEU A CB  1 
ATOM   415  C CG  . LEU A 1 58  ? 2.796   7.253   -10.774 1.00 70.74 ? 58  LEU A CG  1 
ATOM   416  C CD1 . LEU A 1 58  ? 2.357   8.422   -11.663 1.00 70.42 ? 58  LEU A CD1 1 
ATOM   417  C CD2 . LEU A 1 58  ? 1.790   7.003   -9.707  1.00 71.25 ? 58  LEU A CD2 1 
ATOM   418  N N   . LEU A 1 77  ? -3.356  7.679   -13.093 1.00 29.34 ? 77  LEU A N   1 
ATOM   419  C CA  . LEU A 1 77  ? -3.680  7.299   -11.694 1.00 32.61 ? 77  LEU A CA  1 
ATOM   420  C C   . LEU A 1 77  ? -5.052  7.829   -11.283 1.00 33.09 ? 77  LEU A C   1 
ATOM   421  O O   . LEU A 1 77  ? -5.819  7.157   -10.578 1.00 32.56 ? 77  LEU A O   1 
ATOM   422  C CB  . LEU A 1 77  ? -2.617  7.863   -10.734 1.00 31.03 ? 77  LEU A CB  1 
ATOM   423  C CG  . LEU A 1 77  ? -2.233  7.122   -9.438  1.00 30.80 ? 77  LEU A CG  1 
ATOM   424  C CD1 . LEU A 1 77  ? -2.177  8.122   -8.292  1.00 29.71 ? 77  LEU A CD1 1 
ATOM   425  C CD2 . LEU A 1 77  ? -3.217  6.009   -9.123  1.00 30.19 ? 77  LEU A CD2 1 
ATOM   426  N N   . HIS A 1 78  ? -5.354  9.037   -11.738 1.00 33.04 ? 78  HIS A N   1 
ATOM   427  C CA  . HIS A 1 78  ? -6.603  9.695   -11.407 1.00 31.17 ? 78  HIS A CA  1 
ATOM   428  C C   . HIS A 1 78  ? -7.876  8.883   -11.711 1.00 31.27 ? 78  HIS A C   1 
ATOM   429  O O   . HIS A 1 78  ? -8.775  8.786   -10.876 1.00 30.51 ? 78  HIS A O   1 
ATOM   430  C CB  . HIS A 1 78  ? -6.642  11.044  -12.123 1.00 30.70 ? 78  HIS A CB  1 
ATOM   431  C CG  . HIS A 1 78  ? -7.908  11.807  -11.902 1.00 30.74 ? 78  HIS A CG  1 
ATOM   432  N ND1 . HIS A 1 78  ? -8.052  12.740  -10.897 1.00 33.18 ? 78  HIS A ND1 1 
ATOM   433  C CD2 . HIS A 1 78  ? -9.104  11.746  -12.537 1.00 29.16 ? 78  HIS A CD2 1 
ATOM   434  C CE1 . HIS A 1 78  ? -9.280  13.221  -10.922 1.00 29.64 ? 78  HIS A CE1 1 
ATOM   435  N NE2 . HIS A 1 78  ? -9.939  12.636  -11.909 1.00 31.48 ? 78  HIS A NE2 1 
ATOM   436  N N   . GLY A 1 79  ? -7.950  8.291   -12.896 1.00 30.52 ? 79  GLY A N   1 
ATOM   437  C CA  . GLY A 1 79  ? -9.138  7.532   -13.247 1.00 29.23 ? 79  GLY A CA  1 
ATOM   438  C C   . GLY A 1 79  ? -9.229  6.200   -12.541 1.00 28.86 ? 79  GLY A C   1 
ATOM   439  O O   . GLY A 1 79  ? -10.254 5.530   -12.591 1.00 28.87 ? 79  GLY A O   1 
ATOM   440  N N   . LYS A 1 80  ? -8.150  5.817   -11.873 1.00 28.10 ? 80  LYS A N   1 
ATOM   441  C CA  . LYS A 1 80  ? -8.116  4.563   -11.135 1.00 27.23 ? 80  LYS A CA  1 
ATOM   442  C C   . LYS A 1 80  ? -8.747  4.727   -9.746  1.00 27.81 ? 80  LYS A C   1 
ATOM   443  O O   . LYS A 1 80  ? -9.118  3.750   -9.103  1.00 27.49 ? 80  LYS A O   1 
ATOM   444  C CB  . LYS A 1 80  ? -6.667  4.098   -10.985 1.00 29.60 ? 80  LYS A CB  1 
ATOM   445  C CG  . LYS A 1 80  ? -6.367  2.807   -11.689 1.00 29.41 ? 80  LYS A CG  1 
ATOM   446  C CD  . LYS A 1 80  ? -5.491  3.049   -12.869 1.00 34.25 ? 80  LYS A CD  1 
ATOM   447  C CE  . LYS A 1 80  ? -5.562  1.905   -13.851 1.00 35.67 ? 80  LYS A CE  1 
ATOM   448  N NZ  . LYS A 1 80  ? -4.484  2.086   -14.872 1.00 41.60 ? 80  LYS A NZ  1 
ATOM   449  N N   . LEU A 1 81  ? -8.858  5.970   -9.293  1.00 27.10 ? 81  LEU A N   1 
ATOM   450  C CA  . LEU A 1 81  ? -9.429  6.270   -7.991  1.00 26.18 ? 81  LEU A CA  1 
ATOM   451  C C   . LEU A 1 81  ? -10.852 6.799   -8.097  1.00 28.49 ? 81  LEU A C   1 
ATOM   452  O O   . LEU A 1 81  ? -11.394 6.960   -9.193  1.00 28.37 ? 81  LEU A O   1 
ATOM   453  C CB  . LEU A 1 81  ? -8.591  7.331   -7.294  1.00 22.43 ? 81  LEU A CB  1 
ATOM   454  C CG  . LEU A 1 81  ? -7.111  7.047   -7.161  1.00 22.20 ? 81  LEU A CG  1 
ATOM   455  C CD1 . LEU A 1 81  ? -6.364  8.311   -6.739  1.00 21.98 ? 81  LEU A CD1 1 
ATOM   456  C CD2 . LEU A 1 81  ? -6.933  5.972   -6.133  1.00 19.40 ? 81  LEU A CD2 1 
ATOM   457  N N   . LYS A 1 82  ? -11.438 7.076   -6.934  1.00 27.11 ? 82  LYS A N   1 
ATOM   458  C CA  . LYS A 1 82  ? -12.774 7.643   -6.847  1.00 28.22 ? 82  LYS A CA  1 
ATOM   459  C C   . LYS A 1 82  ? -12.614 8.925   -6.041  1.00 29.72 ? 82  LYS A C   1 
ATOM   460  O O   . LYS A 1 82  ? -11.617 9.111   -5.339  1.00 30.88 ? 82  LYS A O   1 
ATOM   461  C CB  . LYS A 1 82  ? -13.723 6.694   -6.122  1.00 28.38 ? 82  LYS A CB  1 
ATOM   462  C CG  . LYS A 1 82  ? -13.780 5.320   -6.736  1.00 30.59 ? 82  LYS A CG  1 
ATOM   463  C CD  . LYS A 1 82  ? -15.178 4.996   -7.236  1.00 33.46 ? 82  LYS A CD  1 
ATOM   464  C CE  . LYS A 1 82  ? -15.305 5.244   -8.732  1.00 33.75 ? 82  LYS A CE  1 
ATOM   465  N NZ  . LYS A 1 82  ? -15.959 6.549   -9.018  1.00 33.45 ? 82  LYS A NZ  1 
ATOM   466  N N   . ALA A 1 83  ? -13.586 9.818   -6.151  1.00 30.08 ? 83  ALA A N   1 
ATOM   467  C CA  . ALA A 1 83  ? -13.535 11.076  -5.424  1.00 27.30 ? 83  ALA A CA  1 
ATOM   468  C C   . ALA A 1 83  ? -13.456 10.812  -3.914  1.00 26.88 ? 83  ALA A C   1 
ATOM   469  O O   . ALA A 1 83  ? -14.052 9.850   -3.411  1.00 21.29 ? 83  ALA A O   1 
ATOM   470  C CB  . ALA A 1 83  ? -14.787 11.913  -5.755  1.00 28.67 ? 83  ALA A CB  1 
ATOM   471  N N   . GLY A 1 84  ? -12.718 11.670  -3.208  1.00 24.27 ? 84  GLY A N   1 
ATOM   472  C CA  . GLY A 1 84  ? -12.576 11.533  -1.771  1.00 27.21 ? 84  GLY A CA  1 
ATOM   473  C C   . GLY A 1 84  ? -11.288 10.869  -1.300  1.00 26.44 ? 84  GLY A C   1 
ATOM   474  O O   . GLY A 1 84  ? -10.292 10.837  -2.018  1.00 27.28 ? 84  GLY A O   1 
ATOM   475  N N   . VAL A 1 85  ? -11.305 10.342  -0.077  1.00 27.93 ? 85  VAL A N   1 
ATOM   476  C CA  . VAL A 1 85  ? -10.127 9.690   0.483   1.00 26.60 ? 85  VAL A CA  1 
ATOM   477  C C   . VAL A 1 85  ? -10.027 8.255   -0.014  1.00 25.13 ? 85  VAL A C   1 
ATOM   478  O O   . VAL A 1 85  ? -11.016 7.515   -0.045  1.00 24.24 ? 85  VAL A O   1 
ATOM   479  C CB  . VAL A 1 85  ? -10.141 9.708   2.040   1.00 27.11 ? 85  VAL A CB  1 
ATOM   480  C CG1 . VAL A 1 85  ? -8.897  9.029   2.578   1.00 26.36 ? 85  VAL A CG1 1 
ATOM   481  C CG2 . VAL A 1 85  ? -10.194 11.149  2.549   1.00 26.69 ? 85  VAL A CG2 1 
ATOM   482  N N   . CYS A 1 86  ? -8.822  7.896   -0.441  1.00 23.52 ? 86  CYS A N   1 
ATOM   483  C CA  . CYS A 1 86  ? -8.523  6.564   -0.944  1.00 21.89 ? 86  CYS A CA  1 
ATOM   484  C C   . CYS A 1 86  ? -7.264  6.111   -0.234  1.00 22.26 ? 86  CYS A C   1 
ATOM   485  O O   . CYS A 1 86  ? -6.445  6.942   0.174   1.00 19.81 ? 86  CYS A O   1 
ATOM   486  C CB  . CYS A 1 86  ? -8.263  6.582   -2.453  1.00 21.34 ? 86  CYS A CB  1 
ATOM   487  S SG  . CYS A 1 86  ? -9.427  7.573   -3.414  1.00 22.16 ? 86  CYS A SG  1 
ATOM   488  N N   . TYR A 1 87  ? -7.129  4.794   -0.081  1.00 20.37 ? 87  TYR A N   1 
ATOM   489  C CA  . TYR A 1 87  ? -5.969  4.198   0.571   1.00 18.97 ? 87  TYR A CA  1 
ATOM   490  C C   . TYR A 1 87  ? -5.513  2.991   -0.207  1.00 19.56 ? 87  TYR A C   1 
ATOM   491  O O   . TYR A 1 87  ? -6.312  2.328   -0.884  1.00 19.93 ? 87  TYR A O   1 
ATOM   492  C CB  . TYR A 1 87  ? -6.306  3.714   1.986   1.00 15.98 ? 87  TYR A CB  1 
ATOM   493  C CG  . TYR A 1 87  ? -6.355  4.808   3.017   1.00 17.98 ? 87  TYR A CG  1 
ATOM   494  C CD1 . TYR A 1 87  ? -5.188  5.289   3.601   1.00 14.66 ? 87  TYR A CD1 1 
ATOM   495  C CD2 . TYR A 1 87  ? -7.578  5.386   3.396   1.00 17.74 ? 87  TYR A CD2 1 
ATOM   496  C CE1 . TYR A 1 87  ? -5.224  6.321   4.543   1.00 19.42 ? 87  TYR A CE1 1 
ATOM   497  C CE2 . TYR A 1 87  ? -7.633  6.423   4.341   1.00 18.38 ? 87  TYR A CE2 1 
ATOM   498  C CZ  . TYR A 1 87  ? -6.447  6.883   4.913   1.00 19.52 ? 87  TYR A CZ  1 
ATOM   499  O OH  . TYR A 1 87  ? -6.470  7.862   5.885   1.00 20.15 ? 87  TYR A OH  1 
ATOM   500  N N   . SER A 1 88  ? -4.219  2.723   -0.120  1.00 16.41 ? 88  SER A N   1 
ATOM   501  C CA  . SER A 1 88  ? -3.651  1.537   -0.714  1.00 16.50 ? 88  SER A CA  1 
ATOM   502  C C   . SER A 1 88  ? -2.694  1.139   0.374   1.00 16.41 ? 88  SER A C   1 
ATOM   503  O O   . SER A 1 88  ? -1.789  1.885   0.674   1.00 17.72 ? 88  SER A O   1 
ATOM   504  C CB  . SER A 1 88  ? -2.892  1.840   -1.994  1.00 18.39 ? 88  SER A CB  1 
ATOM   505  O OG  . SER A 1 88  ? -2.304  0.646   -2.486  1.00 22.37 ? 88  SER A OG  1 
ATOM   506  N N   . MET A 1 89  ? -2.906  -0.022  0.979   1.00 17.36 ? 89  MET A N   1 
ATOM   507  C CA  . MET A 1 89  ? -2.057  -0.465  2.073   1.00 15.56 ? 89  MET A CA  1 
ATOM   508  C C   . MET A 1 89  ? -1.487  -1.861  1.961   1.00 16.10 ? 89  MET A C   1 
ATOM   509  O O   . MET A 1 89  ? -2.149  -2.781  1.478   1.00 15.73 ? 89  MET A O   1 
ATOM   510  C CB  . MET A 1 89  ? -2.833  -0.376  3.377   1.00 19.25 ? 89  MET A CB  1 
ATOM   511  C CG  . MET A 1 89  ? -3.043  1.030   3.854   1.00 18.64 ? 89  MET A CG  1 
ATOM   512  S SD  . MET A 1 89  ? -4.352  0.960   5.413   1.00 27.08 ? 89  MET A SD  1 
ATOM   513  C CE  . MET A 1 89  ? -5.908  0.537   4.483   1.00 14.55 ? 89  MET A CE  1 
ATOM   514  N N   . LEU A 1 90  ? -0.253  -1.993  2.440   1.00 14.62 ? 90  LEU A N   1 
ATOM   515  C CA  . LEU A 1 90  ? 0.495   -3.247  2.455   1.00 16.13 ? 90  LEU A CA  1 
ATOM   516  C C   . LEU A 1 90  ? 0.573   -3.692  3.897   1.00 15.38 ? 90  LEU A C   1 
ATOM   517  O O   . LEU A 1 90  ? 1.226   -3.029  4.690   1.00 17.35 ? 90  LEU A O   1 
ATOM   518  C CB  . LEU A 1 90  ? 1.921   -3.031  1.946   1.00 14.57 ? 90  LEU A CB  1 
ATOM   519  C CG  . LEU A 1 90  ? 2.129   -2.706  0.465   1.00 15.15 ? 90  LEU A CG  1 
ATOM   520  C CD1 . LEU A 1 90  ? 3.624   -2.722  0.162   1.00 14.53 ? 90  LEU A CD1 1 
ATOM   521  C CD2 . LEU A 1 90  ? 1.387   -3.723  -0.402  1.00 14.44 ? 90  LEU A CD2 1 
ATOM   522  N N   . ASP A 1 91  ? -0.100  -4.788  4.237   1.00 14.43 ? 91  ASP A N   1 
ATOM   523  C CA  . ASP A 1 91  ? -0.078  -5.302  5.603   1.00 15.62 ? 91  ASP A CA  1 
ATOM   524  C C   . ASP A 1 91  ? 0.966   -6.395  5.568   1.00 18.18 ? 91  ASP A C   1 
ATOM   525  O O   . ASP A 1 91  ? 0.929   -7.277  4.700   1.00 17.54 ? 91  ASP A O   1 
ATOM   526  C CB  . ASP A 1 91  ? -1.435  -5.866  5.996   1.00 15.30 ? 91  ASP A CB  1 
ATOM   527  C CG  . ASP A 1 91  ? -1.548  -6.125  7.474   1.00 16.12 ? 91  ASP A CG  1 
ATOM   528  O OD1 . ASP A 1 91  ? -0.581  -5.886  8.229   1.00 19.40 ? 91  ASP A OD1 1 
ATOM   529  O OD2 . ASP A 1 91  ? -2.620  -6.579  7.895   1.00 19.60 ? 91  ASP A OD2 1 
ATOM   530  N N   . THR A 1 92  ? 1.872   -6.339  6.539   1.00 18.09 ? 92  THR A N   1 
ATOM   531  C CA  . THR A 1 92  ? 3.014   -7.234  6.598   1.00 19.09 ? 92  THR A CA  1 
ATOM   532  C C   . THR A 1 92  ? 3.459   -7.642  8.005   1.00 19.40 ? 92  THR A C   1 
ATOM   533  O O   . THR A 1 92  ? 3.019   -7.078  9.007   1.00 18.56 ? 92  THR A O   1 
ATOM   534  C CB  . THR A 1 92  ? 4.194   -6.505  5.901   1.00 20.99 ? 92  THR A CB  1 
ATOM   535  O OG1 . THR A 1 92  ? 4.705   -7.322  4.847   1.00 29.04 ? 92  THR A OG1 1 
ATOM   536  C CG2 . THR A 1 92  ? 5.306   -6.128  6.900   1.00 21.96 ? 92  THR A CG2 1 
ATOM   537  N N   . ILE A 1 93  ? 4.343   -8.631  8.052   1.00 19.31 ? 93  ILE A N   1 
ATOM   538  C CA  . ILE A 1 93  ? 4.945   -9.100  9.297   1.00 21.68 ? 93  ILE A CA  1 
ATOM   539  C C   . ILE A 1 93  ? 6.389   -9.363  8.920   1.00 21.66 ? 93  ILE A C   1 
ATOM   540  O O   . ILE A 1 93  ? 6.653   -10.163 8.030   1.00 23.21 ? 93  ILE A O   1 
ATOM   541  C CB  . ILE A 1 93  ? 4.334   -10.416 9.808   1.00 21.28 ? 93  ILE A CB  1 
ATOM   542  C CG1 . ILE A 1 93  ? 2.866   -10.216 10.155  1.00 24.13 ? 93  ILE A CG1 1 
ATOM   543  C CG2 . ILE A 1 93  ? 5.017   -10.834 11.088  1.00 22.29 ? 93  ILE A CG2 1 
ATOM   544  C CD1 . ILE A 1 93  ? 2.209   -11.473 10.690  1.00 27.15 ? 93  ILE A CD1 1 
ATOM   545  N N   . ASN A 1 94  ? 7.332   -8.685  9.562   1.00 22.39 ? 94  ASN A N   1 
ATOM   546  C CA  . ASN A 1 94  ? 8.728   -8.907  9.219   1.00 19.52 ? 94  ASN A CA  1 
ATOM   547  C C   . ASN A 1 94  ? 9.334   -10.153 9.891   1.00 20.26 ? 94  ASN A C   1 
ATOM   548  O O   . ASN A 1 94  ? 8.686   -10.830 10.691  1.00 19.52 ? 94  ASN A O   1 
ATOM   549  C CB  . ASN A 1 94  ? 9.548   -7.643  9.511   1.00 17.45 ? 94  ASN A CB  1 
ATOM   550  C CG  . ASN A 1 94  ? 9.618   -7.304  10.975  1.00 17.19 ? 94  ASN A CG  1 
ATOM   551  O OD1 . ASN A 1 94  ? 9.413   -8.150  11.849  1.00 18.46 ? 94  ASN A OD1 1 
ATOM   552  N ND2 . ASN A 1 94  ? 9.919   -6.047  11.258  1.00 17.55 ? 94  ASN A ND2 1 
ATOM   553  N N   . SER A 1 95  ? 10.574  -10.475 9.538   1.00 23.75 ? 95  SER A N   1 
ATOM   554  C CA  . SER A 1 95  ? 11.239  -11.657 10.082  1.00 23.70 ? 95  SER A CA  1 
ATOM   555  C C   . SER A 1 95  ? 11.414  -11.574 11.590  1.00 25.74 ? 95  SER A C   1 
ATOM   556  O O   . SER A 1 95  ? 11.718  -12.572 12.245  1.00 25.56 ? 95  SER A O   1 
ATOM   557  C CB  . SER A 1 95  ? 12.599  -11.831 9.430   1.00 23.23 ? 95  SER A CB  1 
ATOM   558  O OG  . SER A 1 95  ? 13.418  -10.731 9.755   1.00 26.14 ? 95  SER A OG  1 
ATOM   559  N N   . ARG A 1 96  ? 11.243  -10.378 12.138  1.00 27.98 ? 96  ARG A N   1 
ATOM   560  C CA  . ARG A 1 96  ? 11.363  -10.175 13.577  1.00 29.71 ? 96  ARG A CA  1 
ATOM   561  C C   . ARG A 1 96  ? 10.001  -10.488 14.216  1.00 28.63 ? 96  ARG A C   1 
ATOM   562  O O   . ARG A 1 96  ? 9.844   -10.443 15.437  1.00 28.54 ? 96  ARG A O   1 
ATOM   563  C CB  . ARG A 1 96  ? 11.763  -8.726  13.860  1.00 32.06 ? 96  ARG A CB  1 
ATOM   564  C CG  . ARG A 1 96  ? 13.145  -8.557  14.443  1.00 38.62 ? 96  ARG A CG  1 
ATOM   565  C CD  . ARG A 1 96  ? 13.997  -7.682  13.559  1.00 41.38 ? 96  ARG A CD  1 
ATOM   566  N NE  . ARG A 1 96  ? 13.472  -6.322  13.462  1.00 47.40 ? 96  ARG A NE  1 
ATOM   567  C CZ  . ARG A 1 96  ? 13.985  -5.381  12.670  1.00 48.62 ? 96  ARG A CZ  1 
ATOM   568  N NH1 . ARG A 1 96  ? 15.034  -5.662  11.906  1.00 50.56 ? 96  ARG A NH1 1 
ATOM   569  N NH2 . ARG A 1 96  ? 13.451  -4.158  12.639  1.00 50.13 ? 96  ARG A NH2 1 
ATOM   570  N N   . HIS A 1 97  ? 9.024   -10.796 13.364  1.00 26.84 ? 97  HIS A N   1 
ATOM   571  C CA  . HIS A 1 97  ? 7.664   -11.119 13.792  1.00 24.83 ? 97  HIS A CA  1 
ATOM   572  C C   . HIS A 1 97  ? 6.873   -9.892  14.198  1.00 24.12 ? 97  HIS A C   1 
ATOM   573  O O   . HIS A 1 97  ? 5.913   -9.988  14.970  1.00 21.65 ? 97  HIS A O   1 
ATOM   574  C CB  . HIS A 1 97  ? 7.674   -12.118 14.942  1.00 28.37 ? 97  HIS A CB  1 
ATOM   575  C CG  . HIS A 1 97  ? 7.970   -13.514 14.510  1.00 32.40 ? 97  HIS A CG  1 
ATOM   576  N ND1 . HIS A 1 97  ? 6.980   -14.424 14.215  1.00 36.13 ? 97  HIS A ND1 1 
ATOM   577  C CD2 . HIS A 1 97  ? 9.145   -14.146 14.289  1.00 34.59 ? 97  HIS A CD2 1 
ATOM   578  C CE1 . HIS A 1 97  ? 7.531   -15.559 13.826  1.00 35.93 ? 97  HIS A CE1 1 
ATOM   579  N NE2 . HIS A 1 97  ? 8.845   -15.415 13.862  1.00 35.47 ? 97  HIS A NE2 1 
ATOM   580  N N   . GLN A 1 98  ? 7.279   -8.743  13.668  1.00 20.09 ? 98  GLN A N   1 
ATOM   581  C CA  . GLN A 1 98  ? 6.599   -7.491  13.941  1.00 17.48 ? 98  GLN A CA  1 
ATOM   582  C C   . GLN A 1 98  ? 5.688   -7.182  12.775  1.00 14.36 ? 98  GLN A C   1 
ATOM   583  O O   . GLN A 1 98  ? 6.111   -7.268  11.633  1.00 12.99 ? 98  GLN A O   1 
ATOM   584  C CB  . GLN A 1 98  ? 7.606   -6.349  14.073  1.00 19.65 ? 98  GLN A CB  1 
ATOM   585  C CG  . GLN A 1 98  ? 8.260   -6.234  15.434  1.00 24.82 ? 98  GLN A CG  1 
ATOM   586  C CD  . GLN A 1 98  ? 9.665   -5.647  15.355  1.00 26.14 ? 98  GLN A CD  1 
ATOM   587  O OE1 . GLN A 1 98  ? 10.014  -4.957  14.394  1.00 25.28 ? 98  GLN A OE1 1 
ATOM   588  N NE2 . GLN A 1 98  ? 10.479  -5.928  16.373  1.00 28.01 ? 98  GLN A NE2 1 
ATOM   589  N N   . ARG A 1 99  ? 4.444   -6.809  13.066  1.00 14.77 ? 99  ARG A N   1 
ATOM   590  C CA  . ARG A 1 99  ? 3.473   -6.444  12.030  1.00 13.88 ? 99  ARG A CA  1 
ATOM   591  C C   . ARG A 1 99  ? 3.674   -4.988  11.629  1.00 14.61 ? 99  ARG A C   1 
ATOM   592  O O   . ARG A 1 99  ? 3.679   -4.080  12.468  1.00 17.19 ? 99  ARG A O   1 
ATOM   593  C CB  . ARG A 1 99  ? 2.042   -6.648  12.543  1.00 13.40 ? 99  ARG A CB  1 
ATOM   594  C CG  . ARG A 1 99  ? 0.967   -6.487  11.490  1.00 13.84 ? 99  ARG A CG  1 
ATOM   595  C CD  . ARG A 1 99  ? -0.271  -5.893  12.114  1.00 11.95 ? 99  ARG A CD  1 
ATOM   596  N NE  . ARG A 1 99  ? -1.373  -5.806  11.172  1.00 14.84 ? 99  ARG A NE  1 
ATOM   597  C CZ  . ARG A 1 99  ? -2.627  -5.516  11.513  1.00 11.48 ? 99  ARG A CZ  1 
ATOM   598  N NH1 . ARG A 1 99  ? -2.946  -5.278  12.770  1.00 14.56 ? 99  ARG A NH1 1 
ATOM   599  N NH2 . ARG A 1 99  ? -3.569  -5.494  10.593  1.00 13.32 ? 99  ARG A NH2 1 
ATOM   600  N N   . VAL A 1 100 ? 3.854   -4.753  10.341  1.00 15.56 ? 100 VAL A N   1 
ATOM   601  C CA  . VAL A 1 100 ? 4.058   -3.394  9.886   1.00 13.22 ? 100 VAL A CA  1 
ATOM   602  C C   . VAL A 1 100 ? 3.119   -3.145  8.728   1.00 14.69 ? 100 VAL A C   1 
ATOM   603  O O   . VAL A 1 100 ? 3.076   -3.916  7.764   1.00 16.21 ? 100 VAL A O   1 
ATOM   604  C CB  . VAL A 1 100 ? 5.514   -3.172  9.428   1.00 14.14 ? 100 VAL A CB  1 
ATOM   605  C CG1 . VAL A 1 100 ? 5.664   -1.795  8.808   1.00 11.31 ? 100 VAL A CG1 1 
ATOM   606  C CG2 . VAL A 1 100 ? 6.456   -3.333  10.610  1.00 11.19 ? 100 VAL A CG2 1 
ATOM   607  N N   . VAL A 1 101 ? 2.329   -2.092  8.848   1.00 13.21 ? 101 VAL A N   1 
ATOM   608  C CA  . VAL A 1 101 ? 1.422   -1.715  7.787   1.00 15.01 ? 101 VAL A CA  1 
ATOM   609  C C   . VAL A 1 101 ? 2.055   -0.484  7.152   1.00 14.85 ? 101 VAL A C   1 
ATOM   610  O O   . VAL A 1 101 ? 2.420   0.481   7.831   1.00 16.15 ? 101 VAL A O   1 
ATOM   611  C CB  . VAL A 1 101 ? 0.037   -1.362  8.317   1.00 14.71 ? 101 VAL A CB  1 
ATOM   612  C CG1 . VAL A 1 101 ? -0.852  -0.941  7.163   1.00 12.09 ? 101 VAL A CG1 1 
ATOM   613  C CG2 . VAL A 1 101 ? -0.530  -2.548  9.075   1.00 12.99 ? 101 VAL A CG2 1 
ATOM   614  N N   . VAL A 1 102 ? 2.189   -0.525  5.843   1.00 16.05 ? 102 VAL A N   1 
ATOM   615  C CA  . VAL A 1 102 ? 2.816   0.559   5.131   1.00 17.26 ? 102 VAL A CA  1 
ATOM   616  C C   . VAL A 1 102 ? 1.870   0.965   3.999   1.00 18.66 ? 102 VAL A C   1 
ATOM   617  O O   . VAL A 1 102 ? 1.301   0.107   3.325   1.00 20.06 ? 102 VAL A O   1 
ATOM   618  C CB  . VAL A 1 102 ? 4.184   0.032   4.637   1.00 18.17 ? 102 VAL A CB  1 
ATOM   619  C CG1 . VAL A 1 102 ? 4.308   0.146   3.147   1.00 19.47 ? 102 VAL A CG1 1 
ATOM   620  C CG2 . VAL A 1 102 ? 5.291   0.723   5.388   1.00 18.63 ? 102 VAL A CG2 1 
ATOM   621  N N   . GLY A 1 103 ? 1.655   2.259   3.797   1.00 16.96 ? 103 GLY A N   1 
ATOM   622  C CA  . GLY A 1 103 ? 0.768   2.637   2.714   1.00 16.18 ? 103 GLY A CA  1 
ATOM   623  C C   . GLY A 1 103 ? 0.743   4.094   2.314   1.00 17.48 ? 103 GLY A C   1 
ATOM   624  O O   . GLY A 1 103 ? 1.624   4.871   2.678   1.00 18.15 ? 103 GLY A O   1 
ATOM   625  N N   . VAL A 1 104 ? -0.291  4.446   1.555   1.00 17.44 ? 104 VAL A N   1 
ATOM   626  C CA  . VAL A 1 104 ? -0.506  5.794   1.061   1.00 14.82 ? 104 VAL A CA  1 
ATOM   627  C C   . VAL A 1 104 ? -1.981  6.171   1.030   1.00 17.04 ? 104 VAL A C   1 
ATOM   628  O O   . VAL A 1 104 ? -2.857  5.336   0.758   1.00 15.58 ? 104 VAL A O   1 
ATOM   629  C CB  . VAL A 1 104 ? -0.016  5.968   -0.406  1.00 14.80 ? 104 VAL A CB  1 
ATOM   630  C CG1 . VAL A 1 104 ? 1.502   6.023   -0.464  1.00 15.79 ? 104 VAL A CG1 1 
ATOM   631  C CG2 . VAL A 1 104 ? -0.571  4.835   -1.277  1.00 11.98 ? 104 VAL A CG2 1 
ATOM   632  N N   . ARG A 1 105 ? -2.242  7.443   1.312   1.00 16.36 ? 105 ARG A N   1 
ATOM   633  C CA  . ARG A 1 105 ? -3.576  7.984   1.229   1.00 16.50 ? 105 ARG A CA  1 
ATOM   634  C C   . ARG A 1 105 ? -3.512  8.712   -0.115  1.00 18.79 ? 105 ARG A C   1 
ATOM   635  O O   . ARG A 1 105 ? -2.605  9.515   -0.329  1.00 19.07 ? 105 ARG A O   1 
ATOM   636  C CB  . ARG A 1 105 ? -3.809  8.975   2.357   1.00 16.40 ? 105 ARG A CB  1 
ATOM   637  C CG  . ARG A 1 105 ? -5.232  9.505   2.406   1.00 19.15 ? 105 ARG A CG  1 
ATOM   638  C CD  . ARG A 1 105 ? -5.372  10.751  1.551   1.00 20.47 ? 105 ARG A CD  1 
ATOM   639  N NE  . ARG A 1 105 ? -4.625  11.852  2.148   1.00 22.78 ? 105 ARG A NE  1 
ATOM   640  C CZ  . ARG A 1 105 ? -3.763  12.619  1.490   1.00 24.01 ? 105 ARG A CZ  1 
ATOM   641  N NH1 . ARG A 1 105 ? -3.524  12.418  0.196   1.00 24.51 ? 105 ARG A NH1 1 
ATOM   642  N NH2 . ARG A 1 105 ? -3.136  13.591  2.131   1.00 24.86 ? 105 ARG A NH2 1 
ATOM   643  N N   . LEU A 1 106 ? -4.423  8.398   -1.034  1.00 19.29 ? 106 LEU A N   1 
ATOM   644  C CA  . LEU A 1 106 ? -4.456  9.050   -2.349  1.00 21.43 ? 106 LEU A CA  1 
ATOM   645  C C   . LEU A 1 106 ? -5.704  9.937   -2.439  1.00 24.60 ? 106 LEU A C   1 
ATOM   646  O O   . LEU A 1 106 ? -6.760  9.578   -1.913  1.00 28.02 ? 106 LEU A O   1 
ATOM   647  C CB  . LEU A 1 106 ? -4.545  8.036   -3.502  1.00 21.68 ? 106 LEU A CB  1 
ATOM   648  C CG  . LEU A 1 106 ? -3.951  6.629   -3.636  1.00 19.72 ? 106 LEU A CG  1 
ATOM   649  C CD1 . LEU A 1 106 ? -2.476  6.771   -3.782  1.00 21.65 ? 106 LEU A CD1 1 
ATOM   650  C CD2 . LEU A 1 106 ? -4.327  5.731   -2.467  1.00 18.55 ? 106 LEU A CD2 1 
ATOM   651  N N   . GLN A 1 107 ? -5.600  11.070  -3.129  1.00 27.92 ? 107 GLN A N   1 
ATOM   652  C CA  . GLN A 1 107 ? -6.737  11.991  -3.263  1.00 29.72 ? 107 GLN A CA  1 
ATOM   653  C C   . GLN A 1 107 ? -6.753  12.703  -4.600  1.00 30.99 ? 107 GLN A C   1 
ATOM   654  O O   . GLN A 1 107 ? -5.714  13.170  -5.057  1.00 29.53 ? 107 GLN A O   1 
ATOM   655  C CB  . GLN A 1 107 ? -6.662  13.077  -2.196  1.00 29.89 ? 107 GLN A CB  1 
ATOM   656  C CG  . GLN A 1 107 ? -7.896  13.285  -1.380  1.00 32.79 ? 107 GLN A CG  1 
ATOM   657  C CD  . GLN A 1 107 ? -7.545  13.826  -0.010  1.00 34.17 ? 107 GLN A CD  1 
ATOM   658  O OE1 . GLN A 1 107 ? -8.262  13.604  0.964   1.00 37.48 ? 107 GLN A OE1 1 
ATOM   659  N NE2 . GLN A 1 107 ? -6.418  14.534  0.073   1.00 36.60 ? 107 GLN A NE2 1 
ATOM   660  N N   . GLN A 1 108 ? -7.932  12.790  -5.216  1.00 34.07 ? 108 GLN A N   1 
ATOM   661  C CA  . GLN A 1 108 ? -8.090  13.525  -6.471  1.00 36.81 ? 108 GLN A CA  1 
ATOM   662  C C   . GLN A 1 108 ? -8.265  14.968  -5.988  1.00 39.83 ? 108 GLN A C   1 
ATOM   663  O O   . GLN A 1 108 ? -9.141  15.245  -5.164  1.00 42.56 ? 108 GLN A O   1 
ATOM   664  C CB  . GLN A 1 108 ? -9.345  13.079  -7.223  1.00 32.19 ? 108 GLN A CB  1 
ATOM   665  C CG  . GLN A 1 108 ? -9.206  11.744  -7.919  1.00 32.66 ? 108 GLN A CG  1 
ATOM   666  C CD  . GLN A 1 108 ? -10.527 11.212  -8.426  1.00 31.49 ? 108 GLN A CD  1 
ATOM   667  O OE1 . GLN A 1 108 ? -11.587 11.723  -8.069  1.00 35.65 ? 108 GLN A OE1 1 
ATOM   668  N NE2 . GLN A 1 108 ? -10.474 10.183  -9.264  1.00 29.77 ? 108 GLN A NE2 1 
ATOM   669  N N   . VAL A 1 109 ? -7.426  15.873  -6.483  1.00 45.48 ? 109 VAL A N   1 
ATOM   670  C CA  . VAL A 1 109 ? -7.464  17.281  -6.085  1.00 49.17 ? 109 VAL A CA  1 
ATOM   671  C C   . VAL A 1 109 ? -8.528  18.077  -6.831  1.00 51.56 ? 109 VAL A C   1 
ATOM   672  O O   . VAL A 1 109 ? -9.147  17.572  -7.774  1.00 54.02 ? 109 VAL A O   1 
ATOM   673  C CB  . VAL A 1 109 ? -6.101  17.945  -6.360  1.00 48.42 ? 109 VAL A CB  1 
ATOM   674  C CG1 . VAL A 1 109 ? -6.023  19.305  -5.683  1.00 50.21 ? 109 VAL A CG1 1 
ATOM   675  C CG2 . VAL A 1 109 ? -4.985  17.047  -5.875  1.00 49.18 ? 109 VAL A CG2 1 
ATOM   676  N N   . ALA A 1 110 ? -8.756  19.313  -6.385  1.00 55.24 ? 110 ALA A N   1 
ATOM   677  C CA  . ALA A 1 110 ? -9.693  20.216  -7.052  1.00 59.78 ? 110 ALA A CA  1 
ATOM   678  C C   . ALA A 1 110 ? -9.009  20.529  -8.397  1.00 62.50 ? 110 ALA A C   1 
ATOM   679  O O   . ALA A 1 110 ? -7.775  20.472  -8.488  1.00 65.36 ? 110 ALA A O   1 
ATOM   680  C CB  . ALA A 1 110 ? -9.866  21.489  -6.230  1.00 57.92 ? 110 ALA A CB  1 
ATOM   681  N N   . GLY A 1 111 ? -9.769  20.882  -9.433  1.00 65.06 ? 111 GLY A N   1 
ATOM   682  C CA  . GLY A 1 111 ? -9.131  21.114  -10.721 1.00 65.96 ? 111 GLY A CA  1 
ATOM   683  C C   . GLY A 1 111 ? -8.642  19.720  -11.071 1.00 67.79 ? 111 GLY A C   1 
ATOM   684  O O   . GLY A 1 111 ? -7.441  19.435  -11.143 1.00 66.89 ? 111 GLY A O   1 
ATOM   685  N N   . ARG A 1 112 ? -9.622  18.847  -11.274 1.00 70.01 ? 112 ARG A N   1 
ATOM   686  C CA  . ARG A 1 112 ? -9.413  17.430  -11.539 1.00 71.89 ? 112 ARG A CA  1 
ATOM   687  C C   . ARG A 1 112 ? -8.901  16.918  -12.889 1.00 72.58 ? 112 ARG A C   1 
ATOM   688  O O   . ARG A 1 112 ? -8.335  17.651  -13.705 1.00 73.77 ? 112 ARG A O   1 
ATOM   689  C CB  . ARG A 1 112 ? -10.705 16.683  -11.200 1.00 72.12 ? 112 ARG A CB  1 
ATOM   690  C CG  . ARG A 1 112 ? -10.734 16.043  -9.818  1.00 70.74 ? 112 ARG A CG  1 
ATOM   691  C CD  . ARG A 1 112 ? -12.141 15.565  -9.489  1.00 71.16 ? 112 ARG A CD  1 
ATOM   692  N NE  . ARG A 1 112 ? -12.562 14.416  -10.294 1.00 69.35 ? 112 ARG A NE  1 
ATOM   693  C CZ  . ARG A 1 112 ? -13.059 14.488  -11.530 1.00 69.23 ? 112 ARG A CZ  1 
ATOM   694  N NH1 . ARG A 1 112 ? -13.198 15.662  -12.137 1.00 66.02 ? 112 ARG A NH1 1 
ATOM   695  N NH2 . ARG A 1 112 ? -13.411 13.374  -12.162 1.00 67.16 ? 112 ARG A NH2 1 
ATOM   696  N N   . ASP A 1 113 ? -9.132  15.619  -13.077 1.00 74.00 ? 113 ASP A N   1 
ATOM   697  C CA  . ASP A 1 113 ? -8.729  14.846  -14.241 1.00 73.49 ? 113 ASP A CA  1 
ATOM   698  C C   . ASP A 1 113 ? -7.244  14.979  -14.521 1.00 71.90 ? 113 ASP A C   1 
ATOM   699  O O   . ASP A 1 113 ? -6.811  15.149  -15.666 1.00 71.23 ? 113 ASP A O   1 
ATOM   700  C CB  . ASP A 1 113 ? -9.553  15.209  -15.477 1.00 77.49 ? 113 ASP A CB  1 
ATOM   701  C CG  . ASP A 1 113 ? -9.998  13.968  -16.245 1.00 79.76 ? 113 ASP A CG  1 
ATOM   702  O OD1 . ASP A 1 113 ? -10.156 12.901  -15.609 1.00 81.29 ? 113 ASP A OD1 1 
ATOM   703  O OD2 . ASP A 1 113 ? -10.181 14.048  -17.480 1.00 83.30 ? 113 ASP A OD2 1 
ATOM   704  N N   . ARG A 1 114 ? -6.469  14.876  -13.448 1.00 67.61 ? 114 ARG A N   1 
ATOM   705  C CA  . ARG A 1 114 ? -5.031  14.972  -13.534 1.00 66.08 ? 114 ARG A CA  1 
ATOM   706  C C   . ARG A 1 114 ? -4.397  14.935  -12.153 1.00 62.63 ? 114 ARG A C   1 
ATOM   707  O O   . ARG A 1 114 ? -3.648  14.011  -11.828 1.00 63.88 ? 114 ARG A O   1 
ATOM   708  C CB  . ARG A 1 114 ? -4.624  16.268  -14.248 1.00 67.96 ? 114 ARG A CB  1 
ATOM   709  C CG  . ARG A 1 114 ? -3.348  16.141  -15.077 1.00 70.99 ? 114 ARG A CG  1 
ATOM   710  C CD  . ARG A 1 114 ? -3.114  17.375  -15.936 1.00 73.23 ? 114 ARG A CD  1 
ATOM   711  N NE  . ARG A 1 114 ? -1.809  17.358  -16.593 1.00 74.99 ? 114 ARG A NE  1 
ATOM   712  C CZ  . ARG A 1 114 ? -1.443  18.213  -17.545 1.00 76.08 ? 114 ARG A CZ  1 
ATOM   713  N NH1 . ARG A 1 114 ? -2.286  19.160  -17.949 1.00 76.47 ? 114 ARG A NH1 1 
ATOM   714  N NH2 . ARG A 1 114 ? -0.233  18.127  -18.086 1.00 76.87 ? 114 ARG A NH2 1 
ATOM   715  N N   . LYS A 1 115 ? -4.706  15.933  -11.334 1.00 56.99 ? 115 LYS A N   1 
ATOM   716  C CA  . LYS A 1 115 ? -4.113  16.015  -10.017 1.00 51.56 ? 115 LYS A CA  1 
ATOM   717  C C   . LYS A 1 115 ? -4.562  14.956  -9.019  1.00 48.30 ? 115 LYS A C   1 
ATOM   718  O O   . LYS A 1 115 ? -5.755  14.747  -8.804  1.00 45.81 ? 115 LYS A O   1 
ATOM   719  C CB  . LYS A 1 115 ? -4.335  17.408  -9.428  1.00 51.83 ? 115 LYS A CB  1 
ATOM   720  C CG  . LYS A 1 115 ? -3.038  18.139  -9.169  1.00 52.05 ? 115 LYS A CG  1 
ATOM   721  C CD  . LYS A 1 115 ? -3.104  18.967  -7.895  1.00 55.59 ? 115 LYS A CD  1 
ATOM   722  C CE  . LYS A 1 115 ? -1.998  20.027  -7.857  1.00 55.56 ? 115 LYS A CE  1 
ATOM   723  N NZ  . LYS A 1 115 ? -0.639  19.413  -7.989  1.00 60.94 ? 115 LYS A NZ  1 
ATOM   724  N N   . VAL A 1 116 ? -3.570  14.280  -8.443  1.00 43.32 ? 116 VAL A N   1 
ATOM   725  C CA  . VAL A 1 116 ? -3.766  13.256  -7.423  1.00 38.48 ? 116 VAL A CA  1 
ATOM   726  C C   . VAL A 1 116 ? -2.710  13.515  -6.352  1.00 37.79 ? 116 VAL A C   1 
ATOM   727  O O   . VAL A 1 116 ? -1.511  13.556  -6.645  1.00 35.91 ? 116 VAL A O   1 
ATOM   728  C CB  . VAL A 1 116 ? -3.539  11.810  -7.956  1.00 38.93 ? 116 VAL A CB  1 
ATOM   729  C CG1 . VAL A 1 116 ? -3.512  10.833  -6.790  1.00 36.44 ? 116 VAL A CG1 1 
ATOM   730  C CG2 . VAL A 1 116 ? -4.629  11.413  -8.924  1.00 35.97 ? 116 VAL A CG2 1 
ATOM   731  N N   . ASP A 1 117 ? -3.163  13.710  -5.117  1.00 35.88 ? 117 ASP A N   1 
ATOM   732  C CA  . ASP A 1 117 ? -2.266  13.938  -3.995  1.00 35.93 ? 117 ASP A CA  1 
ATOM   733  C C   . ASP A 1 117 ? -2.049  12.612  -3.264  1.00 35.52 ? 117 ASP A C   1 
ATOM   734  O O   . ASP A 1 117 ? -3.001  11.872  -3.025  1.00 35.43 ? 117 ASP A O   1 
ATOM   735  C CB  . ASP A 1 117 ? -2.873  14.962  -3.040  1.00 39.65 ? 117 ASP A CB  1 
ATOM   736  C CG  . ASP A 1 117 ? -2.134  15.030  -1.718  1.00 40.62 ? 117 ASP A CG  1 
ATOM   737  O OD1 . ASP A 1 117 ? -0.916  15.298  -1.734  1.00 46.36 ? 117 ASP A OD1 1 
ATOM   738  O OD2 . ASP A 1 117 ? -2.764  14.813  -0.661  1.00 46.44 ? 117 ASP A OD2 1 
ATOM   739  N N   . ILE A 1 118 ? -0.802  12.319  -2.902  1.00 33.19 ? 118 ILE A N   1 
ATOM   740  C CA  . ILE A 1 118 ? -0.480  11.073  -2.217  1.00 31.26 ? 118 ILE A CA  1 
ATOM   741  C C   . ILE A 1 118 ? 0.440   11.266  -1.022  1.00 30.26 ? 118 ILE A C   1 
ATOM   742  O O   . ILE A 1 118 ? 1.486   11.892  -1.125  1.00 34.36 ? 118 ILE A O   1 
ATOM   743  C CB  . ILE A 1 118 ? 0.190   10.086  -3.188  1.00 32.41 ? 118 ILE A CB  1 
ATOM   744  C CG1 . ILE A 1 118 ? -0.839  9.597   -4.192  1.00 32.56 ? 118 ILE A CG1 1 
ATOM   745  C CG2 . ILE A 1 118 ? 0.746   8.897   -2.445  1.00 31.39 ? 118 ILE A CG2 1 
ATOM   746  C CD1 . ILE A 1 118 ? -0.473  9.895   -5.608  1.00 38.63 ? 118 ILE A CD1 1 
ATOM   747  N N   . LYS A 1 119 ? 0.055   10.716  0.118   1.00 28.37 ? 119 LYS A N   1 
ATOM   748  C CA  . LYS A 1 119 ? 0.877   10.824  1.314   1.00 26.69 ? 119 LYS A CA  1 
ATOM   749  C C   . LYS A 1 119 ? 1.175   9.442   1.922   1.00 24.91 ? 119 LYS A C   1 
ATOM   750  O O   . LYS A 1 119 ? 0.268   8.718   2.331   1.00 23.20 ? 119 LYS A O   1 
ATOM   751  C CB  . LYS A 1 119 ? 0.185   11.714  2.355   1.00 26.17 ? 119 LYS A CB  1 
ATOM   752  C CG  . LYS A 1 119 ? 1.052   12.022  3.568   1.00 27.95 ? 119 LYS A CG  1 
ATOM   753  C CD  . LYS A 1 119 ? 0.785   13.421  4.096   1.00 29.95 ? 119 LYS A CD  1 
ATOM   754  C CE  . LYS A 1 119 ? 1.924   13.902  5.001   1.00 34.63 ? 119 LYS A CE  1 
ATOM   755  N NZ  . LYS A 1 119 ? 1.528   15.048  5.885   1.00 31.89 ? 119 LYS A NZ  1 
ATOM   756  N N   . PRO A 1 120 ? 2.451   9.065   1.986   1.00 22.70 ? 120 PRO A N   1 
ATOM   757  C CA  . PRO A 1 120 ? 2.850   7.774   2.547   1.00 22.41 ? 120 PRO A CA  1 
ATOM   758  C C   . PRO A 1 120 ? 2.819   7.773   4.078   1.00 23.31 ? 120 PRO A C   1 
ATOM   759  O O   . PRO A 1 120 ? 3.017   8.807   4.718   1.00 25.25 ? 120 PRO A O   1 
ATOM   760  C CB  . PRO A 1 120 ? 4.272   7.569   2.016   1.00 23.95 ? 120 PRO A CB  1 
ATOM   761  C CG  . PRO A 1 120 ? 4.548   8.762   1.099   1.00 22.62 ? 120 PRO A CG  1 
ATOM   762  C CD  . PRO A 1 120 ? 3.617   9.831   1.525   1.00 22.26 ? 120 PRO A CD  1 
ATOM   763  N N   . PHE A 1 121 ? 2.579   6.607   4.658   1.00 19.41 ? 121 PHE A N   1 
ATOM   764  C CA  . PHE A 1 121 ? 2.534   6.483   6.099   1.00 15.43 ? 121 PHE A CA  1 
ATOM   765  C C   . PHE A 1 121 ? 2.909   5.073   6.528   1.00 17.78 ? 121 PHE A C   1 
ATOM   766  O O   . PHE A 1 121 ? 2.927   4.135   5.722   1.00 16.65 ? 121 PHE A O   1 
ATOM   767  C CB  . PHE A 1 121 ? 1.136   6.858   6.626   1.00 17.28 ? 121 PHE A CB  1 
ATOM   768  C CG  . PHE A 1 121 ? 0.033   5.904   6.224   1.00 14.38 ? 121 PHE A CG  1 
ATOM   769  C CD1 . PHE A 1 121 ? -0.225  4.752   6.972   1.00 15.93 ? 121 PHE A CD1 1 
ATOM   770  C CD2 . PHE A 1 121 ? -0.778  6.182   5.132   1.00 13.23 ? 121 PHE A CD2 1 
ATOM   771  C CE1 . PHE A 1 121 ? -1.284  3.890   6.630   1.00 14.34 ? 121 PHE A CE1 1 
ATOM   772  C CE2 . PHE A 1 121 ? -1.838  5.332   4.783   1.00 13.08 ? 121 PHE A CE2 1 
ATOM   773  C CZ  . PHE A 1 121 ? -2.090  4.180   5.537   1.00 13.51 ? 121 PHE A CZ  1 
ATOM   774  N N   . ALA A 1 122 ? 3.220   4.928   7.804   1.00 15.15 ? 122 ALA A N   1 
ATOM   775  C CA  . ALA A 1 122 ? 3.598   3.639   8.340   1.00 15.11 ? 122 ALA A CA  1 
ATOM   776  C C   . ALA A 1 122 ? 3.017   3.483   9.731   1.00 15.01 ? 122 ALA A C   1 
ATOM   777  O O   . ALA A 1 122 ? 2.962   4.441   10.499  1.00 17.42 ? 122 ALA A O   1 
ATOM   778  C CB  . ALA A 1 122 ? 5.122   3.519   8.383   1.00 14.58 ? 122 ALA A CB  1 
ATOM   779  N N   . ILE A 1 123 ? 2.570   2.273   10.046  1.00 16.12 ? 123 ILE A N   1 
ATOM   780  C CA  . ILE A 1 123 ? 2.017   1.991   11.362  1.00 13.63 ? 123 ILE A CA  1 
ATOM   781  C C   . ILE A 1 123 ? 2.709   0.802   11.981  1.00 13.57 ? 123 ILE A C   1 
ATOM   782  O O   . ILE A 1 123 ? 2.845   -0.242  11.348  1.00 13.43 ? 123 ILE A O   1 
ATOM   783  C CB  . ILE A 1 123 ? 0.520   1.683   11.306  1.00 13.76 ? 123 ILE A CB  1 
ATOM   784  C CG1 . ILE A 1 123 ? -0.198  2.790   10.539  1.00 14.76 ? 123 ILE A CG1 1 
ATOM   785  C CG2 . ILE A 1 123 ? -0.031  1.575   12.718  1.00 9.63  ? 123 ILE A CG2 1 
ATOM   786  C CD1 . ILE A 1 123 ? -1.507  2.358   9.927   1.00 16.58 ? 123 ILE A CD1 1 
ATOM   787  N N   . GLN A 1 124 ? 3.158   0.970   13.220  1.00 14.91 ? 124 GLN A N   1 
ATOM   788  C CA  . GLN A 1 124 ? 3.825   -0.099  13.942  1.00 14.97 ? 124 GLN A CA  1 
ATOM   789  C C   . GLN A 1 124 ? 3.018   -0.397  15.174  1.00 14.78 ? 124 GLN A C   1 
ATOM   790  O O   . GLN A 1 124 ? 2.329   0.477   15.683  1.00 16.89 ? 124 GLN A O   1 
ATOM   791  C CB  . GLN A 1 124 ? 5.210   0.334   14.396  1.00 16.51 ? 124 GLN A CB  1 
ATOM   792  C CG  . GLN A 1 124 ? 6.278   0.302   13.341  1.00 18.20 ? 124 GLN A CG  1 
ATOM   793  C CD  . GLN A 1 124 ? 7.537   0.972   13.835  1.00 20.49 ? 124 GLN A CD  1 
ATOM   794  O OE1 . GLN A 1 124 ? 7.750   2.169   13.604  1.00 21.96 ? 124 GLN A OE1 1 
ATOM   795  N NE2 . GLN A 1 124 ? 8.369   0.214   14.536  1.00 17.40 ? 124 GLN A NE2 1 
ATOM   796  N N   . GLY A 1 125 ? 3.100   -1.634  15.647  1.00 17.27 ? 125 GLY A N   1 
ATOM   797  C CA  . GLY A 1 125 ? 2.402   -2.013  16.866  1.00 16.18 ? 125 GLY A CA  1 
ATOM   798  C C   . GLY A 1 125 ? 0.897   -2.137  16.786  1.00 18.25 ? 125 GLY A C   1 
ATOM   799  O O   . GLY A 1 125 ? 0.247   -2.227  17.830  1.00 19.36 ? 125 GLY A O   1 
ATOM   800  N N   . LEU A 1 126 ? 0.337   -2.151  15.574  1.00 14.26 ? 126 LEU A N   1 
ATOM   801  C CA  . LEU A 1 126 ? -1.111  -2.272  15.420  1.00 15.69 ? 126 LEU A CA  1 
ATOM   802  C C   . LEU A 1 126 ? -1.571  -3.694  15.798  1.00 14.72 ? 126 LEU A C   1 
ATOM   803  O O   . LEU A 1 126 ? -1.124  -4.673  15.219  1.00 16.88 ? 126 LEU A O   1 
ATOM   804  C CB  . LEU A 1 126 ? -1.511  -1.941  13.981  1.00 13.73 ? 126 LEU A CB  1 
ATOM   805  C CG  . LEU A 1 126 ? -3.017  -1.884  13.715  1.00 13.98 ? 126 LEU A CG  1 
ATOM   806  C CD1 . LEU A 1 126 ? -3.617  -0.658  14.376  1.00 12.75 ? 126 LEU A CD1 1 
ATOM   807  C CD2 . LEU A 1 126 ? -3.264  -1.853  12.225  1.00 14.61 ? 126 LEU A CD2 1 
ATOM   808  N N   . PRO A 1 127 ? -2.492  -3.817  16.756  1.00 13.87 ? 127 PRO A N   1 
ATOM   809  C CA  . PRO A 1 127 ? -2.945  -5.152  17.146  1.00 17.04 ? 127 PRO A CA  1 
ATOM   810  C C   . PRO A 1 127 ? -3.645  -5.885  16.023  1.00 17.22 ? 127 PRO A C   1 
ATOM   811  O O   . PRO A 1 127 ? -4.369  -5.287  15.225  1.00 20.34 ? 127 PRO A O   1 
ATOM   812  C CB  . PRO A 1 127 ? -3.876  -4.899  18.322  1.00 14.84 ? 127 PRO A CB  1 
ATOM   813  C CG  . PRO A 1 127 ? -3.598  -3.473  18.722  1.00 19.50 ? 127 PRO A CG  1 
ATOM   814  C CD  . PRO A 1 127 ? -3.198  -2.764  17.491  1.00 13.82 ? 127 PRO A CD  1 
ATOM   815  N N   . MET A 1 128 ? -3.425  -7.191  15.977  1.00 21.98 ? 128 MET A N   1 
ATOM   816  C CA  . MET A 1 128 ? -4.006  -8.063  14.957  1.00 23.68 ? 128 MET A CA  1 
ATOM   817  C C   . MET A 1 128 ? -5.520  -7.961  14.880  1.00 20.98 ? 128 MET A C   1 
ATOM   818  O O   . MET A 1 128 ? -6.113  -8.189  13.836  1.00 23.03 ? 128 MET A O   1 
ATOM   819  C CB  . MET A 1 128 ? -3.602  -9.506  15.238  1.00 28.39 ? 128 MET A CB  1 
ATOM   820  C CG  . MET A 1 128 ? -2.165  -9.797  14.927  1.00 26.64 ? 128 MET A CG  1 
ATOM   821  S SD  . MET A 1 128 ? -1.892  -9.728  12.902  1.00 41.10 ? 128 MET A SD  1 
ATOM   822  C CE  . MET A 1 128 ? -0.196  -10.323 12.800  1.00 28.98 ? 128 MET A CE  1 
ATOM   823  N N   . SER A 1 129 ? -6.140  -7.614  15.995  1.00 23.20 ? 129 SER A N   1 
ATOM   824  C CA  . SER A 1 129 ? -7.588  -7.482  16.039  1.00 23.94 ? 129 SER A CA  1 
ATOM   825  C C   . SER A 1 129 ? -8.047  -6.380  15.083  1.00 23.47 ? 129 SER A C   1 
ATOM   826  O O   . SER A 1 129 ? -9.229  -6.311  14.738  1.00 22.51 ? 129 SER A O   1 
ATOM   827  C CB  . SER A 1 129 ? -8.051  -7.167  17.462  1.00 24.84 ? 129 SER A CB  1 
ATOM   828  O OG  . SER A 1 129 ? -7.571  -5.897  17.876  1.00 28.56 ? 129 SER A OG  1 
ATOM   829  N N   . VAL A 1 130 ? -7.121  -5.523  14.652  1.00 19.41 ? 130 VAL A N   1 
ATOM   830  C CA  . VAL A 1 130 ? -7.480  -4.459  13.714  1.00 17.42 ? 130 VAL A CA  1 
ATOM   831  C C   . VAL A 1 130 ? -7.068  -4.813  12.289  1.00 17.09 ? 130 VAL A C   1 
ATOM   832  O O   . VAL A 1 130 ? -5.885  -5.006  12.018  1.00 18.46 ? 130 VAL A O   1 
ATOM   833  C CB  . VAL A 1 130 ? -6.817  -3.105  14.079  1.00 16.56 ? 130 VAL A CB  1 
ATOM   834  C CG1 . VAL A 1 130 ? -7.386  -1.989  13.224  1.00 10.29 ? 130 VAL A CG1 1 
ATOM   835  C CG2 . VAL A 1 130 ? -7.051  -2.800  15.529  1.00 18.16 ? 130 VAL A CG2 1 
ATOM   836  N N   . GLN A 1 131 ? -8.045  -4.919  11.393  1.00 15.46 ? 131 GLN A N   1 
ATOM   837  C CA  . GLN A 1 131 ? -7.761  -5.215  9.990   1.00 20.20 ? 131 GLN A CA  1 
ATOM   838  C C   . GLN A 1 131 ? -7.677  -3.874  9.251   1.00 17.64 ? 131 GLN A C   1 
ATOM   839  O O   . GLN A 1 131 ? -8.379  -2.930  9.602   1.00 21.40 ? 131 GLN A O   1 
ATOM   840  C CB  . GLN A 1 131 ? -8.857  -6.094  9.396   1.00 20.08 ? 131 GLN A CB  1 
ATOM   841  C CG  . GLN A 1 131 ? -9.066  -7.390  10.165  1.00 27.81 ? 131 GLN A CG  1 
ATOM   842  C CD  . GLN A 1 131 ? -10.267 -8.190  9.655   1.00 28.95 ? 131 GLN A CD  1 
ATOM   843  O OE1 . GLN A 1 131 ? -10.113 -9.315  9.196   1.00 30.23 ? 131 GLN A OE1 1 
ATOM   844  N NE2 . GLN A 1 131 ? -11.466 -7.601  9.743   1.00 29.77 ? 131 GLN A NE2 1 
ATOM   845  N N   . PRO A 1 132 ? -6.844  -3.781  8.202   1.00 18.17 ? 132 PRO A N   1 
ATOM   846  C CA  . PRO A 1 132 ? -6.701  -2.520  7.463   1.00 17.67 ? 132 PRO A CA  1 
ATOM   847  C C   . PRO A 1 132 ? -8.003  -1.820  7.079   1.00 19.40 ? 132 PRO A C   1 
ATOM   848  O O   . PRO A 1 132 ? -8.160  -0.622  7.314   1.00 21.27 ? 132 PRO A O   1 
ATOM   849  C CB  . PRO A 1 132 ? -5.868  -2.906  6.246   1.00 16.90 ? 132 PRO A CB  1 
ATOM   850  C CG  . PRO A 1 132 ? -5.150  -4.129  6.658   1.00 16.21 ? 132 PRO A CG  1 
ATOM   851  C CD  . PRO A 1 132 ? -6.039  -4.862  7.606   1.00 17.60 ? 132 PRO A CD  1 
ATOM   852  N N   . THR A 1 133 ? -8.938  -2.570  6.505   1.00 20.45 ? 133 THR A N   1 
ATOM   853  C CA  . THR A 1 133 ? -10.216 -2.001  6.099   1.00 21.45 ? 133 THR A CA  1 
ATOM   854  C C   . THR A 1 133 ? -10.918 -1.338  7.279   1.00 19.91 ? 133 THR A C   1 
ATOM   855  O O   . THR A 1 133 ? -11.385 -0.217  7.164   1.00 21.35 ? 133 THR A O   1 
ATOM   856  C CB  . THR A 1 133 ? -11.154 -3.080  5.500   1.00 19.89 ? 133 THR A CB  1 
ATOM   857  O OG1 . THR A 1 133 ? -10.724 -3.413  4.178   1.00 23.09 ? 133 THR A OG1 1 
ATOM   858  C CG2 . THR A 1 133 ? -12.573 -2.557  5.400   1.00 22.72 ? 133 THR A CG2 1 
ATOM   859  N N   . GLN A 1 134 ? -11.000 -2.036  8.407   1.00 21.79 ? 134 GLN A N   1 
ATOM   860  C CA  . GLN A 1 134 ? -11.649 -1.483  9.584   1.00 22.87 ? 134 GLN A CA  1 
ATOM   861  C C   . GLN A 1 134 ? -10.831 -0.322  10.121  1.00 24.14 ? 134 GLN A C   1 
ATOM   862  O O   . GLN A 1 134 ? -11.368 0.674   10.599  1.00 26.17 ? 134 GLN A O   1 
ATOM   863  C CB  . GLN A 1 134 ? -11.768 -2.545  10.667  1.00 27.18 ? 134 GLN A CB  1 
ATOM   864  C CG  . GLN A 1 134 ? -13.017 -3.376  10.562  1.00 31.26 ? 134 GLN A CG  1 
ATOM   865  C CD  . GLN A 1 134 ? -12.979 -4.287  9.367   1.00 32.56 ? 134 GLN A CD  1 
ATOM   866  O OE1 . GLN A 1 134 ? -11.907 -4.627  8.866   1.00 32.57 ? 134 GLN A OE1 1 
ATOM   867  N NE2 . GLN A 1 134 ? -14.151 -4.690  8.895   1.00 34.50 ? 134 GLN A NE2 1 
ATOM   868  N N   . LEU A 1 135 ? -9.519  -0.470  10.056  1.00 23.22 ? 135 LEU A N   1 
ATOM   869  C CA  . LEU A 1 135 ? -8.599  0.556   10.514  1.00 25.45 ? 135 LEU A CA  1 
ATOM   870  C C   . LEU A 1 135 ? -8.953  1.928   9.941   1.00 26.07 ? 135 LEU A C   1 
ATOM   871  O O   . LEU A 1 135 ? -9.230  2.886   10.653  1.00 27.76 ? 135 LEU A O   1 
ATOM   872  C CB  . LEU A 1 135 ? -7.184  0.184   10.056  1.00 24.10 ? 135 LEU A CB  1 
ATOM   873  C CG  . LEU A 1 135 ? -5.939  0.777   10.737  1.00 25.32 ? 135 LEU A CG  1 
ATOM   874  C CD1 . LEU A 1 135 ? -4.987  1.287   9.668   1.00 21.60 ? 135 LEU A CD1 1 
ATOM   875  C CD2 . LEU A 1 135 ? -6.331  1.877   11.724  1.00 23.35 ? 135 LEU A CD2 1 
ATOM   876  N N   . VAL A 1 136 ? -8.947  1.975   8.622   1.00 28.41 ? 136 VAL A N   1 
ATOM   877  C CA  . VAL A 1 136 ? -9.173  3.170   7.839   1.00 26.66 ? 136 VAL A CA  1 
ATOM   878  C C   . VAL A 1 136 ? -10.646 3.593   7.570   1.00 29.88 ? 136 VAL A C   1 
ATOM   879  O O   . VAL A 1 136 ? -10.897 4.637   6.954   1.00 26.37 ? 136 VAL A O   1 
ATOM   880  C CB  . VAL A 1 136 ? -8.326  2.972   6.547   1.00 25.07 ? 136 VAL A CB  1 
ATOM   881  C CG1 . VAL A 1 136 ? -9.151  3.099   5.313   1.00 23.44 ? 136 VAL A CG1 1 
ATOM   882  C CG2 . VAL A 1 136 ? -7.142  3.891   6.579   1.00 21.84 ? 136 VAL A CG2 1 
ATOM   883  N N   . THR A 1 137 ? -11.616 2.807   8.043   1.00 30.55 ? 137 THR A N   1 
ATOM   884  C CA  . THR A 1 137 ? -13.036 3.142   7.859   1.00 34.44 ? 137 THR A CA  1 
ATOM   885  C C   . THR A 1 137 ? -13.804 3.231   9.175   1.00 36.74 ? 137 THR A C   1 
ATOM   886  O O   . THR A 1 137 ? -13.348 2.770   10.220  1.00 37.18 ? 137 THR A O   1 
ATOM   887  C CB  . THR A 1 137 ? -13.810 2.120   6.979   1.00 33.13 ? 137 THR A CB  1 
ATOM   888  O OG1 . THR A 1 137 ? -13.779 0.835   7.606   1.00 34.32 ? 137 THR A OG1 1 
ATOM   889  C CG2 . THR A 1 137 ? -13.220 2.037   5.571   1.00 31.20 ? 137 THR A CG2 1 
ATOM   890  N N   . GLU A 1 138 ? -14.989 3.827   9.093   1.00 41.92 ? 138 GLU A N   1 
ATOM   891  C CA  . GLU A 1 138 ? -15.876 4.031   10.239  1.00 44.27 ? 138 GLU A CA  1 
ATOM   892  C C   . GLU A 1 138 ? -17.290 3.648   9.808   1.00 45.09 ? 138 GLU A C   1 
ATOM   893  O O   . GLU A 1 138 ? -17.821 4.207   8.852   1.00 45.28 ? 138 GLU A O   1 
ATOM   894  C CB  . GLU A 1 138 ? -15.855 5.507   10.617  1.00 44.18 ? 138 GLU A CB  1 
ATOM   895  C CG  . GLU A 1 138 ? -15.891 5.814   12.084  1.00 48.76 ? 138 GLU A CG  1 
ATOM   896  C CD  . GLU A 1 138 ? -16.362 7.236   12.335  1.00 48.53 ? 138 GLU A CD  1 
ATOM   897  O OE1 . GLU A 1 138 ? -15.760 8.180   11.770  1.00 51.62 ? 138 GLU A OE1 1 
ATOM   898  O OE2 . GLU A 1 138 ? -17.342 7.414   13.088  1.00 52.36 ? 138 GLU A OE2 1 
ATOM   899  N N   . THR A 1 139 ? -17.901 2.694   10.496  1.00 48.80 ? 139 THR A N   1 
ATOM   900  C CA  . THR A 1 139 ? -19.262 2.278   10.152  1.00 54.33 ? 139 THR A CA  1 
ATOM   901  C C   . THR A 1 139 ? -20.164 2.395   11.373  1.00 56.29 ? 139 THR A C   1 
ATOM   902  O O   . THR A 1 139 ? -20.344 1.435   12.122  1.00 57.20 ? 139 THR A O   1 
ATOM   903  C CB  . THR A 1 139 ? -19.296 0.828   9.688   1.00 53.68 ? 139 THR A CB  1 
ATOM   904  O OG1 . THR A 1 139 ? -18.231 0.115   10.332  1.00 57.06 ? 139 THR A OG1 1 
ATOM   905  C CG2 . THR A 1 139 ? -19.136 0.742   8.172   1.00 54.76 ? 139 THR A CG2 1 
ATOM   906  N N   . LEU A 1 140 ? -20.720 3.581   11.579  1.00 59.95 ? 140 LEU A N   1 
ATOM   907  C CA  . LEU A 1 140 ? -21.592 3.797   12.716  1.00 63.64 ? 140 LEU A CA  1 
ATOM   908  C C   . LEU A 1 140 ? -22.885 3.015   12.541  1.00 65.34 ? 140 LEU A C   1 
ATOM   909  O O   . LEU A 1 140 ? -23.452 2.955   11.447  1.00 64.97 ? 140 LEU A O   1 
ATOM   910  C CB  . LEU A 1 140 ? -21.876 5.292   12.881  1.00 65.21 ? 140 LEU A CB  1 
ATOM   911  C CG  . LEU A 1 140 ? -20.720 6.131   13.450  1.00 66.64 ? 140 LEU A CG  1 
ATOM   912  C CD1 . LEU A 1 140 ? -21.216 6.880   14.692  1.00 67.00 ? 140 LEU A CD1 1 
ATOM   913  C CD2 . LEU A 1 140 ? -19.518 5.239   13.794  1.00 66.16 ? 140 LEU A CD2 1 
ATOM   914  N N   . ASN A 1 141 ? -23.339 2.415   13.634  1.00 68.17 ? 141 ASN A N   1 
ATOM   915  C CA  . ASN A 1 141 ? -24.544 1.602   13.635  1.00 69.88 ? 141 ASN A CA  1 
ATOM   916  C C   . ASN A 1 141 ? -25.537 1.951   12.543  1.00 69.38 ? 141 ASN A C   1 
ATOM   917  O O   . ASN A 1 141 ? -25.786 1.147   11.642  1.00 70.81 ? 141 ASN A O   1 
ATOM   918  C CB  . ASN A 1 141 ? -25.235 1.689   14.996  1.00 72.13 ? 141 ASN A CB  1 
ATOM   919  C CG  . ASN A 1 141 ? -25.234 0.363   15.720  1.00 73.75 ? 141 ASN A CG  1 
ATOM   920  O OD1 . ASN A 1 141 ? -24.212 -0.332  15.763  1.00 74.51 ? 141 ASN A OD1 1 
ATOM   921  N ND2 . ASN A 1 141 ? -26.380 -0.007  16.289  1.00 74.26 ? 141 ASN A ND2 1 
ATOM   922  N N   . GLU A 1 142 ? -26.101 3.149   12.617  1.00 67.56 ? 142 GLU A N   1 
ATOM   923  C CA  . GLU A 1 142 ? -27.085 3.576   11.633  1.00 67.20 ? 142 GLU A CA  1 
ATOM   924  C C   . GLU A 1 142 ? -26.447 3.952   10.295  1.00 65.50 ? 142 GLU A C   1 
ATOM   925  O O   . GLU A 1 142 ? -27.000 3.685   9.226   1.00 65.75 ? 142 GLU A O   1 
ATOM   926  C CB  . GLU A 1 142 ? -27.881 4.761   12.196  1.00 68.26 ? 142 GLU A CB  1 
ATOM   927  C CG  . GLU A 1 142 ? -28.886 5.371   11.236  1.00 69.83 ? 142 GLU A CG  1 
ATOM   928  C CD  . GLU A 1 142 ? -28.396 6.679   10.647  1.00 69.95 ? 142 GLU A CD  1 
ATOM   929  O OE1 . GLU A 1 142 ? -27.166 6.905   10.642  1.00 71.80 ? 142 GLU A OE1 1 
ATOM   930  O OE2 . GLU A 1 142 ? -29.237 7.480   10.188  1.00 69.96 ? 142 GLU A OE2 1 
ATOM   931  N N   . ARG A 1 143 ? -25.265 4.547   10.370  1.00 62.74 ? 143 ARG A N   1 
ATOM   932  C CA  . ARG A 1 143 ? -24.539 5.007   9.194   1.00 58.49 ? 143 ARG A CA  1 
ATOM   933  C C   . ARG A 1 143 ? -24.045 3.983   8.169   1.00 55.85 ? 143 ARG A C   1 
ATOM   934  O O   . ARG A 1 143 ? -24.146 2.762   8.351   1.00 55.61 ? 143 ARG A O   1 
ATOM   935  C CB  . ARG A 1 143 ? -23.341 5.840   9.652   1.00 60.61 ? 143 ARG A CB  1 
ATOM   936  C CG  . ARG A 1 143 ? -23.226 7.183   8.971   1.00 60.76 ? 143 ARG A CG  1 
ATOM   937  C CD  . ARG A 1 143 ? -24.589 7.835   8.903   1.00 60.94 ? 143 ARG A CD  1 
ATOM   938  N NE  . ARG A 1 143 ? -24.510 9.286   8.861   1.00 58.10 ? 143 ARG A NE  1 
ATOM   939  C CZ  . ARG A 1 143 ? -25.550 10.075  9.082   1.00 58.73 ? 143 ARG A CZ  1 
ATOM   940  N NH1 . ARG A 1 143 ? -26.730 9.532   9.361   1.00 56.68 ? 143 ARG A NH1 1 
ATOM   941  N NH2 . ARG A 1 143 ? -25.414 11.393  9.010   1.00 58.33 ? 143 ARG A NH2 1 
ATOM   942  N N   . GLN A 1 144 ? -23.508 4.523   7.081   1.00 49.19 ? 144 GLN A N   1 
ATOM   943  C CA  . GLN A 1 144 ? -22.930 3.738   6.003   1.00 45.38 ? 144 GLN A CA  1 
ATOM   944  C C   . GLN A 1 144 ? -21.418 3.956   6.133   1.00 43.62 ? 144 GLN A C   1 
ATOM   945  O O   . GLN A 1 144 ? -20.985 4.983   6.658   1.00 43.53 ? 144 GLN A O   1 
ATOM   946  C CB  . GLN A 1 144 ? -23.420 4.252   4.653   1.00 44.19 ? 144 GLN A CB  1 
ATOM   947  C CG  . GLN A 1 144 ? -22.394 4.149   3.539   1.00 42.64 ? 144 GLN A CG  1 
ATOM   948  C CD  . GLN A 1 144 ? -22.724 5.056   2.377   1.00 42.11 ? 144 GLN A CD  1 
ATOM   949  O OE1 . GLN A 1 144 ? -23.522 4.706   1.507   1.00 40.29 ? 144 GLN A OE1 1 
ATOM   950  N NE2 . GLN A 1 144 ? -22.110 6.234   2.356   1.00 40.92 ? 144 GLN A NE2 1 
ATOM   951  N N   . ALA A 1 145 ? -20.619 3.004   5.664   1.00 39.95 ? 145 ALA A N   1 
ATOM   952  C CA  . ALA A 1 145 ? -19.172 3.126   5.774   1.00 36.31 ? 145 ALA A CA  1 
ATOM   953  C C   . ALA A 1 145 ? -18.656 4.453   5.256   1.00 33.27 ? 145 ALA A C   1 
ATOM   954  O O   . ALA A 1 145 ? -19.134 4.980   4.264   1.00 31.33 ? 145 ALA A O   1 
ATOM   955  C CB  . ALA A 1 145 ? -18.485 1.979   5.044   1.00 38.28 ? 145 ALA A CB  1 
ATOM   956  N N   . ARG A 1 146 ? -17.679 5.000   5.961   1.00 32.23 ? 146 ARG A N   1 
ATOM   957  C CA  . ARG A 1 146 ? -17.076 6.257   5.570   1.00 30.19 ? 146 ARG A CA  1 
ATOM   958  C C   . ARG A 1 146 ? -15.565 6.147   5.749   1.00 28.66 ? 146 ARG A C   1 
ATOM   959  O O   . ARG A 1 146 ? -15.084 5.609   6.753   1.00 26.15 ? 146 ARG A O   1 
ATOM   960  C CB  . ARG A 1 146 ? -17.641 7.382   6.431   1.00 32.75 ? 146 ARG A CB  1 
ATOM   961  C CG  . ARG A 1 146 ? -16.816 8.645   6.411   1.00 35.26 ? 146 ARG A CG  1 
ATOM   962  C CD  . ARG A 1 146 ? -17.333 9.678   7.393   1.00 36.79 ? 146 ARG A CD  1 
ATOM   963  N NE  . ARG A 1 146 ? -16.342 10.729  7.589   1.00 39.15 ? 146 ARG A NE  1 
ATOM   964  C CZ  . ARG A 1 146 ? -15.487 10.757  8.604   1.00 39.48 ? 146 ARG A CZ  1 
ATOM   965  N NH1 . ARG A 1 146 ? -15.509 9.791   9.511   1.00 40.00 ? 146 ARG A NH1 1 
ATOM   966  N NH2 . ARG A 1 146 ? -14.607 11.743  8.710   1.00 39.44 ? 146 ARG A NH2 1 
ATOM   967  N N   . VAL A 1 147 ? -14.812 6.641   4.775   1.00 25.70 ? 147 VAL A N   1 
ATOM   968  C CA  . VAL A 1 147 ? -13.358 6.578   4.870   1.00 24.14 ? 147 VAL A CA  1 
ATOM   969  C C   . VAL A 1 147 ? -12.786 7.754   5.666   1.00 24.42 ? 147 VAL A C   1 
ATOM   970  O O   . VAL A 1 147 ? -13.116 8.911   5.417   1.00 23.21 ? 147 VAL A O   1 
ATOM   971  C CB  . VAL A 1 147 ? -12.718 6.540   3.461   1.00 24.01 ? 147 VAL A CB  1 
ATOM   972  C CG1 . VAL A 1 147 ? -11.203 6.329   3.565   1.00 20.50 ? 147 VAL A CG1 1 
ATOM   973  C CG2 . VAL A 1 147 ? -13.371 5.444   2.653   1.00 19.18 ? 147 VAL A CG2 1 
ATOM   974  N N   . LEU A 1 148 ? -11.926 7.448   6.629   1.00 24.46 ? 148 LEU A N   1 
ATOM   975  C CA  . LEU A 1 148 ? -11.320 8.482   7.458   1.00 23.18 ? 148 LEU A CA  1 
ATOM   976  C C   . LEU A 1 148 ? -10.180 9.195   6.739   1.00 24.78 ? 148 LEU A C   1 
ATOM   977  O O   . LEU A 1 148 ? -9.410  8.567   6.018   1.00 26.28 ? 148 LEU A O   1 
ATOM   978  C CB  . LEU A 1 148 ? -10.745 7.868   8.742   1.00 23.28 ? 148 LEU A CB  1 
ATOM   979  C CG  . LEU A 1 148 ? -11.631 7.109   9.740   1.00 23.27 ? 148 LEU A CG  1 
ATOM   980  C CD1 . LEU A 1 148 ? -10.770 6.402   10.762  1.00 22.81 ? 148 LEU A CD1 1 
ATOM   981  C CD2 . LEU A 1 148 ? -12.535 8.081   10.455  1.00 26.81 ? 148 LEU A CD2 1 
ATOM   982  N N   . PRO A 1 149 ? -10.081 10.524  6.885   1.00 24.24 ? 149 PRO A N   1 
ATOM   983  C CA  . PRO A 1 149 ? -8.965  11.193  6.213   1.00 23.36 ? 149 PRO A CA  1 
ATOM   984  C C   . PRO A 1 149 ? -7.762  10.929  7.120   1.00 23.54 ? 149 PRO A C   1 
ATOM   985  O O   . PRO A 1 149 ? -7.947  10.457  8.243   1.00 23.13 ? 149 PRO A O   1 
ATOM   986  C CB  . PRO A 1 149 ? -9.372  12.664  6.181   1.00 21.26 ? 149 PRO A CB  1 
ATOM   987  C CG  . PRO A 1 149 ? -10.391 12.818  7.223   1.00 25.53 ? 149 PRO A CG  1 
ATOM   988  C CD  . PRO A 1 149 ? -10.957 11.467  7.594   1.00 25.63 ? 149 PRO A CD  1 
ATOM   989  N N   . LEU A 1 150 ? -6.549  11.227  6.644   1.00 23.02 ? 150 LEU A N   1 
ATOM   990  C CA  . LEU A 1 150 ? -5.318  10.984  7.399   1.00 23.84 ? 150 LEU A CA  1 
ATOM   991  C C   . LEU A 1 150 ? -5.288  11.553  8.812   1.00 26.02 ? 150 LEU A C   1 
ATOM   992  O O   . LEU A 1 150 ? -4.753  10.923  9.720   1.00 25.87 ? 150 LEU A O   1 
ATOM   993  C CB  . LEU A 1 150 ? -4.102  11.509  6.625   1.00 21.35 ? 150 LEU A CB  1 
ATOM   994  C CG  . LEU A 1 150 ? -3.154  10.456  6.035   1.00 22.78 ? 150 LEU A CG  1 
ATOM   995  C CD1 . LEU A 1 150 ? -1.882  11.121  5.560   1.00 21.71 ? 150 LEU A CD1 1 
ATOM   996  C CD2 . LEU A 1 150 ? -2.827  9.398   7.058   1.00 19.82 ? 150 LEU A CD2 1 
ATOM   997  N N   . ASN A 1 151 ? -5.858  12.743  8.995   1.00 28.63 ? 151 ASN A N   1 
ATOM   998  C CA  . ASN A 1 151 ? -5.884  13.383  10.302  1.00 28.79 ? 151 ASN A CA  1 
ATOM   999  C C   . ASN A 1 151 ? -6.685  12.572  11.316  1.00 28.67 ? 151 ASN A C   1 
ATOM   1000 O O   . ASN A 1 151 ? -6.264  12.433  12.468  1.00 27.57 ? 151 ASN A O   1 
ATOM   1001 C CB  . ASN A 1 151 ? -6.462  14.807  10.197  1.00 33.51 ? 151 ASN A CB  1 
ATOM   1002 C CG  . ASN A 1 151 ? -7.821  14.841  9.502   1.00 36.99 ? 151 ASN A CG  1 
ATOM   1003 O OD1 . ASN A 1 151 ? -8.864  15.038  10.149  1.00 38.01 ? 151 ASN A OD1 1 
ATOM   1004 N ND2 . ASN A 1 151 ? -7.815  14.650  8.179   1.00 37.48 ? 151 ASN A ND2 1 
ATOM   1005 N N   . GLU A 1 152 ? -7.838  12.052  10.903  1.00 26.57 ? 152 GLU A N   1 
ATOM   1006 C CA  . GLU A 1 152 ? -8.649  11.244  11.813  1.00 28.63 ? 152 GLU A CA  1 
ATOM   1007 C C   . GLU A 1 152 ? -7.953  9.913   12.082  1.00 27.22 ? 152 GLU A C   1 
ATOM   1008 O O   . GLU A 1 152 ? -7.988  9.413   13.196  1.00 28.68 ? 152 GLU A O   1 
ATOM   1009 C CB  . GLU A 1 152 ? -10.035 10.998  11.230  1.00 29.92 ? 152 GLU A CB  1 
ATOM   1010 C CG  . GLU A 1 152 ? -10.908 12.233  11.244  1.00 35.01 ? 152 GLU A CG  1 
ATOM   1011 C CD  . GLU A 1 152 ? -12.266 12.004  10.607  1.00 35.98 ? 152 GLU A CD  1 
ATOM   1012 O OE1 . GLU A 1 152 ? -12.893 10.958  10.889  1.00 37.91 ? 152 GLU A OE1 1 
ATOM   1013 O OE2 . GLU A 1 152 ? -12.708 12.874  9.825   1.00 37.18 ? 152 GLU A OE2 1 
ATOM   1014 N N   . LEU A 1 153 ? -7.313  9.341   11.064  1.00 25.77 ? 153 LEU A N   1 
ATOM   1015 C CA  . LEU A 1 153 ? -6.599  8.081   11.259  1.00 23.32 ? 153 LEU A CA  1 
ATOM   1016 C C   . LEU A 1 153 ? -5.549  8.314   12.347  1.00 24.01 ? 153 LEU A C   1 
ATOM   1017 O O   . LEU A 1 153 ? -5.466  7.547   13.310  1.00 22.08 ? 153 LEU A O   1 
ATOM   1018 C CB  . LEU A 1 153 ? -5.927  7.617   9.947   1.00 20.82 ? 153 LEU A CB  1 
ATOM   1019 C CG  . LEU A 1 153 ? -5.098  6.318   9.956   1.00 18.53 ? 153 LEU A CG  1 
ATOM   1020 C CD1 . LEU A 1 153 ? -6.010  5.125   10.250  1.00 16.66 ? 153 LEU A CD1 1 
ATOM   1021 C CD2 . LEU A 1 153 ? -4.400  6.129   8.610   1.00 14.87 ? 153 LEU A CD2 1 
ATOM   1022 N N   . LYS A 1 154 ? -4.757  9.379   12.183  1.00 25.23 ? 154 LYS A N   1 
ATOM   1023 C CA  . LYS A 1 154 ? -3.710  9.741   13.146  1.00 25.71 ? 154 LYS A CA  1 
ATOM   1024 C C   . LYS A 1 154 ? -4.257  9.772   14.564  1.00 26.12 ? 154 LYS A C   1 
ATOM   1025 O O   . LYS A 1 154 ? -3.763  9.081   15.443  1.00 28.15 ? 154 LYS A O   1 
ATOM   1026 C CB  . LYS A 1 154 ? -3.119  11.111  12.801  1.00 27.65 ? 154 LYS A CB  1 
ATOM   1027 C CG  . LYS A 1 154 ? -1.880  11.497  13.621  1.00 29.56 ? 154 LYS A CG  1 
ATOM   1028 C CD  . LYS A 1 154 ? -2.248  12.515  14.707  1.00 36.62 ? 154 LYS A CD  1 
ATOM   1029 C CE  . LYS A 1 154 ? -1.031  13.141  15.388  1.00 33.48 ? 154 LYS A CE  1 
ATOM   1030 N NZ  . LYS A 1 154 ? 0.089   13.354  14.436  1.00 40.06 ? 154 LYS A NZ  1 
ATOM   1031 N N   . ASP A 1 155 ? -5.291  10.568  14.791  1.00 27.20 ? 155 ASP A N   1 
ATOM   1032 C CA  . ASP A 1 155 ? -5.875  10.652  16.117  1.00 28.46 ? 155 ASP A CA  1 
ATOM   1033 C C   . ASP A 1 155 ? -6.312  9.282   16.608  1.00 25.98 ? 155 ASP A C   1 
ATOM   1034 O O   . ASP A 1 155 ? -6.054  8.916   17.739  1.00 27.12 ? 155 ASP A O   1 
ATOM   1035 C CB  . ASP A 1 155 ? -7.065  11.609  16.093  1.00 33.00 ? 155 ASP A CB  1 
ATOM   1036 C CG  . ASP A 1 155 ? -6.659  13.030  15.739  1.00 37.14 ? 155 ASP A CG  1 
ATOM   1037 O OD1 . ASP A 1 155 ? -5.451  13.368  15.875  1.00 39.86 ? 155 ASP A OD1 1 
ATOM   1038 O OD2 . ASP A 1 155 ? -7.547  13.807  15.325  1.00 39.70 ? 155 ASP A OD2 1 
ATOM   1039 N N   . LYS A 1 156 ? -6.963  8.515   15.747  1.00 24.76 ? 156 LYS A N   1 
ATOM   1040 C CA  . LYS A 1 156 ? -7.429  7.181   16.113  1.00 25.30 ? 156 LYS A CA  1 
ATOM   1041 C C   . LYS A 1 156 ? -6.297  6.258   16.581  1.00 25.13 ? 156 LYS A C   1 
ATOM   1042 O O   . LYS A 1 156 ? -6.462  5.515   17.541  1.00 24.21 ? 156 LYS A O   1 
ATOM   1043 C CB  . LYS A 1 156 ? -8.164  6.550   14.924  1.00 24.03 ? 156 LYS A CB  1 
ATOM   1044 C CG  . LYS A 1 156 ? -8.804  5.218   15.232  1.00 23.98 ? 156 LYS A CG  1 
ATOM   1045 C CD  . LYS A 1 156 ? -9.079  4.468   13.953  1.00 21.19 ? 156 LYS A CD  1 
ATOM   1046 C CE  . LYS A 1 156 ? -9.718  3.124   14.222  1.00 22.05 ? 156 LYS A CE  1 
ATOM   1047 N NZ  . LYS A 1 156 ? -10.641 2.786   13.114  1.00 24.08 ? 156 LYS A NZ  1 
ATOM   1048 N N   . LEU A 1 157 ? -5.159  6.303   15.889  1.00 26.05 ? 157 LEU A N   1 
ATOM   1049 C CA  . LEU A 1 157 ? -4.001  5.484   16.252  1.00 27.98 ? 157 LEU A CA  1 
ATOM   1050 C C   . LEU A 1 157 ? -3.270  6.022   17.495  1.00 28.90 ? 157 LEU A C   1 
ATOM   1051 O O   . LEU A 1 157 ? -2.682  5.254   18.254  1.00 30.69 ? 157 LEU A O   1 
ATOM   1052 C CB  . LEU A 1 157 ? -3.026  5.387   15.074  1.00 24.30 ? 157 LEU A CB  1 
ATOM   1053 C CG  . LEU A 1 157 ? -3.558  4.681   13.825  1.00 26.08 ? 157 LEU A CG  1 
ATOM   1054 C CD1 . LEU A 1 157 ? -2.642  4.985   12.652  1.00 24.13 ? 157 LEU A CD1 1 
ATOM   1055 C CD2 . LEU A 1 157 ? -3.645  3.183   14.047  1.00 22.88 ? 157 LEU A CD2 1 
ATOM   1056 N N   . GLU A 1 158 ? -3.301  7.337   17.695  1.00 31.73 ? 158 GLU A N   1 
ATOM   1057 C CA  . GLU A 1 158 ? -2.662  7.941   18.862  1.00 33.45 ? 158 GLU A CA  1 
ATOM   1058 C C   . GLU A 1 158 ? -3.283  7.340   20.110  1.00 31.29 ? 158 GLU A C   1 
ATOM   1059 O O   . GLU A 1 158 ? -2.587  7.033   21.073  1.00 32.13 ? 158 GLU A O   1 
ATOM   1060 C CB  . GLU A 1 158 ? -2.894  9.465   18.912  1.00 37.96 ? 158 GLU A CB  1 
ATOM   1061 C CG  . GLU A 1 158 ? -2.534  10.255  17.663  1.00 45.02 ? 158 GLU A CG  1 
ATOM   1062 C CD  . GLU A 1 158 ? -1.061  10.140  17.292  1.00 48.50 ? 158 GLU A CD  1 
ATOM   1063 O OE1 . GLU A 1 158 ? -0.549  8.993   17.255  1.00 50.97 ? 158 GLU A OE1 1 
ATOM   1064 O OE2 . GLU A 1 158 ? -0.414  11.194  17.036  1.00 49.99 ? 158 GLU A OE2 1 
ATOM   1065 N N   . ALA A 1 159 ? -4.604  7.196   20.081  1.00 28.68 ? 159 ALA A N   1 
ATOM   1066 C CA  . ALA A 1 159 ? -5.369  6.667   21.200  1.00 27.29 ? 159 ALA A CA  1 
ATOM   1067 C C   . ALA A 1 159 ? -5.020  5.238   21.566  1.00 27.77 ? 159 ALA A C   1 
ATOM   1068 O O   . ALA A 1 159 ? -5.319  4.794   22.663  1.00 31.81 ? 159 ALA A O   1 
ATOM   1069 C CB  . ALA A 1 159 ? -6.857  6.769   20.896  1.00 25.97 ? 159 ALA A CB  1 
ATOM   1070 N N   . MET A 1 160 ? -4.388  4.510   20.655  1.00 31.79 ? 160 MET A N   1 
ATOM   1071 C CA  . MET A 1 160 ? -4.031  3.120   20.917  1.00 28.48 ? 160 MET A CA  1 
ATOM   1072 C C   . MET A 1 160 ? -2.649  2.957   21.489  1.00 29.50 ? 160 MET A C   1 
ATOM   1073 O O   . MET A 1 160 ? -1.662  3.371   20.887  1.00 28.56 ? 160 MET A O   1 
ATOM   1074 C CB  . MET A 1 160 ? -4.133  2.310   19.644  1.00 30.99 ? 160 MET A CB  1 
ATOM   1075 C CG  . MET A 1 160 ? -5.501  2.352   19.044  1.00 30.63 ? 160 MET A CG  1 
ATOM   1076 S SD  . MET A 1 160 ? -5.505  1.189   17.388  1.00 39.24 ? 160 MET A SD  1 
ATOM   1077 C CE  . MET A 1 160 ? -7.030  1.725   16.563  1.00 28.78 ? 160 MET A CE  1 
ATOM   1078 N N   . GLU A 1 161 ? -2.587  2.319   22.650  1.00 29.20 ? 161 GLU A N   1 
ATOM   1079 C CA  . GLU A 1 161 ? -1.328  2.100   23.335  1.00 30.76 ? 161 GLU A CA  1 
ATOM   1080 C C   . GLU A 1 161 ? -0.352  1.253   22.519  1.00 28.10 ? 161 GLU A C   1 
ATOM   1081 O O   . GLU A 1 161 ? -0.718  0.193   22.021  1.00 27.09 ? 161 GLU A O   1 
ATOM   1082 C CB  . GLU A 1 161 ? -1.584  1.437   24.697  1.00 34.31 ? 161 GLU A CB  1 
ATOM   1083 C CG  . GLU A 1 161 ? -0.307  1.180   25.522  1.00 41.87 ? 161 GLU A CG  1 
ATOM   1084 C CD  . GLU A 1 161 ? -0.561  1.141   27.026  1.00 43.10 ? 161 GLU A CD  1 
ATOM   1085 O OE1 . GLU A 1 161 ? -1.388  1.950   27.505  1.00 48.22 ? 161 GLU A OE1 1 
ATOM   1086 O OE2 . GLU A 1 161 ? 0.067   0.307   27.726  1.00 46.04 ? 161 GLU A OE2 1 
ATOM   1087 N N   . GLY A 1 162 ? 0.884   1.737   22.396  1.00 26.48 ? 162 GLY A N   1 
ATOM   1088 C CA  . GLY A 1 162 ? 1.924   1.021   21.674  1.00 22.89 ? 162 GLY A CA  1 
ATOM   1089 C C   . GLY A 1 162 ? 1.968   1.212   20.169  1.00 23.55 ? 162 GLY A C   1 
ATOM   1090 O O   . GLY A 1 162 ? 2.938   0.843   19.510  1.00 25.31 ? 162 GLY A O   1 
ATOM   1091 N N   . VAL A 1 163 ? 0.920   1.787   19.604  1.00 22.98 ? 163 VAL A N   1 
ATOM   1092 C CA  . VAL A 1 163 ? 0.895   1.987   18.171  1.00 21.96 ? 163 VAL A CA  1 
ATOM   1093 C C   . VAL A 1 163 ? 1.694   3.234   17.838  1.00 22.84 ? 163 VAL A C   1 
ATOM   1094 O O   . VAL A 1 163 ? 1.593   4.254   18.525  1.00 25.40 ? 163 VAL A O   1 
ATOM   1095 C CB  . VAL A 1 163 ? -0.555  2.115   17.675  1.00 22.39 ? 163 VAL A CB  1 
ATOM   1096 C CG1 . VAL A 1 163 ? -0.594  2.372   16.193  1.00 18.30 ? 163 VAL A CG1 1 
ATOM   1097 C CG2 . VAL A 1 163 ? -1.305  0.837   17.998  1.00 20.27 ? 163 VAL A CG2 1 
ATOM   1098 N N   . GLN A 1 164 ? 2.503   3.135   16.793  1.00 22.78 ? 164 GLN A N   1 
ATOM   1099 C CA  . GLN A 1 164 ? 3.334   4.238   16.331  1.00 20.68 ? 164 GLN A CA  1 
ATOM   1100 C C   . GLN A 1 164 ? 2.960   4.525   14.900  1.00 20.97 ? 164 GLN A C   1 
ATOM   1101 O O   . GLN A 1 164 ? 3.088   3.657   14.043  1.00 21.57 ? 164 GLN A O   1 
ATOM   1102 C CB  . GLN A 1 164 ? 4.794   3.849   16.347  1.00 22.75 ? 164 GLN A CB  1 
ATOM   1103 C CG  . GLN A 1 164 ? 5.439   3.825   17.690  1.00 25.11 ? 164 GLN A CG  1 
ATOM   1104 C CD  . GLN A 1 164 ? 6.902   3.493   17.560  1.00 27.15 ? 164 GLN A CD  1 
ATOM   1105 O OE1 . GLN A 1 164 ? 7.299   2.337   17.712  1.00 32.02 ? 164 GLN A OE1 1 
ATOM   1106 N NE2 . GLN A 1 164 ? 7.717   4.501   17.257  1.00 28.28 ? 164 GLN A NE2 1 
ATOM   1107 N N   . PHE A 1 165 ? 2.519   5.747   14.639  1.00 21.66 ? 165 PHE A N   1 
ATOM   1108 C CA  . PHE A 1 165 ? 2.132   6.145   13.304  1.00 21.42 ? 165 PHE A CA  1 
ATOM   1109 C C   . PHE A 1 165 ? 3.017   7.283   12.785  1.00 23.65 ? 165 PHE A C   1 
ATOM   1110 O O   . PHE A 1 165 ? 3.361   8.197   13.534  1.00 24.77 ? 165 PHE A O   1 
ATOM   1111 C CB  . PHE A 1 165 ? 0.669   6.578   13.335  1.00 21.19 ? 165 PHE A CB  1 
ATOM   1112 C CG  . PHE A 1 165 ? 0.208   7.272   12.093  1.00 22.60 ? 165 PHE A CG  1 
ATOM   1113 C CD1 . PHE A 1 165 ? -0.096  6.548   10.946  1.00 21.56 ? 165 PHE A CD1 1 
ATOM   1114 C CD2 . PHE A 1 165 ? 0.057   8.654   12.069  1.00 23.61 ? 165 PHE A CD2 1 
ATOM   1115 C CE1 . PHE A 1 165 ? -0.546  7.190   9.800   1.00 21.70 ? 165 PHE A CE1 1 
ATOM   1116 C CE2 . PHE A 1 165 ? -0.392  9.300   10.920  1.00 23.90 ? 165 PHE A CE2 1 
ATOM   1117 C CZ  . PHE A 1 165 ? -0.694  8.568   9.789   1.00 19.99 ? 165 PHE A CZ  1 
ATOM   1118 N N   . LYS A 1 166 ? 3.419   7.200   11.517  1.00 27.03 ? 166 LYS A N   1 
ATOM   1119 C CA  . LYS A 1 166 ? 4.207   8.270   10.892  1.00 28.43 ? 166 LYS A CA  1 
ATOM   1120 C C   . LYS A 1 166 ? 3.809   8.513   9.447   1.00 29.04 ? 166 LYS A C   1 
ATOM   1121 O O   . LYS A 1 166 ? 3.643   7.572   8.673   1.00 28.44 ? 166 LYS A O   1 
ATOM   1122 C CB  . LYS A 1 166 ? 5.716   7.994   10.923  1.00 30.46 ? 166 LYS A CB  1 
ATOM   1123 C CG  . LYS A 1 166 ? 6.112   6.558   11.189  1.00 38.42 ? 166 LYS A CG  1 
ATOM   1124 C CD  . LYS A 1 166 ? 7.476   6.487   11.884  1.00 39.63 ? 166 LYS A CD  1 
ATOM   1125 C CE  . LYS A 1 166 ? 7.349   6.740   13.384  1.00 39.99 ? 166 LYS A CE  1 
ATOM   1126 N NZ  . LYS A 1 166 ? 8.009   5.670   14.173  1.00 42.35 ? 166 LYS A NZ  1 
ATOM   1127 N N   . GLN A 1 167 ? 3.623   9.785   9.110   1.00 29.00 ? 167 GLN A N   1 
ATOM   1128 C CA  . GLN A 1 167 ? 3.311   10.192  7.749   1.00 30.25 ? 167 GLN A CA  1 
ATOM   1129 C C   . GLN A 1 167 ? 4.638   10.718  7.213   1.00 29.68 ? 167 GLN A C   1 
ATOM   1130 O O   . GLN A 1 167 ? 5.527   11.079  7.980   1.00 28.08 ? 167 GLN A O   1 
ATOM   1131 C CB  . GLN A 1 167 ? 2.288   11.322  7.712   1.00 31.84 ? 167 GLN A CB  1 
ATOM   1132 C CG  . GLN A 1 167 ? 1.139   11.177  8.654   1.00 36.94 ? 167 GLN A CG  1 
ATOM   1133 C CD  . GLN A 1 167 ? 0.135   12.302  8.470   1.00 36.89 ? 167 GLN A CD  1 
ATOM   1134 O OE1 . GLN A 1 167 ? 0.270   13.111  7.550   1.00 39.45 ? 167 GLN A OE1 1 
ATOM   1135 N NE2 . GLN A 1 167 ? -0.873  12.364  9.343   1.00 39.78 ? 167 GLN A NE2 1 
ATOM   1136 N N   . PHE A 1 168 ? 4.781   10.779  5.903   1.00 27.19 ? 168 PHE A N   1 
ATOM   1137 C CA  . PHE A 1 168 ? 6.034   11.238  5.364   1.00 29.56 ? 168 PHE A CA  1 
ATOM   1138 C C   . PHE A 1 168 ? 5.849   12.276  4.288   1.00 31.98 ? 168 PHE A C   1 
ATOM   1139 O O   . PHE A 1 168 ? 4.900   12.215  3.504   1.00 35.61 ? 168 PHE A O   1 
ATOM   1140 C CB  . PHE A 1 168 ? 6.812   10.058  4.792   1.00 23.59 ? 168 PHE A CB  1 
ATOM   1141 C CG  . PHE A 1 168 ? 7.142   9.007   5.801   1.00 23.31 ? 168 PHE A CG  1 
ATOM   1142 C CD1 . PHE A 1 168 ? 8.300   9.099   6.567   1.00 19.14 ? 168 PHE A CD1 1 
ATOM   1143 C CD2 . PHE A 1 168 ? 6.299   7.922   5.988   1.00 20.21 ? 168 PHE A CD2 1 
ATOM   1144 C CE1 . PHE A 1 168 ? 8.616   8.123   7.505   1.00 19.59 ? 168 PHE A CE1 1 
ATOM   1145 C CE2 . PHE A 1 168 ? 6.603   6.933   6.928   1.00 22.27 ? 168 PHE A CE2 1 
ATOM   1146 C CZ  . PHE A 1 168 ? 7.765   7.035   7.688   1.00 21.40 ? 168 PHE A CZ  1 
ATOM   1147 N N   . ASN A 1 169 ? 6.754   13.246  4.260   1.00 36.25 ? 169 ASN A N   1 
ATOM   1148 C CA  . ASN A 1 169 ? 6.698   14.262  3.229   1.00 37.59 ? 169 ASN A CA  1 
ATOM   1149 C C   . ASN A 1 169 ? 7.834   13.959  2.282   1.00 36.55 ? 169 ASN A C   1 
ATOM   1150 O O   . ASN A 1 169 ? 7.894   14.482  1.176   1.00 39.39 ? 169 ASN A O   1 
ATOM   1151 C CB  . ASN A 1 169 ? 6.838   15.644  3.832   1.00 41.33 ? 169 ASN A CB  1 
ATOM   1152 C CG  . ASN A 1 169 ? 5.499   16.250  4.146   1.00 44.08 ? 169 ASN A CG  1 
ATOM   1153 O OD1 . ASN A 1 169 ? 5.133   16.407  5.310   1.00 48.58 ? 169 ASN A OD1 1 
ATOM   1154 N ND2 . ASN A 1 169 ? 4.743   16.586  3.104   1.00 46.57 ? 169 ASN A ND2 1 
ATOM   1155 N N   . SER A 1 170 ? 8.725   13.082  2.723   1.00 35.09 ? 170 SER A N   1 
ATOM   1156 C CA  . SER A 1 170 ? 9.860   12.670  1.915   1.00 37.03 ? 170 SER A CA  1 
ATOM   1157 C C   . SER A 1 170 ? 9.777   11.166  1.574   1.00 36.41 ? 170 SER A C   1 
ATOM   1158 O O   . SER A 1 170 ? 9.838   10.306  2.465   1.00 35.14 ? 170 SER A O   1 
ATOM   1159 C CB  . SER A 1 170 ? 11.156  12.974  2.672   1.00 34.80 ? 170 SER A CB  1 
ATOM   1160 O OG  . SER A 1 170 ? 12.113  11.957  2.465   1.00 37.96 ? 170 SER A OG  1 
ATOM   1161 N N   . ILE A 1 171 ? 9.629   10.854  0.287   1.00 35.33 ? 171 ILE A N   1 
ATOM   1162 C CA  . ILE A 1 171 ? 9.552   9.459   -0.152  1.00 34.15 ? 171 ILE A CA  1 
ATOM   1163 C C   . ILE A 1 171 ? 10.752  8.689   0.380   1.00 32.73 ? 171 ILE A C   1 
ATOM   1164 O O   . ILE A 1 171 ? 10.643  7.529   0.764   1.00 31.03 ? 171 ILE A O   1 
ATOM   1165 C CB  . ILE A 1 171 ? 9.520   9.352   -1.700  1.00 36.80 ? 171 ILE A CB  1 
ATOM   1166 C CG1 . ILE A 1 171 ? 8.472   10.333  -2.269  1.00 40.79 ? 171 ILE A CG1 1 
ATOM   1167 C CG2 . ILE A 1 171 ? 9.199   7.919   -2.119  1.00 35.09 ? 171 ILE A CG2 1 
ATOM   1168 C CD1 . ILE A 1 171 ? 8.132   10.150  -3.765  1.00 40.25 ? 171 ILE A CD1 1 
ATOM   1169 N N   . THR A 1 172 ? 11.898  9.359   0.426   1.00 30.97 ? 172 THR A N   1 
ATOM   1170 C CA  . THR A 1 172 ? 13.135  8.758   0.914   1.00 30.26 ? 172 THR A CA  1 
ATOM   1171 C C   . THR A 1 172 ? 13.030  8.328   2.373   1.00 28.82 ? 172 THR A C   1 
ATOM   1172 O O   . THR A 1 172 ? 13.643  7.345   2.782   1.00 29.08 ? 172 THR A O   1 
ATOM   1173 C CB  . THR A 1 172 ? 14.314  9.745   0.765   1.00 31.55 ? 172 THR A CB  1 
ATOM   1174 O OG1 . THR A 1 172 ? 13.840  10.976  0.204   1.00 33.52 ? 172 THR A OG1 1 
ATOM   1175 C CG2 . THR A 1 172 ? 15.345  9.183   -0.171  1.00 30.25 ? 172 THR A CG2 1 
ATOM   1176 N N   . ASP A 1 173 ? 12.260  9.076   3.156   1.00 29.40 ? 173 ASP A N   1 
ATOM   1177 C CA  . ASP A 1 173 ? 12.062  8.770   4.570   1.00 29.08 ? 173 ASP A CA  1 
ATOM   1178 C C   . ASP A 1 173 ? 11.164  7.552   4.710   1.00 27.24 ? 173 ASP A C   1 
ATOM   1179 O O   . ASP A 1 173 ? 11.396  6.690   5.550   1.00 25.00 ? 173 ASP A O   1 
ATOM   1180 C CB  . ASP A 1 173 ? 11.426  9.964   5.282   1.00 34.25 ? 173 ASP A CB  1 
ATOM   1181 C CG  . ASP A 1 173 ? 12.421  11.083  5.550   1.00 38.68 ? 173 ASP A CG  1 
ATOM   1182 O OD1 . ASP A 1 173 ? 13.640  10.867  5.341   1.00 40.61 ? 173 ASP A OD1 1 
ATOM   1183 O OD2 . ASP A 1 173 ? 11.985  12.182  5.971   1.00 42.46 ? 173 ASP A OD2 1 
ATOM   1184 N N   . TYR A 1 174 ? 10.124  7.510   3.883   1.00 23.96 ? 174 TYR A N   1 
ATOM   1185 C CA  . TYR A 1 174 ? 9.183   6.398   3.860   1.00 23.53 ? 174 TYR A CA  1 
ATOM   1186 C C   . TYR A 1 174 ? 10.013  5.150   3.577   1.00 22.81 ? 174 TYR A C   1 
ATOM   1187 O O   . TYR A 1 174 ? 9.979   4.173   4.325   1.00 24.34 ? 174 TYR A O   1 
ATOM   1188 C CB  . TYR A 1 174 ? 8.153   6.627   2.743   1.00 20.92 ? 174 TYR A CB  1 
ATOM   1189 C CG  . TYR A 1 174 ? 7.210   5.472   2.441   1.00 22.22 ? 174 TYR A CG  1 
ATOM   1190 C CD1 . TYR A 1 174 ? 6.368   4.950   3.427   1.00 20.82 ? 174 TYR A CD1 1 
ATOM   1191 C CD2 . TYR A 1 174 ? 7.094   4.960   1.143   1.00 21.82 ? 174 TYR A CD2 1 
ATOM   1192 C CE1 . TYR A 1 174 ? 5.428   3.950   3.127   1.00 18.39 ? 174 TYR A CE1 1 
ATOM   1193 C CE2 . TYR A 1 174 ? 6.156   3.960   0.837   1.00 20.23 ? 174 TYR A CE2 1 
ATOM   1194 C CZ  . TYR A 1 174 ? 5.328   3.471   1.841   1.00 18.62 ? 174 TYR A CZ  1 
ATOM   1195 O OH  . TYR A 1 174 ? 4.390   2.516   1.556   1.00 19.48 ? 174 TYR A OH  1 
ATOM   1196 N N   . HIS A 1 175 ? 10.794  5.203   2.506   1.00 21.01 ? 175 HIS A N   1 
ATOM   1197 C CA  . HIS A 1 175 ? 11.614  4.061   2.146   1.00 20.30 ? 175 HIS A CA  1 
ATOM   1198 C C   . HIS A 1 175 ? 12.659  3.686   3.193   1.00 20.36 ? 175 HIS A C   1 
ATOM   1199 O O   . HIS A 1 175 ? 12.967  2.502   3.354   1.00 18.09 ? 175 HIS A O   1 
ATOM   1200 C CB  . HIS A 1 175 ? 12.259  4.306   0.780   1.00 20.49 ? 175 HIS A CB  1 
ATOM   1201 C CG  . HIS A 1 175 ? 11.319  4.105   -0.362  1.00 21.20 ? 175 HIS A CG  1 
ATOM   1202 N ND1 . HIS A 1 175 ? 11.329  4.898   -1.489  1.00 25.43 ? 175 HIS A ND1 1 
ATOM   1203 C CD2 . HIS A 1 175 ? 10.315  3.212   -0.543  1.00 23.33 ? 175 HIS A CD2 1 
ATOM   1204 C CE1 . HIS A 1 175 ? 10.375  4.504   -2.317  1.00 22.98 ? 175 HIS A CE1 1 
ATOM   1205 N NE2 . HIS A 1 175 ? 9.747   3.485   -1.766  1.00 24.89 ? 175 HIS A NE2 1 
ATOM   1206 N N   . SER A 1 176 ? 13.191  4.680   3.915   1.00 21.63 ? 176 SER A N   1 
ATOM   1207 C CA  . SER A 1 176 ? 14.194  4.440   4.964   1.00 21.99 ? 176 SER A CA  1 
ATOM   1208 C C   . SER A 1 176 ? 13.638  3.627   6.105   1.00 21.37 ? 176 SER A C   1 
ATOM   1209 O O   . SER A 1 176 ? 14.302  2.714   6.620   1.00 24.51 ? 176 SER A O   1 
ATOM   1210 C CB  . SER A 1 176 ? 14.701  5.753   5.538   1.00 22.42 ? 176 SER A CB  1 
ATOM   1211 O OG  . SER A 1 176 ? 15.760  6.243   4.755   1.00 31.94 ? 176 SER A OG  1 
ATOM   1212 N N   . LEU A 1 177 ? 12.428  3.987   6.522   1.00 21.70 ? 177 LEU A N   1 
ATOM   1213 C CA  . LEU A 1 177 ? 11.748  3.281   7.599   1.00 21.78 ? 177 LEU A CA  1 
ATOM   1214 C C   . LEU A 1 177 ? 11.461  1.863   7.142   1.00 21.80 ? 177 LEU A C   1 
ATOM   1215 O O   . LEU A 1 177 ? 11.638  0.908   7.897   1.00 22.20 ? 177 LEU A O   1 
ATOM   1216 C CB  . LEU A 1 177 ? 10.424  3.972   7.941   1.00 23.21 ? 177 LEU A CB  1 
ATOM   1217 C CG  . LEU A 1 177 ? 9.653   3.347   9.102   1.00 21.45 ? 177 LEU A CG  1 
ATOM   1218 C CD1 . LEU A 1 177 ? 10.599  3.162   10.294  1.00 27.86 ? 177 LEU A CD1 1 
ATOM   1219 C CD2 . LEU A 1 177 ? 8.502   4.232   9.493   1.00 24.29 ? 177 LEU A CD2 1 
ATOM   1220 N N   . MET A 1 178 ? 11.011  1.731   5.897   1.00 23.51 ? 178 MET A N   1 
ATOM   1221 C CA  . MET A 1 178 ? 10.693  0.413   5.350   1.00 26.78 ? 178 MET A CA  1 
ATOM   1222 C C   . MET A 1 178 ? 11.910  -0.500  5.332   1.00 27.43 ? 178 MET A C   1 
ATOM   1223 O O   . MET A 1 178 ? 11.795  -1.712  5.543   1.00 26.58 ? 178 MET A O   1 
ATOM   1224 C CB  . MET A 1 178 ? 10.119  0.545   3.946   1.00 28.35 ? 178 MET A CB  1 
ATOM   1225 C CG  . MET A 1 178 ? 8.641   0.859   3.928   1.00 26.78 ? 178 MET A CG  1 
ATOM   1226 S SD  . MET A 1 178 ? 7.981   0.850   2.000   1.00 40.06 ? 178 MET A SD  1 
ATOM   1227 C CE  . MET A 1 178 ? 8.515   -0.756  1.467   1.00 27.35 ? 178 MET A CE  1 
ATOM   1228 N N   . PHE A 1 179 ? 13.076  0.080   5.067   1.00 27.55 ? 179 PHE A N   1 
ATOM   1229 C CA  . PHE A 1 179 ? 14.299  -0.695  5.063   1.00 27.54 ? 179 PHE A CA  1 
ATOM   1230 C C   . PHE A 1 179 ? 14.657  -1.057  6.506   1.00 28.57 ? 179 PHE A C   1 
ATOM   1231 O O   . PHE A 1 179 ? 14.970  -2.208  6.814   1.00 28.89 ? 179 PHE A O   1 
ATOM   1232 C CB  . PHE A 1 179 ? 15.437  0.096   4.421   1.00 28.88 ? 179 PHE A CB  1 
ATOM   1233 C CG  . PHE A 1 179 ? 16.694  -0.699  4.271   1.00 29.56 ? 179 PHE A CG  1 
ATOM   1234 C CD1 . PHE A 1 179 ? 16.777  -1.714  3.329   1.00 29.76 ? 179 PHE A CD1 1 
ATOM   1235 C CD2 . PHE A 1 179 ? 17.785  -0.463  5.098   1.00 30.52 ? 179 PHE A CD2 1 
ATOM   1236 C CE1 . PHE A 1 179 ? 17.924  -2.487  3.209   1.00 31.35 ? 179 PHE A CE1 1 
ATOM   1237 C CE2 . PHE A 1 179 ? 18.940  -1.228  4.987   1.00 30.83 ? 179 PHE A CE2 1 
ATOM   1238 C CZ  . PHE A 1 179 ? 19.009  -2.243  4.040   1.00 31.39 ? 179 PHE A CZ  1 
ATOM   1239 N N   . ASP A 1 180 ? 14.610  -0.077  7.401   1.00 26.22 ? 180 ASP A N   1 
ATOM   1240 C CA  . ASP A 1 180 ? 14.917  -0.360  8.795   1.00 26.46 ? 180 ASP A CA  1 
ATOM   1241 C C   . ASP A 1 180 ? 13.978  -1.393  9.404   1.00 25.47 ? 180 ASP A C   1 
ATOM   1242 O O   . ASP A 1 180 ? 14.386  -2.186  10.250  1.00 25.75 ? 180 ASP A O   1 
ATOM   1243 C CB  . ASP A 1 180 ? 14.841  0.919   9.621   1.00 29.32 ? 180 ASP A CB  1 
ATOM   1244 C CG  . ASP A 1 180 ? 15.870  1.937   9.194   1.00 31.79 ? 180 ASP A CG  1 
ATOM   1245 O OD1 . ASP A 1 180 ? 16.955  1.510   8.738   1.00 32.64 ? 180 ASP A OD1 1 
ATOM   1246 O OD2 . ASP A 1 180 ? 15.594  3.153   9.306   1.00 32.75 ? 180 ASP A OD2 1 
ATOM   1247 N N   . LEU A 1 181 ? 12.717  -1.382  8.982   1.00 23.36 ? 181 LEU A N   1 
ATOM   1248 C CA  . LEU A 1 181 ? 11.739  -2.316  9.537   1.00 23.16 ? 181 LEU A CA  1 
ATOM   1249 C C   . LEU A 1 181 ? 11.678  -3.684  8.857   1.00 21.81 ? 181 LEU A C   1 
ATOM   1250 O O   . LEU A 1 181 ? 10.819  -4.505  9.176   1.00 25.70 ? 181 LEU A O   1 
ATOM   1251 C CB  . LEU A 1 181 ? 10.353  -1.656  9.555   1.00 19.29 ? 181 LEU A CB  1 
ATOM   1252 C CG  . LEU A 1 181 ? 10.261  -0.397  10.432  1.00 21.59 ? 181 LEU A CG  1 
ATOM   1253 C CD1 . LEU A 1 181 ? 8.808   -0.003  10.600  1.00 18.65 ? 181 LEU A CD1 1 
ATOM   1254 C CD2 . LEU A 1 181 ? 10.909  -0.627  11.807  1.00 18.22 ? 181 LEU A CD2 1 
ATOM   1255 N N   . GLY A 1 182 ? 12.595  -3.938  7.935   1.00 21.54 ? 182 GLY A N   1 
ATOM   1256 C CA  . GLY A 1 182 ? 12.607  -5.219  7.249   1.00 22.18 ? 182 GLY A CA  1 
ATOM   1257 C C   . GLY A 1 182 ? 11.492  -5.465  6.245   1.00 19.54 ? 182 GLY A C   1 
ATOM   1258 O O   . GLY A 1 182 ? 11.148  -6.606  5.973   1.00 21.46 ? 182 GLY A O   1 
ATOM   1259 N N   . ILE A 1 183 ? 10.928  -4.403  5.688   1.00 21.18 ? 183 ILE A N   1 
ATOM   1260 C CA  . ILE A 1 183 ? 9.849   -4.536  4.717   1.00 21.20 ? 183 ILE A CA  1 
ATOM   1261 C C   . ILE A 1 183 ? 10.403  -4.599  3.295   1.00 24.21 ? 183 ILE A C   1 
ATOM   1262 O O   . ILE A 1 183 ? 9.875   -5.310  2.448   1.00 23.19 ? 183 ILE A O   1 
ATOM   1263 C CB  . ILE A 1 183 ? 8.860   -3.353  4.801   1.00 21.12 ? 183 ILE A CB  1 
ATOM   1264 C CG1 . ILE A 1 183 ? 8.482   -3.066  6.261   1.00 19.44 ? 183 ILE A CG1 1 
ATOM   1265 C CG2 . ILE A 1 183 ? 7.617   -3.670  3.964   1.00 20.71 ? 183 ILE A CG2 1 
ATOM   1266 C CD1 . ILE A 1 183 ? 8.355   -4.303  7.154   1.00 19.02 ? 183 ILE A CD1 1 
ATOM   1267 N N   . ILE A 1 184 ? 11.459  -3.835  3.028   1.00 26.29 ? 184 ILE A N   1 
ATOM   1268 C CA  . ILE A 1 184 ? 12.078  -3.839  1.709   1.00 27.58 ? 184 ILE A CA  1 
ATOM   1269 C C   . ILE A 1 184 ? 13.555  -4.249  1.804   1.00 27.12 ? 184 ILE A C   1 
ATOM   1270 O O   . ILE A 1 184 ? 14.299  -3.757  2.650   1.00 25.39 ? 184 ILE A O   1 
ATOM   1271 C CB  . ILE A 1 184 ? 11.942  -2.466  1.035   1.00 29.73 ? 184 ILE A CB  1 
ATOM   1272 C CG1 . ILE A 1 184 ? 12.218  -2.611  -0.462  1.00 30.07 ? 184 ILE A CG1 1 
ATOM   1273 C CG2 . ILE A 1 184 ? 12.894  -1.464  1.676   1.00 29.42 ? 184 ILE A CG2 1 
ATOM   1274 C CD1 . ILE A 1 184 ? 12.327  -1.295  -1.204  1.00 31.32 ? 184 ILE A CD1 1 
ATOM   1275 N N   . ALA A 1 185 ? 13.961  -5.154  0.922   1.00 26.12 ? 185 ALA A N   1 
ATOM   1276 C CA  . ALA A 1 185 ? 15.313  -5.693  0.904   1.00 27.94 ? 185 ALA A CA  1 
ATOM   1277 C C   . ALA A 1 185 ? 16.450  -4.721  0.575   1.00 29.98 ? 185 ALA A C   1 
ATOM   1278 O O   . ALA A 1 185 ? 17.575  -4.897  1.045   1.00 34.68 ? 185 ALA A O   1 
ATOM   1279 C CB  . ALA A 1 185 ? 15.365  -6.884  -0.043  1.00 24.30 ? 185 ALA A CB  1 
ATOM   1280 N N   . ARG A 1 186 ? 16.181  -3.701  -0.225  1.00 31.27 ? 186 ARG A N   1 
ATOM   1281 C CA  . ARG A 1 186 ? 17.242  -2.777  -0.580  1.00 34.76 ? 186 ARG A CA  1 
ATOM   1282 C C   . ARG A 1 186 ? 16.916  -1.362  -0.145  1.00 34.17 ? 186 ARG A C   1 
ATOM   1283 O O   . ARG A 1 186 ? 15.765  -1.035  0.109   1.00 35.86 ? 186 ARG A O   1 
ATOM   1284 C CB  . ARG A 1 186 ? 17.456  -2.810  -2.088  1.00 38.36 ? 186 ARG A CB  1 
ATOM   1285 C CG  . ARG A 1 186 ? 16.205  -2.447  -2.860  1.00 42.78 ? 186 ARG A CG  1 
ATOM   1286 C CD  . ARG A 1 186 ? 16.473  -2.386  -4.352  1.00 49.06 ? 186 ARG A CD  1 
ATOM   1287 N NE  . ARG A 1 186 ? 16.931  -3.665  -4.898  1.00 52.34 ? 186 ARG A NE  1 
ATOM   1288 C CZ  . ARG A 1 186 ? 17.285  -3.843  -6.171  1.00 54.01 ? 186 ARG A CZ  1 
ATOM   1289 N NH1 . ARG A 1 186 ? 17.241  -2.823  -7.028  1.00 54.31 ? 186 ARG A NH1 1 
ATOM   1290 N NH2 . ARG A 1 186 ? 17.692  -5.038  -6.588  1.00 55.78 ? 186 ARG A NH2 1 
ATOM   1291 N N   . ARG A 1 187 ? 17.936  -0.519  -0.062  1.00 34.53 ? 187 ARG A N   1 
ATOM   1292 C CA  . ARG A 1 187 ? 17.739  0.863   0.337   1.00 35.79 ? 187 ARG A CA  1 
ATOM   1293 C C   . ARG A 1 187 ? 17.533  1.749   -0.873  1.00 34.21 ? 187 ARG A C   1 
ATOM   1294 O O   . ARG A 1 187 ? 18.370  1.788   -1.768  1.00 35.78 ? 187 ARG A O   1 
ATOM   1295 C CB  . ARG A 1 187 ? 18.945  1.358   1.129   1.00 39.46 ? 187 ARG A CB  1 
ATOM   1296 C CG  . ARG A 1 187 ? 19.732  0.238   1.786   1.00 48.22 ? 187 ARG A CG  1 
ATOM   1297 C CD  . ARG A 1 187 ? 21.025  0.760   2.412   1.00 52.51 ? 187 ARG A CD  1 
ATOM   1298 N NE  . ARG A 1 187 ? 20.759  1.487   3.651   1.00 58.21 ? 187 ARG A NE  1 
ATOM   1299 C CZ  . ARG A 1 187 ? 21.194  1.107   4.849   1.00 59.93 ? 187 ARG A CZ  1 
ATOM   1300 N NH1 . ARG A 1 187 ? 21.926  -0.002  4.979   1.00 60.27 ? 187 ARG A NH1 1 
ATOM   1301 N NH2 . ARG A 1 187 ? 20.891  1.836   5.921   1.00 61.70 ? 187 ARG A NH2 1 
ATOM   1302 N N   . LEU A 1 188 ? 16.413  2.456   -0.902  1.00 31.89 ? 188 LEU A N   1 
ATOM   1303 C CA  . LEU A 1 188 ? 16.116  3.352   -2.001  1.00 30.55 ? 188 LEU A CA  1 
ATOM   1304 C C   . LEU A 1 188 ? 16.394  4.782   -1.551  1.00 32.19 ? 188 LEU A C   1 
ATOM   1305 O O   . LEU A 1 188 ? 15.523  5.434   -0.964  1.00 31.81 ? 188 LEU A O   1 
ATOM   1306 C CB  . LEU A 1 188 ? 14.654  3.204   -2.416  1.00 28.27 ? 188 LEU A CB  1 
ATOM   1307 C CG  . LEU A 1 188 ? 14.228  1.784   -2.784  1.00 28.56 ? 188 LEU A CG  1 
ATOM   1308 C CD1 . LEU A 1 188 ? 12.831  1.837   -3.361  1.00 25.86 ? 188 LEU A CD1 1 
ATOM   1309 C CD2 . LEU A 1 188 ? 15.209  1.165   -3.777  1.00 24.40 ? 188 LEU A CD2 1 
ATOM   1310 N N   . ARG A 1 189 ? 17.602  5.267   -1.840  1.00 33.73 ? 189 ARG A N   1 
ATOM   1311 C CA  . ARG A 1 189 ? 18.013  6.609   -1.428  1.00 34.67 ? 189 ARG A CA  1 
ATOM   1312 C C   . ARG A 1 189 ? 17.725  7.767   -2.387  1.00 36.60 ? 189 ARG A C   1 
ATOM   1313 O O   . ARG A 1 189 ? 17.607  8.916   -1.948  1.00 39.33 ? 189 ARG A O   1 
ATOM   1314 C CB  . ARG A 1 189 ? 19.499  6.606   -1.075  1.00 32.62 ? 189 ARG A CB  1 
ATOM   1315 C CG  . ARG A 1 189 ? 19.913  5.470   -0.165  1.00 33.03 ? 189 ARG A CG  1 
ATOM   1316 C CD  . ARG A 1 189 ? 20.422  5.982   1.161   1.00 39.00 ? 189 ARG A CD  1 
ATOM   1317 N NE  . ARG A 1 189 ? 21.232  4.986   1.849   1.00 42.13 ? 189 ARG A NE  1 
ATOM   1318 C CZ  . ARG A 1 189 ? 22.353  4.471   1.347   1.00 46.01 ? 189 ARG A CZ  1 
ATOM   1319 N NH1 . ARG A 1 189 ? 22.783  4.868   0.156   1.00 45.84 ? 189 ARG A NH1 1 
ATOM   1320 N NH2 . ARG A 1 189 ? 23.050  3.558   2.030   1.00 47.23 ? 189 ARG A NH2 1 
ATOM   1321 N N   . SER A 1 190 ? 17.615  7.498   -3.684  1.00 37.36 ? 190 SER A N   1 
ATOM   1322 C CA  . SER A 1 190 ? 17.351  8.582   -4.632  1.00 38.74 ? 190 SER A CA  1 
ATOM   1323 C C   . SER A 1 190 ? 16.274  8.200   -5.610  1.00 37.96 ? 190 SER A C   1 
ATOM   1324 O O   . SER A 1 190 ? 15.807  7.067   -5.600  1.00 40.16 ? 190 SER A O   1 
ATOM   1325 C CB  . SER A 1 190 ? 18.615  8.946   -5.410  1.00 37.55 ? 190 SER A CB  1 
ATOM   1326 O OG  . SER A 1 190 ? 19.071  7.847   -6.178  1.00 42.31 ? 190 SER A OG  1 
ATOM   1327 N N   . ALA A 1 191 ? 15.894  9.149   -6.460  1.00 37.83 ? 191 ALA A N   1 
ATOM   1328 C CA  . ALA A 1 191 ? 14.865  8.922   -7.468  1.00 38.04 ? 191 ALA A CA  1 
ATOM   1329 C C   . ALA A 1 191 ? 15.366  7.878   -8.462  1.00 37.09 ? 191 ALA A C   1 
ATOM   1330 O O   . ALA A 1 191 ? 14.588  7.120   -9.035  1.00 38.70 ? 191 ALA A O   1 
ATOM   1331 C CB  . ALA A 1 191 ? 14.537  10.227  -8.190  1.00 34.55 ? 191 ALA A CB  1 
ATOM   1332 N N   . SER A 1 192 ? 16.677  7.844   -8.659  1.00 38.16 ? 192 SER A N   1 
ATOM   1333 C CA  . SER A 1 192 ? 17.265  6.887   -9.572  1.00 39.11 ? 192 SER A CA  1 
ATOM   1334 C C   . SER A 1 192 ? 17.031  5.500   -9.003  1.00 37.69 ? 192 SER A C   1 
ATOM   1335 O O   . SER A 1 192 ? 16.575  4.602   -9.703  1.00 39.47 ? 192 SER A O   1 
ATOM   1336 C CB  . SER A 1 192 ? 18.759  7.133   -9.714  1.00 39.04 ? 192 SER A CB  1 
ATOM   1337 O OG  . SER A 1 192 ? 19.379  5.994   -10.287 1.00 45.89 ? 192 SER A OG  1 
ATOM   1338 N N   . ASP A 1 193 ? 17.366  5.336   -7.726  1.00 38.39 ? 193 ASP A N   1 
ATOM   1339 C CA  . ASP A 1 193 ? 17.175  4.074   -7.013  1.00 36.48 ? 193 ASP A CA  1 
ATOM   1340 C C   . ASP A 1 193 ? 15.743  3.587   -7.204  1.00 35.72 ? 193 ASP A C   1 
ATOM   1341 O O   . ASP A 1 193 ? 15.507  2.413   -7.458  1.00 33.50 ? 193 ASP A O   1 
ATOM   1342 C CB  . ASP A 1 193 ? 17.426  4.269   -5.520  1.00 38.17 ? 193 ASP A CB  1 
ATOM   1343 C CG  . ASP A 1 193 ? 18.885  4.464   -5.202  1.00 41.00 ? 193 ASP A CG  1 
ATOM   1344 O OD1 . ASP A 1 193 ? 19.636  4.798   -6.145  1.00 44.55 ? 193 ASP A OD1 1 
ATOM   1345 O OD2 . ASP A 1 193 ? 19.283  4.282   -4.026  1.00 40.79 ? 193 ASP A OD2 1 
ATOM   1346 N N   . ARG A 1 194 ? 14.793  4.505   -7.073  1.00 32.44 ? 194 ARG A N   1 
ATOM   1347 C CA  . ARG A 1 194 ? 13.389  4.182   -7.230  1.00 31.77 ? 194 ARG A CA  1 
ATOM   1348 C C   . ARG A 1 194 ? 13.041  3.790   -8.667  1.00 31.22 ? 194 ARG A C   1 
ATOM   1349 O O   . ARG A 1 194 ? 12.253  2.879   -8.883  1.00 30.46 ? 194 ARG A O   1 
ATOM   1350 C CB  . ARG A 1 194 ? 12.536  5.365   -6.756  1.00 29.75 ? 194 ARG A CB  1 
ATOM   1351 C CG  . ARG A 1 194 ? 12.663  5.615   -5.248  1.00 31.59 ? 194 ARG A CG  1 
ATOM   1352 C CD  . ARG A 1 194 ? 11.593  6.540   -4.721  1.00 30.53 ? 194 ARG A CD  1 
ATOM   1353 N NE  . ARG A 1 194 ? 11.739  7.876   -5.278  1.00 31.95 ? 194 ARG A NE  1 
ATOM   1354 C CZ  . ARG A 1 194 ? 12.546  8.809   -4.782  1.00 34.68 ? 194 ARG A CZ  1 
ATOM   1355 N NH1 . ARG A 1 194 ? 13.291  8.560   -3.709  1.00 28.82 ? 194 ARG A NH1 1 
ATOM   1356 N NH2 . ARG A 1 194 ? 12.606  9.996   -5.367  1.00 35.17 ? 194 ARG A NH2 1 
ATOM   1357 N N   . SER A 1 195 ? 13.621  4.466   -9.653  1.00 31.85 ? 195 SER A N   1 
ATOM   1358 C CA  . SER A 1 195 ? 13.345  4.119   -11.047 1.00 34.52 ? 195 SER A CA  1 
ATOM   1359 C C   . SER A 1 195 ? 13.767  2.680   -11.322 1.00 33.18 ? 195 SER A C   1 
ATOM   1360 O O   . SER A 1 195 ? 13.030  1.894   -11.920 1.00 31.35 ? 195 SER A O   1 
ATOM   1361 C CB  . SER A 1 195 ? 14.107  5.052   -11.981 1.00 35.88 ? 195 SER A CB  1 
ATOM   1362 O OG  . SER A 1 195 ? 13.344  6.221   -12.219 1.00 45.34 ? 195 SER A OG  1 
ATOM   1363 N N   . LYS A 1 196 ? 14.978  2.360   -10.884 1.00 32.35 ? 196 LYS A N   1 
ATOM   1364 C CA  . LYS A 1 196 ? 15.545  1.036   -11.035 1.00 32.05 ? 196 LYS A CA  1 
ATOM   1365 C C   . LYS A 1 196 ? 14.645  -0.007  -10.353 1.00 32.01 ? 196 LYS A C   1 
ATOM   1366 O O   . LYS A 1 196 ? 14.280  -1.002  -10.963 1.00 31.78 ? 196 LYS A O   1 
ATOM   1367 C CB  . LYS A 1 196 ? 16.944  1.021   -10.418 1.00 32.55 ? 196 LYS A CB  1 
ATOM   1368 C CG  . LYS A 1 196 ? 17.691  -0.302  -10.567 1.00 39.17 ? 196 LYS A CG  1 
ATOM   1369 C CD  . LYS A 1 196 ? 19.182  -0.128  -10.295 1.00 40.75 ? 196 LYS A CD  1 
ATOM   1370 C CE  . LYS A 1 196 ? 19.715  1.138   -10.961 1.00 41.64 ? 196 LYS A CE  1 
ATOM   1371 N NZ  . LYS A 1 196 ? 20.564  1.929   -10.044 1.00 43.49 ? 196 LYS A NZ  1 
ATOM   1372 N N   . PHE A 1 197 ? 14.303  0.219   -9.086  1.00 30.15 ? 197 PHE A N   1 
ATOM   1373 C CA  . PHE A 1 197 ? 13.433  -0.690  -8.337  1.00 27.50 ? 197 PHE A CA  1 
ATOM   1374 C C   . PHE A 1 197 ? 12.102  -0.833  -9.060  1.00 26.97 ? 197 PHE A C   1 
ATOM   1375 O O   . PHE A 1 197 ? 11.585  -1.932  -9.231  1.00 25.98 ? 197 PHE A O   1 
ATOM   1376 C CB  . PHE A 1 197 ? 13.174  -0.143  -6.930  1.00 27.24 ? 197 PHE A CB  1 
ATOM   1377 C CG  . PHE A 1 197 ? 12.458  -1.106  -6.021  1.00 27.04 ? 197 PHE A CG  1 
ATOM   1378 C CD1 . PHE A 1 197 ? 13.000  -2.365  -5.744  1.00 27.02 ? 197 PHE A CD1 1 
ATOM   1379 C CD2 . PHE A 1 197 ? 11.246  -0.755  -5.437  1.00 25.63 ? 197 PHE A CD2 1 
ATOM   1380 C CE1 . PHE A 1 197 ? 12.337  -3.250  -4.897  1.00 28.25 ? 197 PHE A CE1 1 
ATOM   1381 C CE2 . PHE A 1 197 ? 10.582  -1.626  -4.593  1.00 24.27 ? 197 PHE A CE2 1 
ATOM   1382 C CZ  . PHE A 1 197 ? 11.121  -2.875  -4.319  1.00 26.60 ? 197 PHE A CZ  1 
ATOM   1383 N N   . TYR A 1 198 ? 11.543  0.294   -9.469  1.00 26.02 ? 198 TYR A N   1 
ATOM   1384 C CA  . TYR A 1 198 ? 10.286  0.295   -10.177 1.00 27.56 ? 198 TYR A CA  1 
ATOM   1385 C C   . TYR A 1 198 ? 10.360  -0.602  -11.398 1.00 28.97 ? 198 TYR A C   1 
ATOM   1386 O O   . TYR A 1 198 ? 9.465   -1.404  -11.634 1.00 30.04 ? 198 TYR A O   1 
ATOM   1387 C CB  . TYR A 1 198 ? 9.924   1.708   -10.614 1.00 30.40 ? 198 TYR A CB  1 
ATOM   1388 C CG  . TYR A 1 198 ? 8.536   1.801   -11.183 1.00 32.00 ? 198 TYR A CG  1 
ATOM   1389 C CD1 . TYR A 1 198 ? 8.300   1.577   -12.526 1.00 33.68 ? 198 TYR A CD1 1 
ATOM   1390 C CD2 . TYR A 1 198 ? 7.453   2.112   -10.371 1.00 35.35 ? 198 TYR A CD2 1 
ATOM   1391 C CE1 . TYR A 1 198 ? 7.029   1.656   -13.049 1.00 35.21 ? 198 TYR A CE1 1 
ATOM   1392 C CE2 . TYR A 1 198 ? 6.173   2.193   -10.889 1.00 36.55 ? 198 TYR A CE2 1 
ATOM   1393 C CZ  . TYR A 1 198 ? 5.969   1.964   -12.227 1.00 34.73 ? 198 TYR A CZ  1 
ATOM   1394 O OH  . TYR A 1 198 ? 4.697   2.026   -12.737 1.00 37.57 ? 198 TYR A OH  1 
ATOM   1395 N N   . ARG A 1 199 ? 11.414  -0.468  -12.189 1.00 29.73 ? 199 ARG A N   1 
ATOM   1396 C CA  . ARG A 1 199 ? 11.545  -1.313  -13.370 1.00 33.61 ? 199 ARG A CA  1 
ATOM   1397 C C   . ARG A 1 199 ? 11.645  -2.796  -13.000 1.00 33.99 ? 199 ARG A C   1 
ATOM   1398 O O   . ARG A 1 199 ? 11.109  -3.656  -13.705 1.00 32.09 ? 199 ARG A O   1 
ATOM   1399 C CB  . ARG A 1 199 ? 12.760  -0.896  -14.196 1.00 37.03 ? 199 ARG A CB  1 
ATOM   1400 C CG  . ARG A 1 199 ? 12.691  0.539   -14.662 1.00 45.82 ? 199 ARG A CG  1 
ATOM   1401 C CD  . ARG A 1 199 ? 13.610  0.789   -15.839 1.00 51.16 ? 199 ARG A CD  1 
ATOM   1402 N NE  . ARG A 1 199 ? 13.079  1.854   -16.685 1.00 60.73 ? 199 ARG A NE  1 
ATOM   1403 C CZ  . ARG A 1 199 ? 12.070  1.692   -17.538 1.00 62.15 ? 199 ARG A CZ  1 
ATOM   1404 N NH1 . ARG A 1 199 ? 11.490  0.499   -17.660 1.00 65.77 ? 199 ARG A NH1 1 
ATOM   1405 N NH2 . ARG A 1 199 ? 11.640  2.715   -18.277 1.00 65.03 ? 199 ARG A NH2 1 
ATOM   1406 N N   . LEU A 1 200 ? 12.334  -3.097  -11.900 1.00 31.56 ? 200 LEU A N   1 
ATOM   1407 C CA  . LEU A 1 200 ? 12.470  -4.477  -11.444 1.00 32.70 ? 200 LEU A CA  1 
ATOM   1408 C C   . LEU A 1 200 ? 11.102  -5.077  -11.116 1.00 32.18 ? 200 LEU A C   1 
ATOM   1409 O O   . LEU A 1 200 ? 10.756  -6.162  -11.586 1.00 33.44 ? 200 LEU A O   1 
ATOM   1410 C CB  . LEU A 1 200 ? 13.354  -4.537  -10.205 1.00 32.98 ? 200 LEU A CB  1 
ATOM   1411 C CG  . LEU A 1 200 ? 14.846  -4.438  -10.479 1.00 34.52 ? 200 LEU A CG  1 
ATOM   1412 C CD1 . LEU A 1 200 ? 15.607  -4.526  -9.172  1.00 34.49 ? 200 LEU A CD1 1 
ATOM   1413 C CD2 . LEU A 1 200 ? 15.256  -5.556  -11.430 1.00 35.13 ? 200 LEU A CD2 1 
ATOM   1414 N N   . ILE A 1 201 ? 10.336  -4.358  -10.302 1.00 30.74 ? 201 ILE A N   1 
ATOM   1415 C CA  . ILE A 1 201 ? 9.004   -4.785  -9.896  1.00 28.28 ? 201 ILE A CA  1 
ATOM   1416 C C   . ILE A 1 201 ? 8.139   -5.026  -11.125 1.00 26.99 ? 201 ILE A C   1 
ATOM   1417 O O   . ILE A 1 201 ? 7.447   -6.031  -11.227 1.00 25.38 ? 201 ILE A O   1 
ATOM   1418 C CB  . ILE A 1 201 ? 8.348   -3.709  -8.992  1.00 28.51 ? 201 ILE A CB  1 
ATOM   1419 C CG1 . ILE A 1 201 ? 9.017   -3.724  -7.625  1.00 27.66 ? 201 ILE A CG1 1 
ATOM   1420 C CG2 . ILE A 1 201 ? 6.861   -3.969  -8.831  1.00 27.24 ? 201 ILE A CG2 1 
ATOM   1421 C CD1 . ILE A 1 201 ? 8.975   -5.088  -6.957  1.00 26.36 ? 201 ILE A CD1 1 
ATOM   1422 N N   . GLU A 1 202 ? 8.197   -4.091  -12.059 1.00 28.42 ? 202 GLU A N   1 
ATOM   1423 C CA  . GLU A 1 202 ? 7.431   -4.177  -13.292 1.00 31.42 ? 202 GLU A CA  1 
ATOM   1424 C C   . GLU A 1 202 ? 7.754   -5.422  -14.127 1.00 29.86 ? 202 GLU A C   1 
ATOM   1425 O O   . GLU A 1 202 ? 6.848   -6.142  -14.567 1.00 32.23 ? 202 GLU A O   1 
ATOM   1426 C CB  . GLU A 1 202 ? 7.678   -2.922  -14.130 1.00 34.62 ? 202 GLU A CB  1 
ATOM   1427 C CG  . GLU A 1 202 ? 6.716   -1.780  -13.854 1.00 39.63 ? 202 GLU A CG  1 
ATOM   1428 C CD  . GLU A 1 202 ? 6.780   -0.702  -14.929 1.00 43.47 ? 202 GLU A CD  1 
ATOM   1429 O OE1 . GLU A 1 202 ? 7.906   -0.369  -15.391 1.00 41.82 ? 202 GLU A OE1 1 
ATOM   1430 O OE2 . GLU A 1 202 ? 5.697   -0.192  -15.306 1.00 44.69 ? 202 GLU A OE2 1 
ATOM   1431 N N   . ALA A 1 203 ? 9.038   -5.660  -14.360 1.00 27.52 ? 203 ALA A N   1 
ATOM   1432 C CA  . ALA A 1 203 ? 9.475   -6.807  -15.133 1.00 27.38 ? 203 ALA A CA  1 
ATOM   1433 C C   . ALA A 1 203 ? 8.914   -8.096  -14.544 1.00 29.65 ? 203 ALA A C   1 
ATOM   1434 O O   . ALA A 1 203 ? 8.654   -9.061  -15.268 1.00 30.56 ? 203 ALA A O   1 
ATOM   1435 C CB  . ALA A 1 203 ? 10.991  -6.873  -15.158 1.00 26.44 ? 203 ALA A CB  1 
ATOM   1436 N N   . SER A 1 204 ? 8.724   -8.108  -13.230 1.00 29.17 ? 204 SER A N   1 
ATOM   1437 C CA  . SER A 1 204 ? 8.211   -9.294  -12.552 1.00 29.26 ? 204 SER A CA  1 
ATOM   1438 C C   . SER A 1 204 ? 6.697   -9.334  -12.414 1.00 28.69 ? 204 SER A C   1 
ATOM   1439 O O   . SER A 1 204 ? 6.122   -10.410 -12.247 1.00 27.71 ? 204 SER A O   1 
ATOM   1440 C CB  . SER A 1 204 ? 8.833   -9.407  -11.163 1.00 30.41 ? 204 SER A CB  1 
ATOM   1441 O OG  . SER A 1 204 ? 8.241   -8.464  -10.286 1.00 32.59 ? 204 SER A OG  1 
ATOM   1442 N N   . LEU A 1 205 ? 6.050   -8.175  -12.477 1.00 26.17 ? 205 LEU A N   1 
ATOM   1443 C CA  . LEU A 1 205 ? 4.600   -8.138  -12.329 1.00 27.75 ? 205 LEU A CA  1 
ATOM   1444 C C   . LEU A 1 205 ? 3.865   -8.290  -13.646 1.00 26.33 ? 205 LEU A C   1 
ATOM   1445 O O   . LEU A 1 205 ? 2.703   -8.661  -13.662 1.00 27.46 ? 205 LEU A O   1 
ATOM   1446 C CB  . LEU A 1 205 ? 4.151   -6.854  -11.615 1.00 27.29 ? 205 LEU A CB  1 
ATOM   1447 C CG  . LEU A 1 205 ? 4.535   -6.692  -10.134 1.00 30.24 ? 205 LEU A CG  1 
ATOM   1448 C CD1 . LEU A 1 205 ? 3.679   -5.591  -9.513  1.00 28.15 ? 205 LEU A CD1 1 
ATOM   1449 C CD2 . LEU A 1 205 ? 4.360   -8.013  -9.368  1.00 25.70 ? 205 LEU A CD2 1 
ATOM   1450 N N   . TYR A 1 206 ? 4.529   -7.998  -14.753 1.00 25.65 ? 206 TYR A N   1 
ATOM   1451 C CA  . TYR A 1 206 ? 3.898   -8.160  -16.054 1.00 25.85 ? 206 TYR A CA  1 
ATOM   1452 C C   . TYR A 1 206 ? 4.344   -9.480  -16.677 1.00 23.95 ? 206 TYR A C   1 
ATOM   1453 O O   . TYR A 1 206 ? 5.480   -9.906  -16.472 1.00 24.08 ? 206 TYR A O   1 
ATOM   1454 C CB  . TYR A 1 206 ? 4.304   -7.033  -16.992 1.00 26.36 ? 206 TYR A CB  1 
ATOM   1455 C CG  . TYR A 1 206 ? 3.655   -5.723  -16.687 1.00 30.31 ? 206 TYR A CG  1 
ATOM   1456 C CD1 . TYR A 1 206 ? 2.279   -5.542  -16.884 1.00 31.17 ? 206 TYR A CD1 1 
ATOM   1457 C CD2 . TYR A 1 206 ? 4.421   -4.640  -16.255 1.00 30.60 ? 206 TYR A CD2 1 
ATOM   1458 C CE1 . TYR A 1 206 ? 1.687   -4.309  -16.664 1.00 33.49 ? 206 TYR A CE1 1 
ATOM   1459 C CE2 . TYR A 1 206 ? 3.845   -3.411  -16.031 1.00 33.95 ? 206 TYR A CE2 1 
ATOM   1460 C CZ  . TYR A 1 206 ? 2.482   -3.247  -16.245 1.00 34.08 ? 206 TYR A CZ  1 
ATOM   1461 O OH  . TYR A 1 206 ? 1.938   -1.992  -16.089 1.00 39.99 ? 206 TYR A OH  1 
ATOM   1462 N N   . GLY A 1 207 ? 3.468   -10.124 -17.438 1.00 22.68 ? 207 GLY A N   1 
ATOM   1463 C CA  . GLY A 1 207 ? 3.860   -11.366 -18.072 1.00 22.89 ? 207 GLY A CA  1 
ATOM   1464 C C   . GLY A 1 207 ? 2.955   -12.551 -17.819 1.00 23.84 ? 207 GLY A C   1 
ATOM   1465 O O   . GLY A 1 207 ? 3.057   -13.562 -18.519 1.00 24.54 ? 207 GLY A O   1 
ATOM   1466 N N   . GLY A 1 208 ? 2.079   -12.433 -16.823 1.00 24.14 ? 208 GLY A N   1 
ATOM   1467 C CA  . GLY A 1 208 ? 1.153   -13.508 -16.499 1.00 21.64 ? 208 GLY A CA  1 
ATOM   1468 C C   . GLY A 1 208 ? 1.746   -14.778 -15.909 1.00 24.13 ? 208 GLY A C   1 
ATOM   1469 O O   . GLY A 1 208 ? 1.087   -15.825 -15.923 1.00 25.77 ? 208 GLY A O   1 
ATOM   1470 N N   . ILE A 1 209 ? 2.981   -14.708 -15.407 1.00 23.24 ? 209 ILE A N   1 
ATOM   1471 C CA  . ILE A 1 209 ? 3.631   -15.866 -14.802 1.00 21.85 ? 209 ILE A CA  1 
ATOM   1472 C C   . ILE A 1 209 ? 3.566   -15.742 -13.290 1.00 23.95 ? 209 ILE A C   1 
ATOM   1473 O O   . ILE A 1 209 ? 4.259   -14.932 -12.683 1.00 24.18 ? 209 ILE A O   1 
ATOM   1474 C CB  . ILE A 1 209 ? 5.093   -15.976 -15.193 1.00 24.48 ? 209 ILE A CB  1 
ATOM   1475 C CG1 . ILE A 1 209 ? 5.226   -15.968 -16.714 1.00 24.16 ? 209 ILE A CG1 1 
ATOM   1476 C CG2 . ILE A 1 209 ? 5.675   -17.255 -14.615 1.00 22.17 ? 209 ILE A CG2 1 
ATOM   1477 C CD1 . ILE A 1 209 ? 6.650   -15.834 -17.188 1.00 27.35 ? 209 ILE A CD1 1 
ATOM   1478 N N   . SER A 1 210 ? 2.723   -16.569 -12.698 1.00 22.80 ? 210 SER A N   1 
ATOM   1479 C CA  . SER A 1 210 ? 2.487   -16.586 -11.270 1.00 23.88 ? 210 SER A CA  1 
ATOM   1480 C C   . SER A 1 210 ? 3.737   -16.693 -10.381 1.00 23.10 ? 210 SER A C   1 
ATOM   1481 O O   . SER A 1 210 ? 3.907   -15.924 -9.420  1.00 23.89 ? 210 SER A O   1 
ATOM   1482 C CB  . SER A 1 210 ? 1.520   -17.732 -10.969 1.00 21.19 ? 210 SER A CB  1 
ATOM   1483 O OG  . SER A 1 210 ? 1.209   -17.774 -9.595  1.00 30.31 ? 210 SER A OG  1 
ATOM   1484 N N   . SER A 1 211 ? 4.607   -17.647 -10.697 1.00 21.68 ? 211 SER A N   1 
ATOM   1485 C CA  . SER A 1 211 ? 5.800   -17.860 -9.908  1.00 20.15 ? 211 SER A CA  1 
ATOM   1486 C C   . SER A 1 211 ? 6.789   -16.707 -10.002 1.00 20.42 ? 211 SER A C   1 
ATOM   1487 O O   . SER A 1 211 ? 7.641   -16.552 -9.130  1.00 20.86 ? 211 SER A O   1 
ATOM   1488 C CB  . SER A 1 211 ? 6.466   -19.156 -10.325 1.00 18.86 ? 211 SER A CB  1 
ATOM   1489 O OG  . SER A 1 211 ? 6.889   -19.033 -11.656 1.00 23.85 ? 211 SER A OG  1 
ATOM   1490 N N   . ALA A 1 212 ? 6.703   -15.894 -11.049 1.00 17.60 ? 212 ALA A N   1 
ATOM   1491 C CA  . ALA A 1 212 ? 7.607   -14.754 -11.129 1.00 19.35 ? 212 ALA A CA  1 
ATOM   1492 C C   . ALA A 1 212 ? 7.124   -13.697 -10.116 1.00 19.47 ? 212 ALA A C   1 
ATOM   1493 O O   . ALA A 1 212 ? 7.912   -12.945 -9.545  1.00 19.95 ? 212 ALA A O   1 
ATOM   1494 C CB  . ALA A 1 212 ? 7.621   -14.176 -12.543 1.00 16.20 ? 212 ALA A CB  1 
ATOM   1495 N N   . ILE A 1 213 ? 5.817   -13.648 -9.887  1.00 21.56 ? 213 ILE A N   1 
ATOM   1496 C CA  . ILE A 1 213 ? 5.278   -12.675 -8.951  1.00 20.88 ? 213 ILE A CA  1 
ATOM   1497 C C   . ILE A 1 213 ? 5.643   -13.089 -7.547  1.00 21.93 ? 213 ILE A C   1 
ATOM   1498 O O   . ILE A 1 213 ? 6.156   -12.279 -6.767  1.00 26.31 ? 213 ILE A O   1 
ATOM   1499 C CB  . ILE A 1 213 ? 3.759   -12.548 -9.089  1.00 18.54 ? 213 ILE A CB  1 
ATOM   1500 C CG1 . ILE A 1 213 ? 3.437   -12.008 -10.476 1.00 16.00 ? 213 ILE A CG1 1 
ATOM   1501 C CG2 . ILE A 1 213 ? 3.220   -11.616 -8.036  1.00 14.51 ? 213 ILE A CG2 1 
ATOM   1502 C CD1 . ILE A 1 213 ? 1.974   -11.936 -10.776 1.00 22.06 ? 213 ILE A CD1 1 
ATOM   1503 N N   . THR A 1 214 ? 5.396   -14.352 -7.222  1.00 22.87 ? 214 THR A N   1 
ATOM   1504 C CA  . THR A 1 214 ? 5.739   -14.862 -5.900  1.00 22.64 ? 214 THR A CA  1 
ATOM   1505 C C   . THR A 1 214 ? 7.237   -14.689 -5.660  1.00 24.38 ? 214 THR A C   1 
ATOM   1506 O O   . THR A 1 214 ? 7.663   -14.352 -4.551  1.00 22.32 ? 214 THR A O   1 
ATOM   1507 C CB  . THR A 1 214 ? 5.396   -16.349 -5.789  1.00 22.32 ? 214 THR A CB  1 
ATOM   1508 O OG1 . THR A 1 214 ? 3.984   -16.511 -5.912  1.00 24.20 ? 214 THR A OG1 1 
ATOM   1509 C CG2 . THR A 1 214 ? 5.843   -16.909 -4.446  1.00 25.61 ? 214 THR A CG2 1 
ATOM   1510 N N   . ARG A 1 215 ? 8.030   -14.925 -6.706  1.00 23.62 ? 215 ARG A N   1 
ATOM   1511 C CA  . ARG A 1 215 ? 9.476   -14.799 -6.603  1.00 25.98 ? 215 ARG A CA  1 
ATOM   1512 C C   . ARG A 1 215 ? 9.903   -13.366 -6.335  1.00 25.60 ? 215 ARG A C   1 
ATOM   1513 O O   . ARG A 1 215 ? 10.769  -13.139 -5.499  1.00 25.24 ? 215 ARG A O   1 
ATOM   1514 C CB  . ARG A 1 215 ? 10.171  -15.326 -7.870  1.00 29.62 ? 215 ARG A CB  1 
ATOM   1515 C CG  . ARG A 1 215 ? 11.693  -15.082 -7.920  1.00 36.24 ? 215 ARG A CG  1 
ATOM   1516 C CD  . ARG A 1 215 ? 12.457  -15.940 -6.899  1.00 42.46 ? 215 ARG A CD  1 
ATOM   1517 N NE  . ARG A 1 215 ? 13.454  -15.173 -6.145  1.00 47.01 ? 215 ARG A NE  1 
ATOM   1518 C CZ  . ARG A 1 215 ? 13.665  -15.278 -4.826  1.00 49.10 ? 215 ARG A CZ  1 
ATOM   1519 N NH1 . ARG A 1 215 ? 12.955  -16.120 -4.075  1.00 50.47 ? 215 ARG A NH1 1 
ATOM   1520 N NH2 . ARG A 1 215 ? 14.606  -14.541 -4.251  1.00 49.95 ? 215 ARG A NH2 1 
ATOM   1521 N N   . SER A 1 216 ? 9.308   -12.394 -7.022  1.00 22.33 ? 216 SER A N   1 
ATOM   1522 C CA  . SER A 1 216 ? 9.701   -11.009 -6.784  1.00 25.57 ? 216 SER A CA  1 
ATOM   1523 C C   . SER A 1 216 ? 9.287   -10.513 -5.397  1.00 24.97 ? 216 SER A C   1 
ATOM   1524 O O   . SER A 1 216 ? 10.064  -9.835  -4.731  1.00 26.74 ? 216 SER A O   1 
ATOM   1525 C CB  . SER A 1 216 ? 9.129   -10.087 -7.852  1.00 24.37 ? 216 SER A CB  1 
ATOM   1526 O OG  . SER A 1 216 ? 7.734   -9.971  -7.693  1.00 32.47 ? 216 SER A OG  1 
ATOM   1527 N N   . LEU A 1 217 ? 8.079   -10.836 -4.952  1.00 25.38 ? 217 LEU A N   1 
ATOM   1528 C CA  . LEU A 1 217 ? 7.656   -10.400 -3.624  1.00 26.54 ? 217 LEU A CA  1 
ATOM   1529 C C   . LEU A 1 217 ? 8.615   -10.983 -2.591  1.00 27.74 ? 217 LEU A C   1 
ATOM   1530 O O   . LEU A 1 217 ? 9.016   -10.309 -1.652  1.00 29.14 ? 217 LEU A O   1 
ATOM   1531 C CB  . LEU A 1 217 ? 6.241   -10.880 -3.322  1.00 26.10 ? 217 LEU A CB  1 
ATOM   1532 C CG  . LEU A 1 217 ? 5.112   -10.287 -4.165  1.00 26.88 ? 217 LEU A CG  1 
ATOM   1533 C CD1 . LEU A 1 217 ? 3.811   -10.848 -3.676  1.00 25.92 ? 217 LEU A CD1 1 
ATOM   1534 C CD2 . LEU A 1 217 ? 5.098   -8.784  -4.051  1.00 26.48 ? 217 LEU A CD2 1 
ATOM   1535 N N   . ARG A 1 218 ? 8.980   -12.243 -2.793  1.00 31.24 ? 218 ARG A N   1 
ATOM   1536 C CA  . ARG A 1 218 ? 9.893   -12.956 -1.914  1.00 34.13 ? 218 ARG A CA  1 
ATOM   1537 C C   . ARG A 1 218 ? 11.292  -12.356 -1.860  1.00 33.23 ? 218 ARG A C   1 
ATOM   1538 O O   . ARG A 1 218 ? 11.862  -12.203 -0.780  1.00 33.67 ? 218 ARG A O   1 
ATOM   1539 C CB  . ARG A 1 218 ? 9.992   -14.419 -2.355  1.00 38.19 ? 218 ARG A CB  1 
ATOM   1540 C CG  . ARG A 1 218 ? 10.985  -15.271 -1.575  1.00 44.03 ? 218 ARG A CG  1 
ATOM   1541 C CD  . ARG A 1 218 ? 10.268  -16.444 -0.910  1.00 49.39 ? 218 ARG A CD  1 
ATOM   1542 N NE  . ARG A 1 218 ? 10.598  -17.737 -1.518  1.00 54.34 ? 218 ARG A NE  1 
ATOM   1543 C CZ  . ARG A 1 218 ? 9.707   -18.563 -2.077  1.00 55.87 ? 218 ARG A CZ  1 
ATOM   1544 N NH1 . ARG A 1 218 ? 8.412   -18.241 -2.118  1.00 56.11 ? 218 ARG A NH1 1 
ATOM   1545 N NH2 . ARG A 1 218 ? 10.109  -19.732 -2.577  1.00 55.22 ? 218 ARG A NH2 1 
ATOM   1546 N N   . ASP A 1 219 ? 11.863  -12.011 -3.007  1.00 30.84 ? 219 ASP A N   1 
ATOM   1547 C CA  . ASP A 1 219 ? 13.208  -11.467 -2.968  1.00 33.43 ? 219 ASP A CA  1 
ATOM   1548 C C   . ASP A 1 219 ? 13.339  -9.950  -2.857  1.00 30.93 ? 219 ASP A C   1 
ATOM   1549 O O   . ASP A 1 219 ? 14.403  -9.433  -2.528  1.00 30.72 ? 219 ASP A O   1 
ATOM   1550 C CB  . ASP A 1 219 ? 14.063  -12.028 -4.132  1.00 38.75 ? 219 ASP A CB  1 
ATOM   1551 C CG  . ASP A 1 219 ? 13.641  -11.526 -5.515  1.00 43.26 ? 219 ASP A CG  1 
ATOM   1552 O OD1 . ASP A 1 219 ? 12.884  -10.532 -5.592  1.00 48.26 ? 219 ASP A OD1 1 
ATOM   1553 O OD2 . ASP A 1 219 ? 14.086  -12.132 -6.537  1.00 44.28 ? 219 ASP A OD2 1 
ATOM   1554 N N   . TYR A 1 220 ? 12.259  -9.229  -3.084  1.00 28.08 ? 220 TYR A N   1 
ATOM   1555 C CA  . TYR A 1 220 ? 12.331  -7.791  -2.990  1.00 27.23 ? 220 TYR A CA  1 
ATOM   1556 C C   . TYR A 1 220 ? 11.753  -7.256  -1.690  1.00 27.53 ? 220 TYR A C   1 
ATOM   1557 O O   . TYR A 1 220 ? 12.099  -6.152  -1.251  1.00 27.40 ? 220 TYR A O   1 
ATOM   1558 C CB  . TYR A 1 220 ? 11.625  -7.177  -4.192  1.00 28.84 ? 220 TYR A CB  1 
ATOM   1559 C CG  . TYR A 1 220 ? 12.446  -7.292  -5.452  1.00 31.45 ? 220 TYR A CG  1 
ATOM   1560 C CD1 . TYR A 1 220 ? 13.827  -7.088  -5.418  1.00 31.94 ? 220 TYR A CD1 1 
ATOM   1561 C CD2 . TYR A 1 220 ? 11.855  -7.615  -6.677  1.00 32.56 ? 220 TYR A CD2 1 
ATOM   1562 C CE1 . TYR A 1 220 ? 14.600  -7.195  -6.561  1.00 32.88 ? 220 TYR A CE1 1 
ATOM   1563 C CE2 . TYR A 1 220 ? 12.630  -7.725  -7.835  1.00 34.80 ? 220 TYR A CE2 1 
ATOM   1564 C CZ  . TYR A 1 220 ? 14.001  -7.508  -7.755  1.00 32.51 ? 220 TYR A CZ  1 
ATOM   1565 O OH  . TYR A 1 220 ? 14.785  -7.564  -8.871  1.00 39.58 ? 220 TYR A OH  1 
ATOM   1566 N N   . LEU A 1 221 ? 10.879  -8.037  -1.064  1.00 24.27 ? 221 LEU A N   1 
ATOM   1567 C CA  . LEU A 1 221 ? 10.258  -7.610  0.185   1.00 23.69 ? 221 LEU A CA  1 
ATOM   1568 C C   . LEU A 1 221 ? 10.647  -8.523  1.327   1.00 23.56 ? 221 LEU A C   1 
ATOM   1569 O O   . LEU A 1 221 ? 11.338  -9.518  1.115   1.00 25.30 ? 221 LEU A O   1 
ATOM   1570 C CB  . LEU A 1 221 ? 8.730   -7.621  0.047   1.00 19.25 ? 221 LEU A CB  1 
ATOM   1571 C CG  . LEU A 1 221 ? 8.107   -6.842  -1.106  1.00 20.08 ? 221 LEU A CG  1 
ATOM   1572 C CD1 . LEU A 1 221 ? 6.624   -6.691  -0.866  1.00 17.41 ? 221 LEU A CD1 1 
ATOM   1573 C CD2 . LEU A 1 221 ? 8.768   -5.482  -1.222  1.00 19.16 ? 221 LEU A CD2 1 
ATOM   1574 N N   . LEU A 1 222 ? 10.213  -8.148  2.533   1.00 25.05 ? 222 LEU A N   1 
ATOM   1575 C CA  . LEU A 1 222 ? 10.408  -8.906  3.775   1.00 25.18 ? 222 LEU A CA  1 
ATOM   1576 C C   . LEU A 1 222 ? 11.578  -9.887  3.797   1.00 25.95 ? 222 LEU A C   1 
ATOM   1577 O O   . LEU A 1 222 ? 11.386  -11.097 3.922   1.00 25.02 ? 222 LEU A O   1 
ATOM   1578 C CB  . LEU A 1 222 ? 9.115   -9.645  4.080   1.00 21.30 ? 222 LEU A CB  1 
ATOM   1579 C CG  . LEU A 1 222 ? 7.926   -8.720  3.831   1.00 21.28 ? 222 LEU A CG  1 
ATOM   1580 C CD1 . LEU A 1 222 ? 6.735   -9.511  3.337   1.00 21.33 ? 222 LEU A CD1 1 
ATOM   1581 C CD2 . LEU A 1 222 ? 7.597   -7.981  5.115   1.00 18.65 ? 222 LEU A CD2 1 
ATOM   1582 N N   . PRO A 1 223 ? 12.806  -9.359  3.738   1.00 28.32 ? 223 PRO A N   1 
ATOM   1583 C CA  . PRO A 1 223 ? 14.072  -10.108 3.732   1.00 30.81 ? 223 PRO A CA  1 
ATOM   1584 C C   . PRO A 1 223 ? 14.525  -10.753 5.030   1.00 35.26 ? 223 PRO A C   1 
ATOM   1585 O O   . PRO A 1 223 ? 13.842  -10.717 6.052   1.00 34.78 ? 223 PRO A O   1 
ATOM   1586 C CB  . PRO A 1 223 ? 15.080  -9.072  3.282   1.00 29.81 ? 223 PRO A CB  1 
ATOM   1587 C CG  . PRO A 1 223 ? 14.512  -7.784  3.843   1.00 27.38 ? 223 PRO A CG  1 
ATOM   1588 C CD  . PRO A 1 223 ? 13.032  -7.901  3.707   1.00 25.74 ? 223 PRO A CD  1 
ATOM   1589 N N   . GLU A 1 224 ? 15.717  -11.338 4.958   1.00 43.13 ? 224 GLU A N   1 
ATOM   1590 C CA  . GLU A 1 224 ? 16.358  -11.973 6.101   1.00 49.02 ? 224 GLU A CA  1 
ATOM   1591 C C   . GLU A 1 224 ? 15.477  -12.990 6.823   1.00 50.01 ? 224 GLU A C   1 
ATOM   1592 O O   . GLU A 1 224 ? 15.167  -14.043 6.219   1.00 51.02 ? 224 GLU A O   1 
ATOM   1593 C CB  . GLU A 1 224 ? 16.807  -10.884 7.073   1.00 48.90 ? 224 GLU A CB  1 
ATOM   1594 C CG  . GLU A 1 224 ? 17.507  -11.388 8.296   1.00 56.29 ? 224 GLU A CG  1 
ATOM   1595 C CD  . GLU A 1 224 ? 17.802  -10.268 9.256   1.00 58.04 ? 224 GLU A CD  1 
ATOM   1596 O OE1 . GLU A 1 224 ? 16.901  -9.424  9.471   1.00 61.96 ? 224 GLU A OE1 1 
ATOM   1597 O OE2 . GLU A 1 224 ? 18.934  -10.224 9.790   1.00 63.46 ? 224 GLU A OE2 1 
ATOM   1598 N N   . ASN A 1 225 ? 15.116  -12.724 7.992   1.00 54.34 ? 225 ASN A N   1 
HETATM 1599 O O   . HOH B 2 .   ? 8.313   -14.385 10.140  1.00 43.52 ? 500 HOH A O   1 
HETATM 1600 O O   . HOH B 2 .   ? 6.116   -14.110 -2.251  1.00 23.67 ? 501 HOH A O   1 
HETATM 1601 O O   . HOH B 2 .   ? 4.912   -14.192 2.289   1.00 25.85 ? 502 HOH A O   1 
HETATM 1602 O O   . HOH B 2 .   ? 10.552  -12.620 1.637   1.00 25.97 ? 503 HOH A O   1 
HETATM 1603 O O   . HOH B 2 .   ? 7.601   -11.581 0.527   1.00 27.16 ? 504 HOH A O   1 
HETATM 1604 O O   . HOH B 2 .   ? 13.805  -10.033 0.742   1.00 24.39 ? 505 HOH A O   1 
HETATM 1605 O O   . HOH B 2 .   ? -1.317  -13.503 2.806   1.00 21.00 ? 506 HOH A O   1 
HETATM 1606 O O   . HOH B 2 .   ? -3.460  -4.586  3.447   1.00 17.83 ? 507 HOH A O   1 
HETATM 1607 O O   . HOH B 2 .   ? -7.477  -15.656 3.264   1.00 45.76 ? 508 HOH A O   1 
HETATM 1608 O O   . HOH B 2 .   ? -4.937  -15.585 4.402   1.00 27.70 ? 509 HOH A O   1 
HETATM 1609 O O   . HOH B 2 .   ? -15.118 2.732   -4.961  1.00 37.89 ? 510 HOH A O   1 
HETATM 1610 O O   . HOH B 2 .   ? -19.134 2.970   -1.411  1.00 42.25 ? 511 HOH A O   1 
HETATM 1611 O O   . HOH B 2 .   ? -17.574 -1.772  2.627   1.00 33.06 ? 512 HOH A O   1 
HETATM 1612 O O   . HOH B 2 .   ? 0.103   -18.151 -5.070  1.00 41.74 ? 513 HOH A O   1 
HETATM 1613 O O   . HOH B 2 .   ? -2.134  -19.196 -10.938 1.00 26.46 ? 514 HOH A O   1 
HETATM 1614 O O   . HOH B 2 .   ? 4.495   -12.253 -14.236 1.00 27.01 ? 515 HOH A O   1 
HETATM 1615 O O   . HOH B 2 .   ? 1.766   -10.912 -14.474 1.00 27.14 ? 516 HOH A O   1 
HETATM 1616 O O   . HOH B 2 .   ? -7.208  -11.600 -12.800 1.00 32.15 ? 517 HOH A O   1 
HETATM 1617 O O   . HOH B 2 .   ? -8.274  -13.782 -8.949  1.00 29.13 ? 518 HOH A O   1 
HETATM 1618 O O   . HOH B 2 .   ? -1.984  -0.652  -14.195 1.00 36.19 ? 519 HOH A O   1 
HETATM 1619 O O   . HOH B 2 .   ? 4.917   10.089  -1.600  1.00 41.33 ? 520 HOH A O   1 
HETATM 1620 O O   . HOH B 2 .   ? -3.411  11.501  -12.666 1.00 33.26 ? 521 HOH A O   1 
HETATM 1621 O O   . HOH B 2 .   ? -8.935  10.004  -16.008 1.00 41.01 ? 522 HOH A O   1 
HETATM 1622 O O   . HOH B 2 .   ? 11.571  -8.935  7.079   1.00 25.61 ? 523 HOH A O   1 
HETATM 1623 O O   . HOH B 2 .   ? 7.524   -2.721  14.519  1.00 35.17 ? 524 HOH A O   1 
HETATM 1624 O O   . HOH B 2 .   ? 1.585   -2.496  12.850  1.00 17.21 ? 525 HOH A O   1 
HETATM 1625 O O   . HOH B 2 .   ? 3.855   -5.931  15.988  1.00 20.11 ? 526 HOH A O   1 
HETATM 1626 O O   . HOH B 2 .   ? 1.222   -5.877  15.972  1.00 21.88 ? 527 HOH A O   1 
HETATM 1627 O O   . HOH B 2 .   ? 5.848   3.925   12.343  1.00 28.28 ? 528 HOH A O   1 
HETATM 1628 O O   . HOH B 2 .   ? 10.706  1.313   16.135  1.00 40.64 ? 529 HOH A O   1 
HETATM 1629 O O   . HOH B 2 .   ? -1.863  -8.357  17.926  1.00 25.02 ? 530 HOH A O   1 
HETATM 1630 O O   . HOH B 2 .   ? -9.566  -3.881  18.305  1.00 43.52 ? 531 HOH A O   1 
HETATM 1631 O O   . HOH B 2 .   ? -11.348 -3.409  14.178  1.00 35.39 ? 532 HOH A O   1 
HETATM 1632 O O   . HOH B 2 .   ? -11.081 -5.191  12.374  1.00 24.93 ? 533 HOH A O   1 
HETATM 1633 O O   . HOH B 2 .   ? -5.635  -8.064  10.621  1.00 31.08 ? 534 HOH A O   1 
HETATM 1634 O O   . HOH B 2 .   ? -14.094 0.375   11.499  1.00 40.29 ? 535 HOH A O   1 
HETATM 1635 O O   . HOH B 2 .   ? -6.275  13.128  4.379   1.00 26.65 ? 536 HOH A O   1 
HETATM 1636 O O   . HOH B 2 .   ? -0.245  5.399   20.213  1.00 29.45 ? 537 HOH A O   1 
HETATM 1637 O O   . HOH B 2 .   ? -8.301  4.412   18.908  1.00 18.85 ? 538 HOH A O   1 
HETATM 1638 O O   . HOH B 2 .   ? -7.834  3.609   21.339  1.00 40.57 ? 539 HOH A O   1 
HETATM 1639 O O   . HOH B 2 .   ? 0.180   -1.886  20.810  1.00 25.14 ? 540 HOH A O   1 
HETATM 1640 O O   . HOH B 2 .   ? -3.020  -1.752  21.385  1.00 44.01 ? 541 HOH A O   1 
HETATM 1641 O O   . HOH B 2 .   ? 12.851  6.587   8.084   1.00 36.92 ? 542 HOH A O   1 
HETATM 1642 O O   . HOH B 2 .   ? 15.262  -4.323  5.337   1.00 24.44 ? 543 HOH A O   1 
HETATM 1643 O O   . HOH B 2 .   ? 16.922  0.600   -6.703  1.00 25.22 ? 544 HOH A O   1 
HETATM 1644 O O   . HOH B 2 .   ? 7.895   -6.262  -18.984 1.00 16.77 ? 545 HOH A O   1 
HETATM 1645 O O   . HOH B 2 .   ? 10.455  -12.398 -10.748 1.00 26.07 ? 546 HOH A O   1 
HETATM 1646 O O   . HOH B 2 .   ? 6.168   -1.271  -17.953 1.00 40.70 ? 547 HOH A O   1 
HETATM 1647 O O   . HOH B 2 .   ? -8.556  -5.394  5.666   1.00 29.05 ? 548 HOH A O   1 
HETATM 1648 O O   . HOH B 2 .   ? -15.416 9.364   -8.424  1.00 39.39 ? 549 HOH A O   1 
HETATM 1649 O O   . HOH B 2 .   ? -3.736  2.273   -17.316 1.00 39.36 ? 550 HOH A O   1 
HETATM 1650 O O   . HOH B 2 .   ? -9.831  10.793  -4.889  1.00 35.75 ? 551 HOH A O   1 
HETATM 1651 O O   . HOH B 2 .   ? -10.583 14.069  -0.889  1.00 37.92 ? 552 HOH A O   1 
HETATM 1652 O O   . HOH B 2 .   ? -5.783  9.672   -15.385 1.00 41.61 ? 553 HOH A O   1 
HETATM 1653 O O   . HOH B 2 .   ? -4.176  15.120  5.199   1.00 49.83 ? 554 HOH A O   1 
HETATM 1654 O O   . HOH B 2 .   ? -20.047 8.014   3.356   1.00 41.81 ? 555 HOH A O   1 
HETATM 1655 O O   . HOH B 2 .   ? -10.742 10.012  14.235  1.00 41.09 ? 556 HOH A O   1 
HETATM 1656 O O   . HOH B 2 .   ? -12.907 6.341   13.926  1.00 37.23 ? 557 HOH A O   1 
HETATM 1657 O O   . HOH B 2 .   ? 13.169  6.650   -2.072  1.00 28.19 ? 558 HOH A O   1 
HETATM 1658 O O   . HOH B 2 .   ? 9.674   -21.021 -27.661 1.00 18.29 ? 559 HOH A O   1 
HETATM 1659 O O   . HOH B 2 .   ? 7.965   -8.640  -17.728 1.00 32.99 ? 560 HOH A O   1 
HETATM 1660 O O   . HOH B 2 .   ? 9.808   -10.364 -19.187 1.00 27.05 ? 561 HOH A O   1 
HETATM 1661 O O   . HOH B 2 .   ? 7.174   -12.079 -15.539 1.00 26.66 ? 562 HOH A O   1 
HETATM 1662 O O   . HOH B 2 .   ? 10.475  7.942   10.219  1.00 40.85 ? 563 HOH A O   1 
HETATM 1663 O O   . HOH B 2 .   ? 0.863   -21.169 -25.916 1.00 41.00 ? 564 HOH A O   1 
HETATM 1664 O O   . HOH B 2 .   ? 3.849   -21.305 -16.877 1.00 32.35 ? 565 HOH A O   1 
HETATM 1665 O O   . HOH B 2 .   ? -12.305 5.146   -15.406 1.00 37.53 ? 566 HOH A O   1 
HETATM 1666 O O   . HOH B 2 .   ? -8.924  -10.010 5.079   1.00 48.16 ? 567 HOH A O   1 
HETATM 1667 O O   . HOH B 2 .   ? -12.069 -8.240  0.248   1.00 36.95 ? 568 HOH A O   1 
HETATM 1668 O O   . HOH B 2 .   ? 17.298  -5.281  10.630  1.00 32.92 ? 569 HOH A O   1 
HETATM 1669 O O   . HOH B 2 .   ? -10.875 -0.369  14.348  1.00 46.93 ? 570 HOH A O   1 
HETATM 1670 O O   . HOH B 2 .   ? -15.356 -3.473  13.243  1.00 41.86 ? 571 HOH A O   1 
HETATM 1671 O O   . HOH B 2 .   ? -22.784 7.271   -1.131  1.00 40.13 ? 572 HOH A O   1 
HETATM 1672 O O   . HOH B 2 .   ? -11.946 15.226  9.775   1.00 39.94 ? 573 HOH A O   1 
HETATM 1673 O O   . HOH B 2 .   ? 20.643  4.502   -8.655  1.00 43.25 ? 574 HOH A O   1 
# 
